data_9L26
#
_entry.id   9L26
#
loop_
_entity.id
_entity.type
_entity.pdbx_description
1 polymer 'An Unkown peptide substrate'
2 polymer 'Outer mitochondrial transmembrane helix translocase'
3 non-polymer 'MAGNESIUM ION'
4 non-polymer "ADENOSINE-5'-TRIPHOSPHATE"
#
loop_
_entity_poly.entity_id
_entity_poly.type
_entity_poly.pdbx_seq_one_letter_code
_entity_poly.pdbx_strand_id
1 'polypeptide(L)'
;(UNK)(UNK)(UNK)(UNK)(UNK)(UNK)(UNK)(UNK)(UNK)(UNK)(UNK)(UNK)(UNK)(UNK)(UNK)(UNK)
(UNK)(UNK)
;
I
2 'polypeptide(L)'
;DVESGPLSGKSRESKAKQSLQWEKLVKRSPALAEVTLDAYERTILSSIVTPDEINITFQDIGGLDPLISDLHESVIYPLM
MPEVYSNSPLLQAPSGVLLYGPPGCGKTMLAKALAKESGANFISIRMSSIMDKWYGESNKIVDAMFSLANKLQPCIIFID
QIDSFLRERSSTDHEVTATLKAEFMTLWDGLLNNGRVMIIGATNRINDIDDAFLRRLPKRFLVSLPGSDQRYKILSVLLK
DTKLDEDEFDLQLIADNTKGFSGSDLKELCREAALDAAKEYIKQKRQLIDSGTIDVNDTSSLKIRPLKTKDFTKKLRMDA
TSTLSSQPLD
;
A,B,C,D,E,F,G,H
#
# COMPACT_ATOMS: atom_id res chain seq x y z
N UNK A 1 11.92 -0.50 15.25
CA UNK A 1 11.66 0.68 14.43
C UNK A 1 11.01 0.29 13.10
N UNK A 2 9.70 0.05 13.14
CA UNK A 2 8.95 -0.34 11.95
C UNK A 2 7.48 -0.01 12.12
N UNK A 3 6.73 -0.04 11.02
CA UNK A 3 5.31 0.30 11.06
C UNK A 3 4.54 -0.28 9.88
N UNK A 4 3.22 -0.35 10.02
CA UNK A 4 2.35 -0.83 8.94
C UNK A 4 1.47 0.30 8.43
N UNK A 5 0.55 0.00 7.51
CA UNK A 5 -0.29 1.04 6.92
C UNK A 5 -1.63 0.52 6.40
N UNK A 6 -2.58 1.43 6.19
CA UNK A 6 -3.89 1.09 5.64
C UNK A 6 -4.22 2.03 4.47
N UNK A 7 -5.49 2.06 4.05
CA UNK A 7 -5.89 2.91 2.93
C UNK A 7 -7.40 3.19 2.88
N UNK A 8 -7.80 4.08 1.98
CA UNK A 8 -9.22 4.40 1.76
C UNK A 8 -9.49 4.62 0.28
N UNK A 9 -10.71 5.03 -0.08
CA UNK A 9 -11.07 5.21 -1.49
C UNK A 9 -12.20 6.22 -1.71
N UNK A 10 -12.27 6.80 -2.92
CA UNK A 10 -13.34 7.72 -3.27
C UNK A 10 -14.27 7.11 -4.31
N UNK A 11 -15.01 7.95 -5.04
CA UNK A 11 -15.99 7.46 -6.02
C UNK A 11 -16.35 8.51 -7.08
N UNK A 12 -16.77 8.05 -8.24
CA UNK A 12 -17.25 8.95 -9.30
C UNK A 12 -18.64 8.51 -9.76
N UNK A 13 -19.24 9.26 -10.68
CA UNK A 13 -20.61 8.97 -11.10
C UNK A 13 -20.82 9.22 -12.59
N UNK A 14 -21.83 8.57 -13.17
CA UNK A 14 -22.21 8.80 -14.56
C UNK A 14 -23.70 9.09 -14.65
N UNK A 15 -24.09 9.99 -15.54
CA UNK A 15 -25.48 10.43 -15.62
C UNK A 15 -26.16 10.05 -16.93
N UNK A 16 -27.20 9.22 -16.83
CA UNK A 16 -28.01 8.87 -17.99
C UNK A 16 -29.41 9.43 -17.84
N UNK A 17 -29.94 10.02 -18.91
CA UNK A 17 -31.26 10.63 -18.85
C UNK A 17 -32.16 10.09 -19.97
N UNK A 18 -33.46 10.19 -19.77
CA UNK A 18 -34.43 9.73 -20.75
C UNK A 18 -34.49 10.69 -21.94
N GLY B 9 14.56 4.37 -4.42
CA GLY B 9 15.12 5.68 -4.15
C GLY B 9 14.07 6.77 -4.12
N LYS B 10 13.79 7.29 -2.92
CA LYS B 10 12.74 8.30 -2.78
C LYS B 10 13.19 9.65 -3.34
N SER B 11 14.44 10.04 -3.10
CA SER B 11 14.92 11.34 -3.51
C SER B 11 15.13 11.39 -5.03
N ARG B 12 14.90 12.57 -5.60
CA ARG B 12 15.14 12.76 -7.03
C ARG B 12 16.61 12.65 -7.37
N GLU B 13 17.48 13.18 -6.49
CA GLU B 13 18.91 13.06 -6.71
C GLU B 13 19.36 11.61 -6.60
N SER B 14 18.72 10.84 -5.72
CA SER B 14 18.98 9.41 -5.66
C SER B 14 18.58 8.72 -6.96
N LYS B 15 17.45 9.12 -7.55
CA LYS B 15 17.04 8.57 -8.84
C LYS B 15 18.03 8.93 -9.93
N ALA B 16 18.53 10.17 -9.91
CA ALA B 16 19.54 10.59 -10.90
C ALA B 16 20.82 9.78 -10.74
N LYS B 17 21.25 9.55 -9.49
CA LYS B 17 22.43 8.73 -9.25
C LYS B 17 22.21 7.30 -9.72
N GLN B 18 21.00 6.76 -9.52
CA GLN B 18 20.66 5.44 -10.03
C GLN B 18 20.77 5.40 -11.54
N SER B 19 20.26 6.43 -12.21
CA SER B 19 20.34 6.48 -13.67
C SER B 19 21.78 6.56 -14.15
N LEU B 20 22.62 7.34 -13.45
CA LEU B 20 24.03 7.43 -13.82
C LEU B 20 24.72 6.08 -13.67
N GLN B 21 24.47 5.39 -12.54
CA GLN B 21 25.08 4.09 -12.31
C GLN B 21 24.62 3.08 -13.34
N TRP B 22 23.33 3.09 -13.69
CA TRP B 22 22.83 2.15 -14.70
C TRP B 22 23.41 2.44 -16.07
N GLU B 23 23.55 3.72 -16.42
CA GLU B 23 24.14 4.07 -17.71
C GLU B 23 25.59 3.63 -17.78
N LYS B 24 26.35 3.85 -16.71
CA LYS B 24 27.73 3.39 -16.68
C LYS B 24 27.83 1.88 -16.73
N LEU B 25 26.91 1.18 -16.05
CA LEU B 25 26.93 -0.27 -16.05
C LEU B 25 26.61 -0.83 -17.42
N VAL B 26 25.67 -0.20 -18.14
CA VAL B 26 25.39 -0.59 -19.51
C VAL B 26 26.60 -0.31 -20.40
N LYS B 27 27.30 0.80 -20.14
CA LYS B 27 28.48 1.15 -20.90
C LYS B 27 29.60 0.12 -20.73
N ARG B 28 29.78 -0.38 -19.50
CA ARG B 28 30.82 -1.37 -19.25
C ARG B 28 30.55 -2.66 -20.01
N SER B 29 29.30 -3.10 -20.05
CA SER B 29 28.94 -4.32 -20.77
C SER B 29 27.54 -4.17 -21.36
N PRO B 30 27.38 -4.33 -22.68
CA PRO B 30 26.04 -4.21 -23.28
C PRO B 30 25.13 -5.38 -22.97
N ALA B 31 25.63 -6.45 -22.33
CA ALA B 31 24.79 -7.58 -21.97
C ALA B 31 23.77 -7.23 -20.89
N LEU B 32 23.94 -6.11 -20.21
CA LEU B 32 23.02 -5.68 -19.18
C LEU B 32 21.89 -4.81 -19.72
N ALA B 33 21.89 -4.51 -21.02
CA ALA B 33 20.85 -3.67 -21.60
C ALA B 33 19.49 -4.37 -21.56
N GLU B 34 19.47 -5.68 -21.72
CA GLU B 34 18.23 -6.44 -21.73
C GLU B 34 17.77 -6.87 -20.34
N VAL B 35 18.52 -6.53 -19.30
CA VAL B 35 18.20 -6.94 -17.94
C VAL B 35 17.28 -5.90 -17.31
N THR B 36 16.14 -6.34 -16.82
CA THR B 36 15.15 -5.47 -16.19
C THR B 36 15.23 -5.59 -14.68
N LEU B 37 15.22 -4.44 -13.99
CA LEU B 37 15.42 -4.38 -12.56
C LEU B 37 14.11 -4.12 -11.83
N ASP B 38 14.14 -4.35 -10.52
CA ASP B 38 13.03 -4.02 -9.64
C ASP B 38 13.30 -2.70 -8.94
N ALA B 39 12.29 -2.21 -8.21
CA ALA B 39 12.42 -0.91 -7.54
C ALA B 39 13.47 -0.95 -6.44
N TYR B 40 13.40 -1.94 -5.55
CA TYR B 40 14.44 -2.10 -4.55
C TYR B 40 15.77 -2.49 -5.18
N GLU B 41 15.71 -3.17 -6.34
CA GLU B 41 16.93 -3.47 -7.08
C GLU B 41 17.60 -2.18 -7.57
N ARG B 42 16.81 -1.21 -8.03
CA ARG B 42 17.36 0.10 -8.39
C ARG B 42 17.88 0.83 -7.16
N THR B 43 17.20 0.67 -6.03
CA THR B 43 17.68 1.28 -4.79
C THR B 43 19.04 0.73 -4.39
N ILE B 44 19.25 -0.57 -4.60
CA ILE B 44 20.58 -1.15 -4.37
C ILE B 44 21.57 -0.66 -5.41
N LEU B 45 21.10 -0.50 -6.65
CA LEU B 45 21.96 -0.01 -7.73
C LEU B 45 22.48 1.39 -7.41
N SER B 46 21.72 2.15 -6.65
CA SER B 46 22.15 3.50 -6.26
C SER B 46 23.55 3.49 -5.65
N SER B 47 23.87 2.45 -4.89
CA SER B 47 25.16 2.39 -4.20
C SER B 47 26.25 1.72 -5.03
N ILE B 48 25.92 1.29 -6.24
CA ILE B 48 26.89 0.60 -7.07
C ILE B 48 28.03 1.56 -7.42
N VAL B 49 29.26 1.09 -7.22
CA VAL B 49 30.46 1.87 -7.52
C VAL B 49 31.08 1.35 -8.81
N THR B 50 31.31 2.24 -9.73
CA THR B 50 31.89 2.00 -11.04
C THR B 50 33.42 2.11 -10.98
N PRO B 51 34.13 1.38 -11.84
CA PRO B 51 35.61 1.46 -11.79
C PRO B 51 36.17 2.85 -12.09
N ASP B 52 35.46 3.67 -12.85
CA ASP B 52 35.95 5.01 -13.13
C ASP B 52 35.87 5.91 -11.90
N GLU B 53 34.91 5.65 -11.01
CA GLU B 53 34.78 6.45 -9.80
C GLU B 53 35.91 6.17 -8.82
N ILE B 54 36.40 4.93 -8.78
CA ILE B 54 37.46 4.55 -7.85
C ILE B 54 38.79 5.03 -8.41
N ASN B 55 39.56 5.72 -7.56
CA ASN B 55 40.87 6.20 -7.95
C ASN B 55 41.99 5.21 -7.63
N ILE B 56 41.86 4.46 -6.56
CA ILE B 56 42.93 3.56 -6.11
C ILE B 56 42.90 2.27 -6.92
N THR B 57 44.02 1.94 -7.54
CA THR B 57 44.19 0.70 -8.28
C THR B 57 45.14 -0.23 -7.53
N PHE B 58 45.28 -1.45 -8.04
CA PHE B 58 46.17 -2.41 -7.39
C PHE B 58 47.64 -2.01 -7.51
N GLN B 59 47.98 -1.16 -8.48
CA GLN B 59 49.33 -0.62 -8.54
C GLN B 59 49.59 0.36 -7.41
N ASP B 60 48.56 1.09 -6.96
CA ASP B 60 48.73 2.06 -5.89
C ASP B 60 49.07 1.38 -4.57
N ILE B 61 48.40 0.28 -4.24
CA ILE B 61 48.63 -0.40 -2.98
C ILE B 61 49.89 -1.25 -3.10
N GLY B 62 50.80 -1.06 -2.14
CA GLY B 62 52.05 -1.81 -2.12
C GLY B 62 52.30 -2.44 -0.76
N GLY B 63 53.39 -3.19 -0.69
CA GLY B 63 53.79 -3.85 0.53
C GLY B 63 53.07 -5.15 0.83
N LEU B 64 51.93 -5.40 0.19
CA LEU B 64 51.17 -6.62 0.38
C LEU B 64 51.32 -7.55 -0.82
N ASP B 65 52.53 -7.59 -1.39
CA ASP B 65 52.80 -8.35 -2.62
C ASP B 65 52.36 -9.81 -2.53
N PRO B 66 52.66 -10.58 -1.47
CA PRO B 66 52.02 -11.90 -1.35
C PRO B 66 50.50 -11.82 -1.28
N LEU B 67 49.97 -10.84 -0.55
CA LEU B 67 48.52 -10.73 -0.42
C LEU B 67 47.88 -10.24 -1.71
N ILE B 68 48.50 -9.29 -2.40
CA ILE B 68 47.97 -8.83 -3.69
C ILE B 68 48.00 -9.96 -4.71
N SER B 69 49.11 -10.72 -4.76
CA SER B 69 49.20 -11.83 -5.71
C SER B 69 48.19 -12.93 -5.37
N ASP B 70 48.00 -13.21 -4.09
CA ASP B 70 47.00 -14.20 -3.67
C ASP B 70 45.60 -13.75 -4.05
N LEU B 71 45.30 -12.47 -3.81
CA LEU B 71 44.01 -11.91 -4.19
C LEU B 71 43.77 -12.04 -5.68
N HIS B 72 44.78 -11.69 -6.48
CA HIS B 72 44.67 -11.83 -7.93
C HIS B 72 44.40 -13.27 -8.32
N GLU B 73 45.35 -14.17 -8.02
CA GLU B 73 45.31 -15.53 -8.50
C GLU B 73 44.20 -16.37 -7.89
N SER B 74 43.54 -15.92 -6.81
CA SER B 74 42.45 -16.69 -6.23
C SER B 74 41.09 -16.00 -6.32
N VAL B 75 41.02 -14.77 -6.82
CA VAL B 75 39.73 -14.09 -6.91
C VAL B 75 39.49 -13.58 -8.33
N ILE B 76 40.47 -12.84 -8.88
CA ILE B 76 40.21 -12.05 -10.09
C ILE B 76 40.00 -12.96 -11.29
N TYR B 77 40.90 -13.90 -11.48
CA TYR B 77 40.85 -14.86 -12.58
C TYR B 77 39.84 -15.99 -12.37
N PRO B 78 39.65 -16.53 -11.15
CA PRO B 78 38.54 -17.48 -10.96
C PRO B 78 37.16 -16.89 -11.26
N LEU B 79 36.93 -15.61 -10.98
CA LEU B 79 35.60 -15.04 -11.14
C LEU B 79 35.37 -14.50 -12.54
N MET B 80 36.31 -13.71 -13.06
CA MET B 80 36.10 -13.03 -14.33
C MET B 80 36.37 -13.91 -15.54
N MET B 81 37.05 -15.03 -15.36
CA MET B 81 37.42 -15.93 -16.47
C MET B 81 36.92 -17.32 -16.15
N PRO B 82 35.62 -17.57 -16.28
CA PRO B 82 35.13 -18.94 -16.07
C PRO B 82 35.50 -19.88 -17.20
N GLU B 83 35.81 -19.33 -18.39
CA GLU B 83 36.26 -20.17 -19.49
C GLU B 83 37.60 -20.83 -19.19
N VAL B 84 38.52 -20.09 -18.56
CA VAL B 84 39.82 -20.64 -18.22
C VAL B 84 39.70 -21.63 -17.07
N TYR B 85 38.89 -21.31 -16.06
CA TYR B 85 38.82 -22.09 -14.83
C TYR B 85 37.73 -23.16 -14.88
N SER B 86 37.04 -23.34 -16.01
CA SER B 86 35.91 -24.26 -16.11
C SER B 86 36.33 -25.71 -16.32
N ASN B 87 37.58 -26.06 -16.04
CA ASN B 87 38.02 -27.45 -16.20
C ASN B 87 37.45 -28.35 -15.12
N SER B 88 37.18 -27.81 -13.93
CA SER B 88 36.65 -28.56 -12.80
C SER B 88 35.66 -27.67 -12.05
N PRO B 89 34.61 -28.22 -11.37
CA PRO B 89 33.76 -27.28 -10.62
C PRO B 89 34.39 -26.75 -9.34
N LEU B 90 35.50 -27.35 -8.89
CA LEU B 90 36.19 -26.88 -7.70
C LEU B 90 37.04 -25.65 -7.97
N LEU B 91 37.25 -25.29 -9.23
CA LEU B 91 38.11 -24.16 -9.56
C LEU B 91 37.37 -22.84 -9.58
N GLN B 92 36.09 -22.82 -9.19
CA GLN B 92 35.33 -21.59 -9.22
C GLN B 92 35.75 -20.65 -8.10
N ALA B 93 35.40 -19.38 -8.27
CA ALA B 93 35.65 -18.37 -7.25
C ALA B 93 34.82 -18.65 -6.00
N PRO B 94 35.35 -18.26 -4.79
CA PRO B 94 34.58 -18.66 -3.60
C PRO B 94 33.32 -17.84 -3.33
N SER B 95 32.50 -18.32 -2.41
CA SER B 95 31.24 -17.64 -2.10
C SER B 95 31.49 -16.29 -1.47
N GLY B 96 32.48 -16.18 -0.59
CA GLY B 96 32.81 -14.93 0.04
C GLY B 96 34.31 -14.77 0.14
N VAL B 97 34.72 -13.54 0.47
CA VAL B 97 36.11 -13.19 0.69
C VAL B 97 36.18 -12.24 1.88
N LEU B 98 37.08 -12.54 2.81
CA LEU B 98 37.23 -11.75 4.04
C LEU B 98 38.58 -11.04 4.04
N LEU B 99 38.57 -9.78 4.47
CA LEU B 99 39.78 -9.02 4.73
C LEU B 99 39.73 -8.57 6.18
N TYR B 100 40.69 -9.02 6.99
CA TYR B 100 40.70 -8.69 8.40
C TYR B 100 42.10 -8.26 8.82
N GLY B 101 42.15 -7.31 9.74
CA GLY B 101 43.40 -6.78 10.25
C GLY B 101 43.17 -5.63 11.21
N PRO B 102 44.24 -5.12 11.82
CA PRO B 102 44.09 -3.99 12.72
C PRO B 102 43.69 -2.74 11.96
N PRO B 103 43.02 -1.78 12.62
CA PRO B 103 42.60 -0.56 11.94
C PRO B 103 43.80 0.26 11.47
N GLY B 104 43.59 1.00 10.39
CA GLY B 104 44.65 1.78 9.77
C GLY B 104 45.53 1.01 8.80
N CYS B 105 45.12 -0.18 8.40
CA CYS B 105 45.88 -1.00 7.47
C CYS B 105 45.49 -0.78 6.01
N GLY B 106 44.58 0.16 5.75
CA GLY B 106 44.17 0.43 4.38
C GLY B 106 43.40 -0.70 3.73
N LYS B 107 42.52 -1.37 4.48
CA LYS B 107 41.69 -2.42 3.90
C LYS B 107 40.66 -1.85 2.93
N THR B 108 40.18 -0.63 3.18
CA THR B 108 39.27 0.03 2.25
C THR B 108 39.98 0.32 0.92
N MET B 109 41.25 0.70 0.97
CA MET B 109 42.01 0.88 -0.26
C MET B 109 42.18 -0.44 -1.00
N LEU B 110 42.36 -1.54 -0.26
CA LEU B 110 42.41 -2.86 -0.86
C LEU B 110 41.10 -3.19 -1.55
N ALA B 111 39.97 -2.85 -0.92
CA ALA B 111 38.66 -3.06 -1.54
C ALA B 111 38.50 -2.20 -2.78
N LYS B 112 39.00 -0.96 -2.75
CA LYS B 112 38.92 -0.09 -3.91
C LYS B 112 39.71 -0.65 -5.09
N ALA B 113 40.93 -1.12 -4.82
CA ALA B 113 41.75 -1.73 -5.87
C ALA B 113 41.10 -3.01 -6.39
N LEU B 114 40.54 -3.81 -5.49
CA LEU B 114 39.85 -5.04 -5.85
C LEU B 114 38.60 -4.75 -6.66
N ALA B 115 38.00 -3.58 -6.48
CA ALA B 115 36.91 -3.14 -7.34
C ALA B 115 37.42 -2.70 -8.71
N LYS B 116 38.51 -1.95 -8.73
CA LYS B 116 38.93 -1.28 -9.96
C LYS B 116 39.61 -2.24 -10.94
N GLU B 117 40.71 -2.85 -10.52
CA GLU B 117 41.46 -3.69 -11.46
C GLU B 117 40.64 -4.80 -12.06
N SER B 118 39.82 -5.43 -11.23
CA SER B 118 38.96 -6.48 -11.73
C SER B 118 37.98 -5.90 -12.74
N GLY B 119 37.39 -4.75 -12.42
CA GLY B 119 36.39 -4.20 -13.29
C GLY B 119 35.06 -4.88 -13.04
N ALA B 120 34.99 -5.70 -11.99
CA ALA B 120 33.76 -6.39 -11.65
C ALA B 120 32.74 -5.38 -11.17
N ASN B 121 31.48 -5.67 -11.40
CA ASN B 121 30.43 -4.78 -10.94
C ASN B 121 30.60 -4.74 -9.44
N PHE B 122 30.57 -3.57 -8.85
CA PHE B 122 30.82 -3.48 -7.42
C PHE B 122 29.67 -2.82 -6.70
N ILE B 123 29.17 -3.45 -5.66
CA ILE B 123 28.13 -2.81 -4.87
C ILE B 123 28.78 -2.53 -3.53
N SER B 124 28.89 -1.27 -3.14
CA SER B 124 29.45 -0.94 -1.85
C SER B 124 28.32 -0.57 -0.93
N ILE B 125 27.58 -1.57 -0.47
CA ILE B 125 26.41 -1.27 0.34
C ILE B 125 26.83 -0.99 1.78
N ARG B 126 25.98 -0.27 2.50
CA ARG B 126 26.22 0.11 3.88
C ARG B 126 25.04 -0.34 4.74
N MET B 127 25.26 -0.36 6.05
CA MET B 127 24.20 -0.76 6.97
C MET B 127 23.06 0.24 6.98
N SER B 128 23.34 1.51 6.69
CA SER B 128 22.30 2.53 6.74
C SER B 128 21.35 2.42 5.55
N SER B 129 21.89 2.19 4.36
CA SER B 129 21.03 2.11 3.17
C SER B 129 20.17 0.85 3.18
N ILE B 130 20.65 -0.21 3.83
CA ILE B 130 19.91 -1.46 3.86
C ILE B 130 18.67 -1.32 4.76
N MET B 131 18.83 -0.71 5.92
CA MET B 131 17.73 -0.58 6.86
C MET B 131 16.73 0.47 6.37
N ASP B 132 15.45 0.13 6.42
CA ASP B 132 14.37 1.02 5.99
C ASP B 132 13.38 1.16 7.13
N LYS B 133 12.75 2.35 7.20
CA LYS B 133 11.85 2.66 8.30
C LYS B 133 10.61 1.77 8.29
N TRP B 134 10.05 1.52 7.10
CA TRP B 134 8.86 0.70 7.00
C TRP B 134 9.16 -0.75 7.34
N TYR B 135 8.13 -1.46 7.80
CA TYR B 135 8.30 -2.84 8.22
C TYR B 135 8.50 -3.77 7.03
N GLY B 136 9.46 -4.67 7.16
CA GLY B 136 9.69 -5.69 6.15
C GLY B 136 10.42 -5.22 4.93
N GLU B 137 10.85 -3.97 4.87
CA GLU B 137 11.52 -3.44 3.69
C GLU B 137 13.03 -3.69 3.71
N SER B 138 13.62 -3.91 4.88
CA SER B 138 15.03 -4.28 4.93
C SER B 138 15.26 -5.64 4.31
N ASN B 139 14.37 -6.60 4.58
CA ASN B 139 14.47 -7.91 3.98
C ASN B 139 14.27 -7.85 2.47
N LYS B 140 13.32 -7.05 2.01
CA LYS B 140 13.11 -6.89 0.57
C LYS B 140 14.31 -6.20 -0.08
N ILE B 141 14.93 -5.25 0.62
CA ILE B 141 16.13 -4.59 0.11
C ILE B 141 17.27 -5.60 -0.03
N VAL B 142 17.45 -6.46 0.97
CA VAL B 142 18.50 -7.48 0.92
C VAL B 142 18.23 -8.47 -0.22
N ASP B 143 16.97 -8.88 -0.36
CA ASP B 143 16.59 -9.81 -1.43
C ASP B 143 16.85 -9.20 -2.80
N ALA B 144 16.49 -7.92 -2.99
CA ALA B 144 16.75 -7.27 -4.26
C ALA B 144 18.24 -7.04 -4.48
N MET B 145 19.02 -6.84 -3.42
CA MET B 145 20.45 -6.70 -3.57
C MET B 145 21.07 -8.00 -4.09
N PHE B 146 20.67 -9.13 -3.50
CA PHE B 146 21.20 -10.41 -3.96
C PHE B 146 20.69 -10.74 -5.35
N SER B 147 19.46 -10.32 -5.66
CA SER B 147 18.92 -10.54 -7.00
C SER B 147 19.68 -9.69 -8.01
N LEU B 148 20.07 -8.48 -7.63
CA LEU B 148 20.84 -7.62 -8.52
C LEU B 148 22.23 -8.18 -8.76
N ALA B 149 22.87 -8.67 -7.70
CA ALA B 149 24.18 -9.29 -7.85
C ALA B 149 24.09 -10.59 -8.65
N ASN B 150 22.94 -11.25 -8.64
CA ASN B 150 22.74 -12.39 -9.52
C ASN B 150 22.50 -11.96 -10.96
N LYS B 151 21.76 -10.86 -11.17
CA LYS B 151 21.50 -10.37 -12.51
C LYS B 151 22.77 -9.85 -13.16
N LEU B 152 23.50 -9.00 -12.45
CA LEU B 152 24.83 -8.55 -12.87
C LEU B 152 25.78 -9.71 -12.58
N GLN B 153 25.98 -10.57 -13.58
CA GLN B 153 26.60 -11.88 -13.32
C GLN B 153 28.00 -11.80 -12.73
N PRO B 154 28.96 -11.03 -13.29
CA PRO B 154 30.26 -10.95 -12.58
C PRO B 154 30.31 -9.78 -11.60
N CYS B 155 29.57 -9.89 -10.50
CA CYS B 155 29.47 -8.81 -9.53
C CYS B 155 30.06 -9.22 -8.19
N ILE B 156 30.62 -8.22 -7.51
CA ILE B 156 31.10 -8.38 -6.14
C ILE B 156 30.31 -7.44 -5.25
N ILE B 157 29.76 -7.98 -4.17
CA ILE B 157 29.09 -7.18 -3.15
C ILE B 157 30.11 -6.86 -2.08
N PHE B 158 30.30 -5.57 -1.80
CA PHE B 158 31.22 -5.12 -0.77
C PHE B 158 30.44 -4.50 0.37
N ILE B 159 30.78 -4.90 1.60
CA ILE B 159 30.25 -4.25 2.80
C ILE B 159 31.45 -3.80 3.63
N ASP B 160 31.56 -2.50 3.84
CA ASP B 160 32.54 -1.99 4.78
C ASP B 160 31.97 -2.08 6.19
N GLN B 161 32.88 -2.17 7.18
CA GLN B 161 32.51 -2.42 8.56
C GLN B 161 31.66 -3.69 8.66
N ILE B 162 32.17 -4.76 8.08
CA ILE B 162 31.48 -6.04 8.02
C ILE B 162 31.28 -6.63 9.42
N ASP B 163 32.13 -6.24 10.38
CA ASP B 163 31.97 -6.71 11.75
C ASP B 163 30.64 -6.30 12.35
N SER B 164 30.15 -5.11 11.99
CA SER B 164 28.84 -4.67 12.47
C SER B 164 27.71 -5.41 11.76
N PHE B 165 27.80 -5.53 10.43
CA PHE B 165 26.71 -6.15 9.68
C PHE B 165 26.69 -7.65 9.86
N LEU B 166 27.84 -8.30 9.80
CA LEU B 166 27.95 -9.75 10.01
C LEU B 166 28.18 -10.10 11.47
N ARG B 167 27.71 -9.24 12.39
CA ARG B 167 27.87 -9.47 13.82
C ARG B 167 27.14 -10.74 14.25
N GLU B 168 27.62 -11.36 15.32
CA GLU B 168 27.03 -12.61 15.78
C GLU B 168 25.60 -12.40 16.22
N ARG B 169 24.75 -13.38 15.93
CA ARG B 169 23.33 -13.30 16.25
C ARG B 169 23.11 -13.79 17.67
N SER B 170 22.55 -12.93 18.50
CA SER B 170 22.24 -13.26 19.89
C SER B 170 20.73 -13.17 20.10
N SER B 171 20.31 -13.28 21.36
CA SER B 171 18.90 -13.15 21.71
C SER B 171 18.50 -11.74 22.10
N THR B 172 19.48 -10.88 22.41
CA THR B 172 19.22 -9.53 22.87
C THR B 172 19.26 -8.50 21.75
N ASP B 173 19.52 -8.91 20.52
CA ASP B 173 19.59 -7.97 19.42
C ASP B 173 18.19 -7.61 18.93
N HIS B 174 18.13 -6.58 18.08
CA HIS B 174 16.86 -6.16 17.50
C HIS B 174 16.32 -7.24 16.57
N GLU B 175 15.00 -7.40 16.56
CA GLU B 175 14.38 -8.43 15.74
C GLU B 175 14.51 -8.13 14.25
N VAL B 176 14.46 -6.85 13.88
CA VAL B 176 14.62 -6.47 12.48
C VAL B 176 16.01 -6.84 11.98
N THR B 177 17.04 -6.55 12.78
CA THR B 177 18.41 -6.86 12.39
C THR B 177 18.65 -8.37 12.32
N ALA B 178 18.09 -9.13 13.27
CA ALA B 178 18.26 -10.58 13.25
C ALA B 178 17.54 -11.21 12.06
N THR B 179 16.34 -10.72 11.75
CA THR B 179 15.61 -11.19 10.58
C THR B 179 16.37 -10.85 9.31
N LEU B 180 16.94 -9.64 9.25
CA LEU B 180 17.75 -9.22 8.11
C LEU B 180 18.97 -10.11 7.93
N LYS B 181 19.65 -10.44 9.02
CA LYS B 181 20.84 -11.29 8.95
C LYS B 181 20.48 -12.71 8.52
N ALA B 182 19.36 -13.24 9.02
CA ALA B 182 18.94 -14.57 8.61
C ALA B 182 18.56 -14.61 7.13
N GLU B 183 17.88 -13.56 6.65
CA GLU B 183 17.57 -13.46 5.23
C GLU B 183 18.86 -13.37 4.40
N PHE B 184 19.85 -12.62 4.91
CA PHE B 184 21.13 -12.53 4.23
C PHE B 184 21.82 -13.88 4.13
N MET B 185 21.75 -14.69 5.20
CA MET B 185 22.35 -16.03 5.14
C MET B 185 21.56 -16.93 4.20
N THR B 186 20.24 -16.78 4.17
CA THR B 186 19.41 -17.60 3.28
C THR B 186 19.74 -17.32 1.81
N LEU B 187 19.87 -16.05 1.45
CA LEU B 187 20.19 -15.73 0.05
C LEU B 187 21.66 -15.97 -0.28
N TRP B 188 22.54 -15.81 0.71
CA TRP B 188 23.97 -15.95 0.48
C TRP B 188 24.35 -17.39 0.15
N ASP B 189 23.88 -18.33 0.96
CA ASP B 189 24.11 -19.75 0.74
C ASP B 189 22.85 -20.48 1.19
N GLY B 190 21.95 -20.72 0.25
CA GLY B 190 20.70 -21.38 0.56
C GLY B 190 20.31 -22.35 -0.53
N LEU B 191 19.01 -22.57 -0.68
CA LEU B 191 18.54 -23.45 -1.75
C LEU B 191 18.82 -22.87 -3.12
N LEU B 192 18.44 -21.60 -3.31
CA LEU B 192 18.60 -20.96 -4.60
C LEU B 192 20.07 -20.66 -4.78
N ASN B 193 20.72 -21.36 -5.70
CA ASN B 193 22.14 -21.17 -5.91
C ASN B 193 22.41 -19.80 -6.52
N ASN B 194 23.37 -19.09 -5.95
CA ASN B 194 23.74 -17.79 -6.47
C ASN B 194 24.53 -17.95 -7.77
N GLY B 195 24.69 -16.84 -8.49
CA GLY B 195 25.53 -16.84 -9.67
C GLY B 195 26.98 -16.65 -9.29
N ARG B 196 27.69 -15.81 -10.03
CA ARG B 196 29.08 -15.48 -9.70
C ARG B 196 29.09 -14.30 -8.74
N VAL B 197 28.64 -14.56 -7.53
CA VAL B 197 28.43 -13.54 -6.51
C VAL B 197 29.49 -13.74 -5.43
N MET B 198 30.21 -12.68 -5.10
CA MET B 198 31.24 -12.72 -4.07
C MET B 198 31.00 -11.58 -3.09
N ILE B 199 30.85 -11.93 -1.81
CA ILE B 199 30.64 -10.93 -0.76
C ILE B 199 31.97 -10.64 -0.10
N ILE B 200 32.29 -9.37 0.09
CA ILE B 200 33.62 -8.94 0.50
C ILE B 200 33.48 -7.91 1.61
N GLY B 201 34.30 -8.06 2.66
CA GLY B 201 34.22 -7.15 3.79
C GLY B 201 35.59 -6.87 4.39
N ALA B 202 35.65 -5.80 5.17
CA ALA B 202 36.85 -5.39 5.90
C ALA B 202 36.50 -5.20 7.36
N THR B 203 37.07 -6.02 8.24
CA THR B 203 36.76 -5.99 9.66
C THR B 203 38.02 -5.75 10.47
N ASN B 204 37.87 -5.04 11.59
CA ASN B 204 38.96 -4.90 12.54
C ASN B 204 39.14 -6.16 13.38
N ARG B 205 38.03 -6.79 13.76
CA ARG B 205 38.04 -7.98 14.60
C ARG B 205 37.32 -9.12 13.88
N ILE B 206 37.91 -10.32 13.92
CA ILE B 206 37.28 -11.47 13.31
C ILE B 206 36.32 -12.17 14.26
N ASN B 207 36.44 -11.92 15.57
CA ASN B 207 35.56 -12.56 16.54
C ASN B 207 34.15 -12.00 16.50
N ASP B 208 33.99 -10.76 16.00
CA ASP B 208 32.67 -10.17 15.91
C ASP B 208 31.81 -10.87 14.88
N ILE B 209 32.42 -11.44 13.84
CA ILE B 209 31.67 -12.11 12.79
C ILE B 209 31.08 -13.40 13.33
N ASP B 210 29.82 -13.67 12.97
CA ASP B 210 29.17 -14.91 13.38
C ASP B 210 29.85 -16.11 12.74
N ASP B 211 29.80 -17.25 13.42
CA ASP B 211 30.45 -18.45 12.92
C ASP B 211 29.79 -18.93 11.63
N ALA B 212 28.46 -18.85 11.55
CA ALA B 212 27.77 -19.11 10.29
C ALA B 212 28.17 -18.09 9.23
N PHE B 213 28.31 -16.83 9.63
CA PHE B 213 28.74 -15.81 8.71
C PHE B 213 30.22 -15.97 8.35
N LEU B 214 31.03 -16.44 9.32
CA LEU B 214 32.42 -16.77 9.04
C LEU B 214 32.53 -17.92 8.04
N ARG B 215 31.57 -18.85 8.07
CA ARG B 215 31.53 -19.92 7.09
C ARG B 215 31.33 -19.39 5.68
N ARG B 216 30.45 -18.39 5.53
CA ARG B 216 30.15 -17.83 4.21
C ARG B 216 31.29 -17.01 3.66
N LEU B 217 32.32 -16.74 4.45
CA LEU B 217 33.56 -16.12 4.01
C LEU B 217 34.67 -17.15 4.06
N PRO B 218 34.77 -18.04 3.07
CA PRO B 218 35.73 -19.15 3.17
C PRO B 218 37.18 -18.74 2.96
N LYS B 219 37.45 -17.63 2.29
CA LYS B 219 38.81 -17.14 2.12
C LYS B 219 39.00 -15.85 2.87
N ARG B 220 40.06 -15.78 3.67
CA ARG B 220 40.36 -14.63 4.51
C ARG B 220 41.74 -14.11 4.17
N PHE B 221 41.82 -12.84 3.81
CA PHE B 221 43.09 -12.16 3.53
C PHE B 221 43.51 -11.42 4.79
N LEU B 222 44.56 -11.91 5.44
CA LEU B 222 45.10 -11.24 6.62
C LEU B 222 45.85 -10.00 6.14
N VAL B 223 45.23 -8.83 6.28
CA VAL B 223 45.93 -7.60 5.96
C VAL B 223 46.75 -7.31 7.21
N SER B 224 47.82 -8.07 7.42
CA SER B 224 48.66 -7.93 8.61
C SER B 224 49.53 -6.69 8.61
N LEU B 225 50.00 -6.30 9.79
CA LEU B 225 50.96 -5.21 9.86
C LEU B 225 52.15 -5.55 9.00
N PRO B 226 52.62 -4.57 8.21
CA PRO B 226 53.71 -4.87 7.28
C PRO B 226 55.04 -5.20 7.95
N GLY B 227 55.80 -6.12 7.39
CA GLY B 227 57.11 -6.45 7.92
C GLY B 227 58.12 -5.39 7.55
N SER B 228 59.37 -5.58 7.98
CA SER B 228 60.40 -4.57 7.78
C SER B 228 60.60 -4.28 6.29
N ASP B 229 60.73 -5.33 5.48
CA ASP B 229 60.76 -5.15 4.03
C ASP B 229 59.44 -4.58 3.52
N GLN B 230 58.32 -5.07 4.06
CA GLN B 230 57.01 -4.55 3.65
C GLN B 230 56.79 -3.13 4.17
N ARG B 231 57.39 -2.75 5.28
CA ARG B 231 57.26 -1.38 5.76
C ARG B 231 58.02 -0.52 4.80
N TYR B 232 59.22 -0.97 4.42
CA TYR B 232 59.97 -0.21 3.42
C TYR B 232 59.17 -0.06 2.13
N LYS B 233 58.49 -1.12 1.70
CA LYS B 233 57.71 -1.05 0.47
C LYS B 233 56.55 -0.05 0.58
N ILE B 234 55.85 -0.06 1.72
CA ILE B 234 54.72 0.86 1.87
C ILE B 234 55.22 2.29 2.06
N LEU B 235 56.37 2.46 2.71
CA LEU B 235 56.99 3.78 2.79
C LEU B 235 57.37 4.28 1.40
N SER B 236 57.83 3.38 0.52
CA SER B 236 58.16 3.78 -0.83
C SER B 236 56.92 4.16 -1.64
N VAL B 237 55.85 3.35 -1.54
CA VAL B 237 54.67 3.61 -2.35
C VAL B 237 53.80 4.73 -1.79
N LEU B 238 53.97 5.10 -0.52
CA LEU B 238 53.27 6.26 0.01
C LEU B 238 54.17 7.48 0.11
N LEU B 239 55.38 7.40 -0.45
CA LEU B 239 56.20 8.57 -0.73
C LEU B 239 56.45 8.74 -2.22
N LYS B 240 55.65 8.08 -3.05
CA LYS B 240 55.80 8.19 -4.50
C LYS B 240 55.48 9.60 -4.96
N ASP B 241 56.16 10.02 -6.04
CA ASP B 241 56.09 11.35 -6.66
C ASP B 241 56.13 12.49 -5.64
N THR B 242 56.85 12.29 -4.54
CA THR B 242 57.05 13.31 -3.52
C THR B 242 58.44 13.89 -3.68
N LYS B 243 58.53 15.20 -3.81
CA LYS B 243 59.80 15.87 -4.05
C LYS B 243 60.67 15.76 -2.81
N LEU B 244 61.63 14.84 -2.84
CA LEU B 244 62.45 14.52 -1.69
C LEU B 244 63.92 14.63 -2.08
N ASP B 245 64.79 14.46 -1.09
CA ASP B 245 66.23 14.57 -1.34
C ASP B 245 66.75 13.36 -2.10
N GLU B 246 67.72 13.59 -2.97
CA GLU B 246 68.34 12.50 -3.71
C GLU B 246 69.49 11.89 -2.90
N ASP B 247 70.24 12.72 -2.19
CA ASP B 247 71.40 12.27 -1.42
C ASP B 247 71.09 12.03 0.05
N GLU B 248 70.50 12.99 0.74
CA GLU B 248 70.30 12.80 2.16
C GLU B 248 69.20 11.83 2.52
N PHE B 249 68.16 11.72 1.71
CA PHE B 249 66.99 10.94 2.12
C PHE B 249 67.29 9.44 2.17
N ASP B 250 66.87 8.80 3.26
CA ASP B 250 67.10 7.38 3.49
C ASP B 250 65.85 6.80 4.14
N LEU B 251 65.15 5.93 3.41
CA LEU B 251 63.91 5.34 3.92
C LEU B 251 64.17 4.24 4.94
N GLN B 252 65.32 3.59 4.86
CA GLN B 252 65.57 2.41 5.71
C GLN B 252 65.72 2.80 7.18
N LEU B 253 66.30 3.97 7.45
CA LEU B 253 66.40 4.45 8.83
C LEU B 253 65.02 4.67 9.43
N ILE B 254 64.11 5.25 8.65
CA ILE B 254 62.74 5.47 9.10
C ILE B 254 62.02 4.14 9.30
N ALA B 255 62.23 3.19 8.39
CA ALA B 255 61.60 1.88 8.51
C ALA B 255 62.09 1.14 9.75
N ASP B 256 63.39 1.23 10.05
CA ASP B 256 63.93 0.58 11.24
C ASP B 256 63.46 1.27 12.51
N ASN B 257 63.36 2.61 12.48
CA ASN B 257 62.89 3.35 13.66
C ASN B 257 61.39 3.18 13.89
N THR B 258 60.62 2.86 12.85
CA THR B 258 59.18 2.67 12.99
C THR B 258 58.90 1.19 13.18
N LYS B 259 58.93 0.75 14.43
CA LYS B 259 58.67 -0.63 14.80
C LYS B 259 57.22 -0.76 15.28
N GLY B 260 56.52 -1.76 14.77
CA GLY B 260 55.11 -1.96 15.12
C GLY B 260 54.24 -0.82 14.63
N PHE B 261 54.43 -0.42 13.38
CA PHE B 261 53.72 0.71 12.79
C PHE B 261 52.80 0.23 11.67
N SER B 262 51.66 0.91 11.53
CA SER B 262 50.68 0.57 10.51
C SER B 262 50.86 1.47 9.29
N GLY B 263 50.00 1.27 8.29
CA GLY B 263 50.03 2.13 7.12
C GLY B 263 49.60 3.56 7.42
N SER B 264 48.63 3.73 8.32
CA SER B 264 48.15 5.06 8.66
C SER B 264 49.22 5.88 9.38
N ASP B 265 50.03 5.19 10.18
CA ASP B 265 51.11 5.86 10.91
C ASP B 265 52.11 6.47 9.94
N LEU B 266 52.58 5.69 8.98
CA LEU B 266 53.51 6.19 7.99
C LEU B 266 52.86 7.23 7.09
N LYS B 267 51.57 7.07 6.79
CA LYS B 267 50.87 8.02 5.94
C LYS B 267 50.79 9.39 6.60
N GLU B 268 50.43 9.43 7.88
CA GLU B 268 50.36 10.71 8.57
C GLU B 268 51.75 11.31 8.77
N LEU B 269 52.77 10.47 8.97
CA LEU B 269 54.12 11.02 9.12
C LEU B 269 54.60 11.68 7.83
N CYS B 270 54.36 11.02 6.69
CA CYS B 270 54.72 11.62 5.41
C CYS B 270 53.90 12.88 5.14
N ARG B 271 52.62 12.89 5.54
CA ARG B 271 51.78 14.07 5.35
C ARG B 271 52.34 15.28 6.11
N GLU B 272 52.70 15.08 7.39
CA GLU B 272 53.28 16.17 8.16
C GLU B 272 54.63 16.62 7.58
N ALA B 273 55.45 15.65 7.13
CA ALA B 273 56.75 15.98 6.56
C ALA B 273 56.61 16.81 5.29
N ALA B 274 55.57 16.55 4.49
CA ALA B 274 55.35 17.37 3.30
C ALA B 274 54.79 18.74 3.67
N LEU B 275 53.88 18.79 4.65
CA LEU B 275 53.20 20.05 4.99
C LEU B 275 54.16 21.07 5.57
N ASP B 276 55.13 20.62 6.39
CA ASP B 276 55.98 21.58 7.07
C ASP B 276 56.88 22.36 6.11
N ALA B 277 57.13 21.80 4.92
CA ALA B 277 57.88 22.49 3.88
C ALA B 277 56.97 23.15 2.84
N ALA B 278 55.75 22.63 2.65
CA ALA B 278 54.77 23.38 1.88
C ALA B 278 54.49 24.73 2.51
N LYS B 279 54.59 24.82 3.83
CA LYS B 279 54.41 26.10 4.50
C LYS B 279 55.49 27.07 4.06
N GLU B 280 56.75 26.61 4.04
CA GLU B 280 57.85 27.47 3.63
C GLU B 280 57.72 27.87 2.16
N TYR B 281 57.23 26.97 1.32
CA TYR B 281 57.00 27.33 -0.08
C TYR B 281 55.93 28.42 -0.20
N ILE B 282 54.87 28.33 0.61
CA ILE B 282 53.87 29.39 0.63
C ILE B 282 54.48 30.71 1.10
N LYS B 283 55.35 30.64 2.12
CA LYS B 283 56.01 31.83 2.64
C LYS B 283 56.86 32.49 1.56
N GLN B 284 57.58 31.70 0.77
CA GLN B 284 58.35 32.27 -0.33
C GLN B 284 57.44 32.80 -1.44
N LYS B 285 56.29 32.15 -1.63
CA LYS B 285 55.36 32.59 -2.68
C LYS B 285 54.67 33.90 -2.32
N ARG B 286 54.57 34.22 -1.03
CA ARG B 286 53.86 35.43 -0.62
C ARG B 286 54.56 36.70 -1.09
N GLN B 287 55.89 36.71 -1.05
CA GLN B 287 56.66 37.88 -1.46
C GLN B 287 56.61 38.08 -2.97
N ARG B 305 61.13 21.72 -5.03
CA ARG B 305 61.54 21.97 -3.65
C ARG B 305 61.73 20.66 -2.90
N PRO B 306 62.97 20.17 -2.85
CA PRO B 306 63.24 18.89 -2.21
C PRO B 306 63.23 18.99 -0.69
N LEU B 307 62.81 17.90 -0.05
CA LEU B 307 62.84 17.76 1.39
C LEU B 307 64.17 17.12 1.80
N LYS B 308 64.26 16.66 3.04
CA LYS B 308 65.47 16.01 3.54
C LYS B 308 65.07 14.95 4.57
N THR B 309 66.08 14.28 5.13
CA THR B 309 65.82 13.36 6.23
C THR B 309 65.34 14.10 7.48
N LYS B 310 65.84 15.33 7.70
CA LYS B 310 65.65 16.02 8.97
C LYS B 310 64.19 16.12 9.38
N ASP B 311 63.30 16.25 8.40
CA ASP B 311 61.87 16.32 8.68
C ASP B 311 61.34 14.98 9.17
N PHE B 312 61.74 13.90 8.51
CA PHE B 312 61.29 12.56 8.84
C PHE B 312 61.88 12.09 10.17
N THR B 313 63.20 12.25 10.33
CA THR B 313 63.91 11.79 11.53
C THR B 313 63.69 12.71 12.72
N LYS B 314 63.23 13.95 12.50
CA LYS B 314 62.85 14.82 13.61
C LYS B 314 61.66 14.24 14.35
N LYS B 315 60.69 13.68 13.62
CA LYS B 315 59.57 13.01 14.26
C LYS B 315 60.01 11.74 14.96
N LEU B 316 61.00 11.04 14.41
CA LEU B 316 61.49 9.81 15.02
C LEU B 316 62.31 10.12 16.26
N ARG B 317 62.18 9.26 17.26
CA ARG B 317 62.92 9.40 18.51
C ARG B 317 63.22 8.03 19.10
N GLY C 9 4.77 -10.06 -6.56
CA GLY C 9 3.34 -9.85 -6.39
C GLY C 9 2.64 -9.49 -7.69
N LYS C 10 2.55 -8.19 -7.98
CA LYS C 10 1.92 -7.71 -9.19
C LYS C 10 2.91 -7.35 -10.28
N SER C 11 4.20 -7.59 -10.06
CA SER C 11 5.20 -7.25 -11.06
C SER C 11 5.12 -8.20 -12.25
N ARG C 12 5.49 -7.68 -13.43
CA ARG C 12 5.43 -8.47 -14.65
C ARG C 12 6.41 -9.63 -14.60
N GLU C 13 7.64 -9.39 -14.14
CA GLU C 13 8.63 -10.46 -14.04
C GLU C 13 8.22 -11.49 -13.00
N SER C 14 7.66 -11.03 -11.87
CA SER C 14 7.18 -11.96 -10.86
C SER C 14 6.02 -12.79 -11.38
N LYS C 15 5.12 -12.17 -12.16
CA LYS C 15 4.01 -12.93 -12.74
C LYS C 15 4.51 -13.96 -13.74
N ALA C 16 5.52 -13.61 -14.54
CA ALA C 16 6.11 -14.57 -15.47
C ALA C 16 6.76 -15.72 -14.72
N LYS C 17 7.46 -15.41 -13.62
CA LYS C 17 8.07 -16.47 -12.81
C LYS C 17 7.02 -17.38 -12.21
N GLN C 18 5.92 -16.81 -11.72
CA GLN C 18 4.84 -17.62 -11.17
C GLN C 18 4.22 -18.53 -12.22
N SER C 19 4.01 -17.99 -13.43
CA SER C 19 3.48 -18.82 -14.52
C SER C 19 4.44 -19.94 -14.88
N LEU C 20 5.75 -19.65 -14.88
CA LEU C 20 6.75 -20.67 -15.18
C LEU C 20 6.73 -21.78 -14.14
N GLN C 21 6.68 -21.41 -12.85
CA GLN C 21 6.67 -22.41 -11.80
C GLN C 21 5.37 -23.21 -11.82
N TRP C 22 4.24 -22.57 -12.11
CA TRP C 22 2.99 -23.29 -12.20
C TRP C 22 2.97 -24.26 -13.36
N GLU C 23 3.54 -23.86 -14.51
CA GLU C 23 3.65 -24.77 -15.64
C GLU C 23 4.54 -25.96 -15.30
N LYS C 24 5.65 -25.71 -14.58
CA LYS C 24 6.52 -26.80 -14.17
C LYS C 24 5.81 -27.75 -13.21
N LEU C 25 5.03 -27.20 -12.27
CA LEU C 25 4.30 -28.05 -11.33
C LEU C 25 3.22 -28.87 -12.02
N VAL C 26 2.54 -28.28 -13.00
CA VAL C 26 1.55 -29.01 -13.77
C VAL C 26 2.22 -30.13 -14.57
N LYS C 27 3.42 -29.86 -15.10
CA LYS C 27 4.17 -30.90 -15.78
C LYS C 27 4.55 -32.02 -14.82
N ARG C 28 4.95 -31.68 -13.60
CA ARG C 28 5.30 -32.70 -12.61
C ARG C 28 4.11 -33.55 -12.22
N SER C 29 2.95 -32.92 -12.02
CA SER C 29 1.73 -33.62 -11.62
C SER C 29 0.58 -33.16 -12.49
N PRO C 30 0.11 -33.98 -13.44
CA PRO C 30 -1.05 -33.59 -14.26
C PRO C 30 -2.29 -33.28 -13.46
N ALA C 31 -2.49 -33.92 -12.30
CA ALA C 31 -3.67 -33.67 -11.50
C ALA C 31 -3.69 -32.27 -10.91
N LEU C 32 -2.54 -31.60 -10.85
CA LEU C 32 -2.46 -30.25 -10.31
C LEU C 32 -3.04 -29.20 -11.24
N ALA C 33 -3.33 -29.55 -12.49
CA ALA C 33 -3.82 -28.56 -13.44
C ALA C 33 -5.22 -28.06 -13.08
N GLU C 34 -6.05 -28.95 -12.54
CA GLU C 34 -7.44 -28.61 -12.30
C GLU C 34 -7.68 -27.81 -11.03
N VAL C 35 -6.66 -27.63 -10.19
CA VAL C 35 -6.85 -26.89 -8.95
C VAL C 35 -6.74 -25.39 -9.23
N THR C 36 -7.37 -24.59 -8.36
CA THR C 36 -7.41 -23.15 -8.50
C THR C 36 -6.65 -22.50 -7.36
N LEU C 37 -6.06 -21.34 -7.63
CA LEU C 37 -5.23 -20.63 -6.67
C LEU C 37 -5.70 -19.20 -6.51
N ASP C 38 -5.67 -18.71 -5.27
CA ASP C 38 -6.02 -17.32 -5.00
C ASP C 38 -4.89 -16.39 -5.44
N ALA C 39 -5.14 -15.09 -5.32
CA ALA C 39 -4.13 -14.11 -5.68
C ALA C 39 -2.91 -14.20 -4.77
N TYR C 40 -3.15 -14.35 -3.46
CA TYR C 40 -2.04 -14.55 -2.54
C TYR C 40 -1.38 -15.91 -2.76
N GLU C 41 -2.16 -16.91 -3.16
CA GLU C 41 -1.59 -18.20 -3.52
C GLU C 41 -0.69 -18.09 -4.74
N ARG C 42 -1.12 -17.34 -5.74
CA ARG C 42 -0.26 -17.08 -6.89
C ARG C 42 0.99 -16.32 -6.47
N THR C 43 0.86 -15.42 -5.49
CA THR C 43 2.01 -14.67 -5.00
C THR C 43 3.04 -15.59 -4.35
N ILE C 44 2.58 -16.53 -3.51
CA ILE C 44 3.53 -17.42 -2.84
C ILE C 44 4.03 -18.50 -3.81
N LEU C 45 3.34 -18.69 -4.94
CA LEU C 45 3.79 -19.65 -5.94
C LEU C 45 5.18 -19.34 -6.49
N SER C 46 5.63 -18.08 -6.41
CA SER C 46 6.93 -17.71 -6.92
C SER C 46 8.08 -18.25 -6.07
N SER C 47 7.81 -18.73 -4.86
CA SER C 47 8.83 -19.23 -3.97
C SER C 47 9.04 -20.73 -4.07
N ILE C 48 8.40 -21.38 -5.03
CA ILE C 48 8.49 -22.83 -5.15
C ILE C 48 9.73 -23.20 -5.95
N VAL C 49 10.51 -24.13 -5.42
CA VAL C 49 11.73 -24.60 -6.08
C VAL C 49 11.40 -25.93 -6.77
N THR C 50 11.62 -25.97 -8.07
CA THR C 50 11.45 -27.19 -8.84
C THR C 50 12.71 -28.03 -8.76
N PRO C 51 12.59 -29.36 -8.96
CA PRO C 51 13.79 -30.21 -8.84
C PRO C 51 14.89 -29.89 -9.83
N ASP C 52 14.56 -29.34 -10.99
CA ASP C 52 15.60 -29.04 -11.98
C ASP C 52 16.47 -27.87 -11.55
N GLU C 53 15.97 -26.99 -10.69
CA GLU C 53 16.74 -25.83 -10.28
C GLU C 53 17.86 -26.21 -9.33
N ILE C 54 17.74 -27.34 -8.64
CA ILE C 54 18.74 -27.78 -7.67
C ILE C 54 19.75 -28.68 -8.37
N ASN C 55 21.03 -28.33 -8.26
CA ASN C 55 22.09 -29.09 -8.87
C ASN C 55 22.73 -30.11 -7.92
N ILE C 56 22.21 -30.24 -6.70
CA ILE C 56 22.75 -31.15 -5.71
C ILE C 56 21.73 -32.25 -5.47
N THR C 57 22.15 -33.49 -5.67
CA THR C 57 21.30 -34.64 -5.42
C THR C 57 21.69 -35.29 -4.10
N PHE C 58 21.00 -36.39 -3.76
CA PHE C 58 21.28 -37.08 -2.51
C PHE C 58 22.66 -37.73 -2.52
N GLN C 59 23.08 -38.23 -3.68
CA GLN C 59 24.37 -38.90 -3.77
C GLN C 59 25.55 -37.94 -3.69
N ASP C 60 25.32 -36.65 -3.92
CA ASP C 60 26.35 -35.64 -3.72
C ASP C 60 26.65 -35.40 -2.25
N ILE C 61 25.86 -35.98 -1.35
CA ILE C 61 26.02 -35.80 0.08
C ILE C 61 26.88 -36.93 0.62
N GLY C 62 27.96 -36.57 1.31
CA GLY C 62 28.86 -37.55 1.89
C GLY C 62 29.02 -37.33 3.37
N GLY C 63 29.32 -38.42 4.07
CA GLY C 63 29.53 -38.37 5.50
C GLY C 63 28.27 -38.36 6.34
N LEU C 64 27.10 -38.41 5.72
CA LEU C 64 25.82 -38.38 6.42
C LEU C 64 24.94 -39.56 6.00
N ASP C 65 25.56 -40.67 5.63
CA ASP C 65 24.82 -41.84 5.18
C ASP C 65 23.84 -42.39 6.21
N PRO C 66 24.23 -42.47 7.52
CA PRO C 66 23.16 -42.91 8.43
C PRO C 66 22.04 -41.88 8.45
N LEU C 67 22.39 -40.59 8.42
CA LEU C 67 21.41 -39.53 8.40
C LEU C 67 20.56 -39.58 7.14
N ILE C 68 21.19 -39.85 5.99
CA ILE C 68 20.43 -39.92 4.72
C ILE C 68 19.44 -41.06 4.76
N SER C 69 19.87 -42.23 5.24
CA SER C 69 18.97 -43.39 5.30
C SER C 69 17.84 -43.15 6.29
N ASP C 70 18.15 -42.64 7.50
CA ASP C 70 17.11 -42.40 8.49
C ASP C 70 16.13 -41.33 8.01
N LEU C 71 16.65 -40.25 7.41
CA LEU C 71 15.78 -39.21 6.88
C LEU C 71 14.89 -39.74 5.78
N HIS C 72 15.44 -40.58 4.90
CA HIS C 72 14.60 -41.21 3.87
C HIS C 72 13.47 -41.99 4.50
N GLU C 73 13.83 -43.03 5.28
CA GLU C 73 12.84 -43.97 5.80
C GLU C 73 11.90 -43.36 6.84
N SER C 74 12.22 -42.19 7.40
CA SER C 74 11.37 -41.59 8.42
C SER C 74 10.69 -40.30 7.97
N VAL C 75 11.09 -39.72 6.85
CA VAL C 75 10.57 -38.42 6.41
C VAL C 75 10.02 -38.53 5.00
N ILE C 76 10.82 -39.07 4.08
CA ILE C 76 10.44 -39.02 2.68
C ILE C 76 9.47 -40.14 2.34
N TYR C 77 9.84 -41.37 2.68
CA TYR C 77 8.98 -42.51 2.37
C TYR C 77 7.64 -42.47 3.09
N PRO C 78 7.52 -42.10 4.38
CA PRO C 78 6.17 -41.91 4.94
C PRO C 78 5.37 -40.82 4.25
N LEU C 79 6.04 -39.78 3.76
CA LEU C 79 5.31 -38.70 3.10
C LEU C 79 4.95 -39.05 1.67
N MET C 80 5.92 -39.53 0.89
CA MET C 80 5.73 -39.72 -0.53
C MET C 80 5.15 -41.08 -0.89
N MET C 81 5.06 -42.01 0.06
CA MET C 81 4.43 -43.32 -0.18
C MET C 81 3.38 -43.56 0.90
N PRO C 82 2.26 -42.84 0.84
CA PRO C 82 1.23 -43.01 1.88
C PRO C 82 0.48 -44.33 1.77
N GLU C 83 0.38 -44.89 0.56
CA GLU C 83 -0.31 -46.17 0.40
C GLU C 83 0.45 -47.30 1.07
N VAL C 84 1.78 -47.22 1.05
CA VAL C 84 2.59 -48.25 1.71
C VAL C 84 2.46 -48.13 3.23
N TYR C 85 2.52 -46.91 3.75
CA TYR C 85 2.51 -46.67 5.18
C TYR C 85 1.10 -46.55 5.76
N SER C 86 0.06 -46.73 4.96
CA SER C 86 -1.31 -46.58 5.43
C SER C 86 -1.80 -47.75 6.26
N ASN C 87 -0.94 -48.75 6.53
CA ASN C 87 -1.39 -49.91 7.29
C ASN C 87 -1.61 -49.58 8.76
N SER C 88 -0.97 -48.55 9.27
CA SER C 88 -1.13 -48.13 10.65
C SER C 88 -1.31 -46.62 10.72
N PRO C 89 -2.09 -46.13 11.69
CA PRO C 89 -2.25 -44.68 11.84
C PRO C 89 -1.09 -43.99 12.54
N LEU C 90 0.00 -44.69 12.81
CA LEU C 90 1.20 -44.11 13.39
C LEU C 90 2.38 -44.14 12.42
N LEU C 91 2.10 -44.25 11.13
CA LEU C 91 3.16 -44.30 10.12
C LEU C 91 3.09 -43.14 9.15
N GLN C 92 2.42 -42.04 9.53
CA GLN C 92 2.35 -40.87 8.67
C GLN C 92 3.65 -40.07 8.78
N ALA C 93 3.79 -39.11 7.88
CA ALA C 93 4.95 -38.24 7.90
C ALA C 93 4.90 -37.31 9.11
N PRO C 94 6.05 -36.95 9.67
CA PRO C 94 6.06 -35.99 10.77
C PRO C 94 5.58 -34.62 10.32
N SER C 95 4.94 -33.89 11.24
CA SER C 95 4.42 -32.57 10.92
C SER C 95 5.52 -31.55 10.69
N GLY C 96 6.73 -31.83 11.17
CA GLY C 96 7.84 -30.92 10.97
C GLY C 96 9.15 -31.66 11.12
N VAL C 97 10.19 -31.13 10.47
CA VAL C 97 11.52 -31.68 10.55
C VAL C 97 12.50 -30.53 10.71
N LEU C 98 13.40 -30.64 11.68
CA LEU C 98 14.41 -29.63 11.94
C LEU C 98 15.78 -30.20 11.63
N LEU C 99 16.55 -29.46 10.83
CA LEU C 99 17.94 -29.79 10.54
C LEU C 99 18.79 -28.74 11.25
N TYR C 100 19.29 -29.09 12.43
CA TYR C 100 20.07 -28.17 13.25
C TYR C 100 21.45 -28.73 13.49
N GLY C 101 22.44 -27.84 13.55
CA GLY C 101 23.81 -28.24 13.81
C GLY C 101 24.79 -27.09 13.64
N PRO C 102 26.07 -27.37 13.89
CA PRO C 102 27.08 -26.33 13.68
C PRO C 102 27.18 -26.00 12.20
N PRO C 103 27.63 -24.79 11.87
CA PRO C 103 27.65 -24.37 10.46
C PRO C 103 28.59 -25.21 9.62
N GLY C 104 28.15 -25.50 8.39
CA GLY C 104 28.96 -26.19 7.40
C GLY C 104 28.63 -27.65 7.21
N CYS C 105 27.92 -28.28 8.13
CA CYS C 105 27.77 -29.71 8.09
C CYS C 105 26.76 -30.18 7.05
N GLY C 106 26.01 -29.27 6.44
CA GLY C 106 25.24 -29.62 5.25
C GLY C 106 23.74 -29.70 5.39
N LYS C 107 23.16 -28.88 6.28
CA LYS C 107 21.71 -28.83 6.38
C LYS C 107 21.09 -28.27 5.12
N THR C 108 21.72 -27.23 4.54
CA THR C 108 21.22 -26.66 3.30
C THR C 108 21.32 -27.65 2.14
N MET C 109 22.39 -28.44 2.09
CA MET C 109 22.45 -29.47 1.07
C MET C 109 21.47 -30.61 1.36
N LEU C 110 21.17 -30.87 2.62
CA LEU C 110 20.09 -31.81 2.91
C LEU C 110 18.78 -31.32 2.32
N ALA C 111 18.50 -30.02 2.49
CA ALA C 111 17.28 -29.44 1.92
C ALA C 111 17.34 -29.42 0.40
N LYS C 112 18.52 -29.21 -0.18
CA LYS C 112 18.68 -29.25 -1.63
C LYS C 112 18.37 -30.63 -2.18
N ALA C 113 18.90 -31.67 -1.54
CA ALA C 113 18.62 -33.04 -1.97
C ALA C 113 17.15 -33.38 -1.76
N LEU C 114 16.54 -32.87 -0.70
CA LEU C 114 15.12 -33.07 -0.50
C LEU C 114 14.31 -32.37 -1.59
N ALA C 115 14.76 -31.20 -2.04
CA ALA C 115 14.07 -30.49 -3.11
C ALA C 115 14.20 -31.24 -4.43
N LYS C 116 15.35 -31.87 -4.66
CA LYS C 116 15.60 -32.49 -5.96
C LYS C 116 15.00 -33.89 -6.06
N GLU C 117 15.13 -34.71 -5.01
CA GLU C 117 14.90 -36.14 -5.14
C GLU C 117 13.69 -36.68 -4.39
N SER C 118 13.10 -35.92 -3.49
CA SER C 118 11.99 -36.45 -2.70
C SER C 118 10.71 -36.57 -3.52
N GLY C 119 10.57 -35.76 -4.56
CA GLY C 119 9.37 -35.76 -5.36
C GLY C 119 8.27 -34.90 -4.81
N ALA C 120 8.47 -34.27 -3.65
CA ALA C 120 7.47 -33.38 -3.08
C ALA C 120 7.57 -32.00 -3.72
N ASN C 121 6.42 -31.34 -3.84
CA ASN C 121 6.42 -29.95 -4.29
C ASN C 121 7.05 -29.08 -3.20
N PHE C 122 8.15 -28.44 -3.54
CA PHE C 122 8.99 -27.77 -2.56
C PHE C 122 8.65 -26.29 -2.49
N ILE C 123 8.65 -25.72 -1.30
CA ILE C 123 8.43 -24.29 -1.11
C ILE C 123 9.60 -23.76 -0.32
N SER C 124 10.57 -23.17 -1.00
CA SER C 124 11.69 -22.50 -0.35
C SER C 124 11.27 -21.06 -0.09
N ILE C 125 10.92 -20.76 1.15
CA ILE C 125 10.39 -19.46 1.52
C ILE C 125 11.43 -18.72 2.34
N ARG C 126 11.70 -17.48 1.96
CA ARG C 126 12.51 -16.56 2.74
C ARG C 126 11.59 -15.58 3.47
N MET C 127 12.15 -14.87 4.43
CA MET C 127 11.33 -13.98 5.24
C MET C 127 10.88 -12.75 4.45
N SER C 128 11.64 -12.37 3.42
CA SER C 128 11.33 -11.14 2.68
C SER C 128 10.01 -11.24 1.95
N SER C 129 9.72 -12.41 1.35
CA SER C 129 8.44 -12.57 0.68
C SER C 129 7.31 -12.72 1.68
N ILE C 130 7.60 -13.18 2.90
CA ILE C 130 6.57 -13.33 3.91
C ILE C 130 6.13 -11.97 4.44
N MET C 131 7.10 -11.13 4.81
CA MET C 131 6.77 -9.85 5.43
C MET C 131 6.29 -8.85 4.39
N ASP C 132 5.22 -8.14 4.72
CA ASP C 132 4.67 -7.10 3.88
C ASP C 132 4.41 -5.87 4.72
N LYS C 133 4.65 -4.69 4.14
CA LYS C 133 4.52 -3.45 4.89
C LYS C 133 3.06 -3.13 5.20
N TRP C 134 2.13 -3.55 4.35
CA TRP C 134 0.73 -3.24 4.56
C TRP C 134 0.18 -4.06 5.72
N TYR C 135 -0.95 -3.59 6.27
CA TYR C 135 -1.53 -4.20 7.46
C TYR C 135 -2.31 -5.45 7.10
N GLY C 136 -1.98 -6.55 7.77
CA GLY C 136 -2.69 -7.80 7.59
C GLY C 136 -2.30 -8.61 6.38
N GLU C 137 -1.33 -8.15 5.59
CA GLU C 137 -0.93 -8.87 4.40
C GLU C 137 -0.03 -10.05 4.71
N SER C 138 0.81 -9.94 5.73
CA SER C 138 1.72 -11.04 6.06
C SER C 138 0.97 -12.27 6.55
N ASN C 139 -0.06 -12.05 7.38
CA ASN C 139 -0.88 -13.16 7.84
C ASN C 139 -1.61 -13.83 6.69
N LYS C 140 -2.13 -13.03 5.75
CA LYS C 140 -2.79 -13.60 4.58
C LYS C 140 -1.80 -14.35 3.69
N ILE C 141 -0.56 -13.88 3.62
CA ILE C 141 0.46 -14.55 2.82
C ILE C 141 0.82 -15.90 3.44
N VAL C 142 0.95 -15.95 4.77
CA VAL C 142 1.19 -17.24 5.44
C VAL C 142 0.00 -18.18 5.26
N ASP C 143 -1.22 -17.65 5.38
CA ASP C 143 -2.41 -18.46 5.16
C ASP C 143 -2.44 -19.02 3.74
N ALA C 144 -2.05 -18.19 2.77
CA ALA C 144 -2.00 -18.63 1.39
C ALA C 144 -0.91 -19.68 1.18
N MET C 145 0.22 -19.52 1.85
CA MET C 145 1.29 -20.52 1.77
C MET C 145 0.79 -21.88 2.26
N PHE C 146 0.09 -21.88 3.39
CA PHE C 146 -0.40 -23.15 3.94
C PHE C 146 -1.52 -23.72 3.09
N SER C 147 -2.39 -22.87 2.54
CA SER C 147 -3.45 -23.37 1.68
C SER C 147 -2.89 -23.93 0.37
N LEU C 148 -1.85 -23.28 -0.18
CA LEU C 148 -1.20 -23.80 -1.38
C LEU C 148 -0.51 -25.12 -1.10
N ALA C 149 0.14 -25.24 0.05
CA ALA C 149 0.76 -26.50 0.41
C ALA C 149 -0.28 -27.60 0.57
N ASN C 150 -1.44 -27.25 1.15
CA ASN C 150 -2.52 -28.23 1.27
C ASN C 150 -3.06 -28.64 -0.09
N LYS C 151 -3.15 -27.68 -1.02
CA LYS C 151 -3.69 -27.98 -2.35
C LYS C 151 -2.77 -28.90 -3.13
N LEU C 152 -1.48 -28.59 -3.15
CA LEU C 152 -0.48 -29.50 -3.72
C LEU C 152 -0.10 -30.49 -2.63
N GLN C 153 -0.95 -31.52 -2.47
CA GLN C 153 -0.99 -32.30 -1.24
C GLN C 153 0.34 -32.87 -0.76
N PRO C 154 1.23 -33.42 -1.62
CA PRO C 154 2.54 -33.78 -1.07
C PRO C 154 3.54 -32.63 -1.18
N CYS C 155 3.35 -31.62 -0.33
CA CYS C 155 4.16 -30.41 -0.38
C CYS C 155 5.15 -30.38 0.77
N ILE C 156 6.19 -29.57 0.59
CA ILE C 156 7.17 -29.30 1.63
C ILE C 156 7.44 -27.80 1.63
N ILE C 157 7.34 -27.19 2.80
CA ILE C 157 7.66 -25.78 2.98
C ILE C 157 8.96 -25.71 3.75
N PHE C 158 10.00 -25.18 3.11
CA PHE C 158 11.32 -25.11 3.71
C PHE C 158 11.63 -23.68 4.11
N ILE C 159 12.04 -23.50 5.36
CA ILE C 159 12.41 -22.21 5.89
C ILE C 159 13.86 -22.31 6.33
N ASP C 160 14.78 -21.88 5.46
CA ASP C 160 16.16 -21.75 5.87
C ASP C 160 16.27 -20.64 6.90
N GLN C 161 17.18 -20.84 7.86
CA GLN C 161 17.36 -19.93 8.99
C GLN C 161 16.07 -19.77 9.77
N ILE C 162 15.48 -20.91 10.15
CA ILE C 162 14.19 -20.92 10.83
C ILE C 162 14.26 -20.40 12.25
N ASP C 163 15.47 -20.23 12.79
CA ASP C 163 15.61 -19.72 14.15
C ASP C 163 15.08 -18.31 14.28
N SER C 164 15.33 -17.46 13.28
CA SER C 164 14.82 -16.09 13.32
C SER C 164 13.32 -16.05 13.04
N PHE C 165 12.84 -16.90 12.13
CA PHE C 165 11.41 -16.95 11.84
C PHE C 165 10.62 -17.44 13.05
N LEU C 166 11.15 -18.41 13.77
CA LEU C 166 10.46 -19.01 14.90
C LEU C 166 11.19 -18.76 16.22
N ARG C 167 11.66 -17.52 16.41
CA ARG C 167 12.32 -17.17 17.65
C ARG C 167 11.33 -17.18 18.81
N GLU C 168 11.87 -17.22 20.02
CA GLU C 168 11.02 -17.19 21.22
C GLU C 168 10.24 -15.89 21.27
N ARG C 169 8.93 -16.00 21.37
CA ARG C 169 8.08 -14.82 21.38
C ARG C 169 8.31 -14.00 22.64
N SER C 170 8.24 -12.67 22.49
CA SER C 170 8.46 -11.76 23.59
C SER C 170 7.54 -10.57 23.45
N SER C 171 7.36 -9.83 24.54
CA SER C 171 6.54 -8.63 24.50
C SER C 171 7.19 -7.54 23.66
N THR C 172 8.52 -7.58 23.52
CA THR C 172 9.22 -6.59 22.71
C THR C 172 9.13 -6.87 21.22
N ASP C 173 8.56 -8.00 20.83
CA ASP C 173 8.44 -8.34 19.42
C ASP C 173 7.51 -7.35 18.72
N HIS C 174 7.82 -7.07 17.45
CA HIS C 174 6.93 -6.27 16.63
C HIS C 174 5.59 -6.98 16.50
N GLU C 175 4.52 -6.19 16.44
CA GLU C 175 3.17 -6.77 16.40
C GLU C 175 2.99 -7.67 15.18
N VAL C 176 3.45 -7.23 14.01
CA VAL C 176 3.24 -8.02 12.80
C VAL C 176 4.03 -9.32 12.87
N THR C 177 5.25 -9.28 13.41
CA THR C 177 6.01 -10.51 13.57
C THR C 177 5.36 -11.46 14.56
N ALA C 178 4.84 -10.93 15.68
CA ALA C 178 4.22 -11.80 16.68
C ALA C 178 2.93 -12.41 16.16
N THR C 179 2.09 -11.62 15.49
CA THR C 179 0.87 -12.16 14.91
C THR C 179 1.19 -13.12 13.77
N LEU C 180 2.27 -12.86 13.05
CA LEU C 180 2.74 -13.74 12.00
C LEU C 180 3.12 -15.10 12.57
N LYS C 181 3.88 -15.10 13.66
CA LYS C 181 4.29 -16.34 14.29
C LYS C 181 3.11 -17.08 14.90
N ALA C 182 2.15 -16.34 15.48
CA ALA C 182 0.97 -17.00 16.03
C ALA C 182 0.11 -17.62 14.94
N GLU C 183 -0.05 -16.92 13.81
CA GLU C 183 -0.80 -17.47 12.69
C GLU C 183 -0.11 -18.69 12.10
N PHE C 184 1.22 -18.65 12.00
CA PHE C 184 1.98 -19.81 11.57
C PHE C 184 1.81 -20.97 12.52
N MET C 185 1.82 -20.69 13.83
CA MET C 185 1.60 -21.73 14.84
C MET C 185 0.21 -22.33 14.74
N THR C 186 -0.79 -21.49 14.45
CA THR C 186 -2.16 -21.98 14.35
C THR C 186 -2.36 -22.85 13.12
N LEU C 187 -1.90 -22.38 11.96
CA LEU C 187 -2.10 -23.14 10.72
C LEU C 187 -1.24 -24.39 10.70
N TRP C 188 -0.06 -24.34 11.32
CA TRP C 188 0.82 -25.50 11.37
C TRP C 188 0.19 -26.67 12.11
N ASP C 189 -0.46 -26.38 13.24
CA ASP C 189 -1.12 -27.43 14.03
C ASP C 189 -2.34 -26.80 14.71
N GLY C 190 -3.48 -26.90 14.05
CA GLY C 190 -4.71 -26.36 14.60
C GLY C 190 -5.86 -27.32 14.39
N LEU C 191 -7.10 -26.83 14.56
CA LEU C 191 -8.26 -27.70 14.38
C LEU C 191 -8.41 -28.12 12.93
N LEU C 192 -8.29 -27.17 12.00
CA LEU C 192 -8.32 -27.50 10.59
C LEU C 192 -7.01 -28.17 10.22
N ASN C 193 -7.01 -29.51 10.22
CA ASN C 193 -5.77 -30.25 10.05
C ASN C 193 -5.26 -30.15 8.62
N ASN C 194 -3.94 -30.11 8.49
CA ASN C 194 -3.28 -30.04 7.19
C ASN C 194 -3.30 -31.41 6.52
N GLY C 195 -2.98 -31.42 5.23
CA GLY C 195 -2.87 -32.67 4.51
C GLY C 195 -1.51 -33.30 4.72
N ARG C 196 -0.86 -33.70 3.64
CA ARG C 196 0.50 -34.23 3.71
C ARG C 196 1.53 -33.11 3.57
N VAL C 197 1.39 -32.09 4.41
CA VAL C 197 2.25 -30.91 4.39
C VAL C 197 3.24 -31.02 5.53
N MET C 198 4.51 -30.83 5.22
CA MET C 198 5.56 -30.88 6.23
C MET C 198 6.43 -29.63 6.12
N ILE C 199 6.77 -29.06 7.27
CA ILE C 199 7.65 -27.91 7.35
C ILE C 199 9.04 -28.41 7.71
N ILE C 200 10.01 -28.19 6.84
CA ILE C 200 11.40 -28.53 7.11
C ILE C 200 12.16 -27.23 7.33
N GLY C 201 12.93 -27.16 8.42
CA GLY C 201 13.68 -25.98 8.74
C GLY C 201 15.15 -26.29 8.93
N ALA C 202 15.97 -25.27 8.81
CA ALA C 202 17.40 -25.37 9.04
C ALA C 202 17.83 -24.23 9.95
N THR C 203 18.73 -24.53 10.88
CA THR C 203 19.22 -23.53 11.82
C THR C 203 20.53 -24.02 12.42
N ASN C 204 21.16 -23.14 13.20
CA ASN C 204 22.36 -23.45 13.95
C ASN C 204 22.14 -23.45 15.45
N ARG C 205 21.39 -22.49 15.96
CA ARG C 205 21.03 -22.40 17.37
C ARG C 205 19.61 -22.94 17.51
N ILE C 206 19.51 -24.20 17.90
CA ILE C 206 18.20 -24.81 18.12
C ILE C 206 17.51 -24.18 19.31
N ASN C 207 18.28 -23.73 20.31
CA ASN C 207 17.71 -23.11 21.50
C ASN C 207 17.09 -21.75 21.20
N ASP C 208 17.48 -21.10 20.10
CA ASP C 208 16.86 -19.84 19.72
C ASP C 208 15.42 -20.03 19.26
N ILE C 209 15.06 -21.23 18.81
CA ILE C 209 13.69 -21.48 18.34
C ILE C 209 12.74 -21.52 19.52
N ASP C 210 11.51 -21.06 19.29
CA ASP C 210 10.48 -21.06 20.31
C ASP C 210 10.16 -22.49 20.74
N ASP C 211 9.81 -22.67 22.00
CA ASP C 211 9.49 -24.00 22.51
C ASP C 211 8.23 -24.55 21.87
N ALA C 212 7.23 -23.70 21.68
CA ALA C 212 6.00 -24.15 21.02
C ALA C 212 6.20 -24.37 19.53
N PHE C 213 7.29 -23.88 18.95
CA PHE C 213 7.63 -24.18 17.57
C PHE C 213 8.56 -25.39 17.46
N LEU C 214 9.44 -25.56 18.46
CA LEU C 214 10.24 -26.78 18.52
C LEU C 214 9.37 -28.00 18.77
N ARG C 215 8.21 -27.81 19.41
CA ARG C 215 7.23 -28.88 19.53
C ARG C 215 6.69 -29.28 18.16
N ARG C 216 6.46 -28.31 17.28
CA ARG C 216 5.91 -28.59 15.97
C ARG C 216 6.95 -29.15 15.00
N LEU C 217 8.22 -29.21 15.41
CA LEU C 217 9.27 -29.84 14.64
C LEU C 217 9.78 -31.05 15.42
N PRO C 218 9.03 -32.16 15.44
CA PRO C 218 9.44 -33.27 16.31
C PRO C 218 10.64 -34.06 15.78
N LYS C 219 10.69 -34.33 14.48
CA LYS C 219 11.77 -35.13 13.91
C LYS C 219 12.96 -34.22 13.65
N ARG C 220 13.85 -34.15 14.64
CA ARG C 220 15.01 -33.26 14.57
C ARG C 220 16.24 -34.07 14.20
N PHE C 221 16.99 -33.56 13.22
CA PHE C 221 18.23 -34.19 12.76
C PHE C 221 19.41 -33.34 13.19
N LEU C 222 20.29 -33.91 14.00
CA LEU C 222 21.48 -33.21 14.46
C LEU C 222 22.58 -33.44 13.42
N VAL C 223 22.76 -32.47 12.53
CA VAL C 223 23.78 -32.56 11.49
C VAL C 223 25.04 -31.97 12.12
N SER C 224 25.79 -32.81 12.84
CA SER C 224 26.90 -32.35 13.65
C SER C 224 28.20 -32.36 12.86
N LEU C 225 29.28 -32.00 13.53
CA LEU C 225 30.60 -31.96 12.90
C LEU C 225 31.03 -33.35 12.49
N PRO C 226 31.51 -33.55 11.26
CA PRO C 226 31.83 -34.90 10.80
C PRO C 226 33.04 -35.48 11.52
N GLY C 227 33.04 -36.80 11.67
CA GLY C 227 34.16 -37.52 12.22
C GLY C 227 35.20 -37.82 11.16
N SER C 228 36.18 -38.65 11.55
CA SER C 228 37.31 -38.93 10.66
C SER C 228 36.87 -39.71 9.42
N ASP C 229 36.13 -40.80 9.61
CA ASP C 229 35.58 -41.52 8.47
C ASP C 229 34.58 -40.65 7.71
N GLN C 230 33.78 -39.89 8.45
CA GLN C 230 32.86 -38.95 7.80
C GLN C 230 33.63 -37.92 6.97
N ARG C 231 34.65 -37.30 7.55
CA ARG C 231 35.43 -36.29 6.83
C ARG C 231 36.11 -36.89 5.60
N TYR C 232 36.52 -38.16 5.69
CA TYR C 232 36.99 -38.86 4.51
C TYR C 232 35.90 -38.95 3.47
N LYS C 233 34.66 -39.18 3.89
CA LYS C 233 33.56 -39.29 2.93
C LYS C 233 33.27 -37.95 2.24
N ILE C 234 33.24 -36.85 3.00
CA ILE C 234 33.04 -35.56 2.32
C ILE C 234 34.23 -35.22 1.43
N LEU C 235 35.45 -35.55 1.86
CA LEU C 235 36.62 -35.29 1.00
C LEU C 235 36.56 -36.11 -0.27
N SER C 236 36.02 -37.32 -0.21
CA SER C 236 35.92 -38.16 -1.40
C SER C 236 34.83 -37.65 -2.34
N VAL C 237 33.65 -37.29 -1.80
CA VAL C 237 32.57 -36.83 -2.66
C VAL C 237 32.83 -35.42 -3.17
N LEU C 238 33.68 -34.65 -2.51
CA LEU C 238 34.07 -33.34 -3.02
C LEU C 238 35.08 -33.45 -4.15
N LEU C 239 35.96 -34.44 -4.10
CA LEU C 239 37.03 -34.59 -5.07
C LEU C 239 36.68 -35.55 -6.20
N LYS C 240 35.40 -35.89 -6.37
CA LYS C 240 34.99 -36.67 -7.52
C LYS C 240 35.17 -35.86 -8.79
N ASP C 241 35.13 -36.57 -9.93
CA ASP C 241 35.37 -36.09 -11.29
C ASP C 241 36.58 -35.16 -11.37
N THR C 242 37.62 -35.46 -10.61
CA THR C 242 38.84 -34.66 -10.56
C THR C 242 40.04 -35.59 -10.68
N LYS C 243 41.08 -35.10 -11.35
CA LYS C 243 42.30 -35.89 -11.52
C LYS C 243 43.07 -35.95 -10.20
N LEU C 244 43.46 -37.15 -9.81
CA LEU C 244 44.19 -37.38 -8.58
C LEU C 244 45.41 -38.25 -8.85
N ASP C 245 46.42 -38.12 -8.00
CA ASP C 245 47.60 -38.95 -8.11
C ASP C 245 47.28 -40.37 -7.65
N GLU C 246 47.73 -41.36 -8.43
CA GLU C 246 47.42 -42.75 -8.12
C GLU C 246 48.14 -43.23 -6.86
N ASP C 247 49.39 -42.82 -6.69
CA ASP C 247 50.21 -43.27 -5.57
C ASP C 247 50.47 -42.20 -4.52
N GLU C 248 50.72 -40.96 -4.93
CA GLU C 248 51.10 -39.92 -3.97
C GLU C 248 49.93 -39.49 -3.11
N PHE C 249 48.71 -39.55 -3.64
CA PHE C 249 47.55 -39.08 -2.88
C PHE C 249 47.19 -40.04 -1.77
N ASP C 250 47.00 -39.50 -0.56
CA ASP C 250 46.60 -40.28 0.62
C ASP C 250 45.53 -39.47 1.33
N LEU C 251 44.26 -39.74 0.99
CA LEU C 251 43.15 -38.95 1.53
C LEU C 251 42.93 -39.20 3.02
N GLN C 252 43.40 -40.33 3.55
CA GLN C 252 43.23 -40.60 4.97
C GLN C 252 44.00 -39.60 5.83
N LEU C 253 45.21 -39.23 5.40
CA LEU C 253 45.99 -38.23 6.12
C LEU C 253 45.28 -36.88 6.10
N ILE C 254 44.68 -36.53 4.96
CA ILE C 254 43.94 -35.27 4.85
C ILE C 254 42.73 -35.28 5.77
N ALA C 255 42.00 -36.40 5.81
CA ALA C 255 40.83 -36.49 6.66
C ALA C 255 41.20 -36.43 8.14
N ASP C 256 42.29 -37.09 8.52
CA ASP C 256 42.70 -37.08 9.92
C ASP C 256 43.23 -35.71 10.34
N ASN C 257 43.97 -35.05 9.46
CA ASN C 257 44.61 -33.79 9.80
C ASN C 257 43.65 -32.61 9.75
N THR C 258 42.45 -32.78 9.22
CA THR C 258 41.46 -31.71 9.18
C THR C 258 40.63 -31.73 10.46
N LYS C 259 41.28 -31.33 11.56
CA LYS C 259 40.64 -31.34 12.86
C LYS C 259 39.66 -30.18 12.98
N GLY C 260 38.42 -30.48 13.37
CA GLY C 260 37.40 -29.46 13.54
C GLY C 260 37.04 -28.74 12.27
N PHE C 261 36.96 -29.47 11.16
CA PHE C 261 36.68 -28.89 9.85
C PHE C 261 35.24 -29.18 9.45
N SER C 262 34.50 -28.14 9.13
CA SER C 262 33.15 -28.30 8.62
C SER C 262 33.18 -28.65 7.14
N GLY C 263 32.00 -28.92 6.58
CA GLY C 263 31.92 -29.26 5.18
C GLY C 263 32.33 -28.13 4.25
N SER C 264 31.91 -26.91 4.58
CA SER C 264 32.28 -25.76 3.75
C SER C 264 33.76 -25.44 3.87
N ASP C 265 34.32 -25.59 5.07
CA ASP C 265 35.76 -25.44 5.24
C ASP C 265 36.51 -26.49 4.45
N LEU C 266 36.00 -27.73 4.42
CA LEU C 266 36.60 -28.77 3.60
C LEU C 266 36.53 -28.42 2.13
N LYS C 267 35.39 -27.91 1.68
CA LYS C 267 35.24 -27.51 0.27
C LYS C 267 36.24 -26.41 -0.08
N GLU C 268 36.39 -25.43 0.79
CA GLU C 268 37.34 -24.35 0.53
C GLU C 268 38.77 -24.86 0.52
N LEU C 269 39.10 -25.79 1.41
CA LEU C 269 40.45 -26.38 1.41
C LEU C 269 40.71 -27.13 0.11
N CYS C 270 39.71 -27.89 -0.36
CA CYS C 270 39.85 -28.59 -1.63
C CYS C 270 40.03 -27.63 -2.79
N ARG C 271 39.24 -26.54 -2.80
CA ARG C 271 39.33 -25.57 -3.88
C ARG C 271 40.68 -24.86 -3.88
N GLU C 272 41.19 -24.52 -2.69
CA GLU C 272 42.50 -23.88 -2.60
C GLU C 272 43.61 -24.83 -3.05
N ALA C 273 43.52 -26.11 -2.66
CA ALA C 273 44.49 -27.09 -3.11
C ALA C 273 44.46 -27.24 -4.63
N ALA C 274 43.26 -27.28 -5.20
CA ALA C 274 43.13 -27.36 -6.65
C ALA C 274 43.71 -26.13 -7.33
N LEU C 275 43.49 -24.95 -6.75
CA LEU C 275 44.03 -23.73 -7.34
C LEU C 275 45.55 -23.71 -7.32
N ASP C 276 46.18 -24.01 -6.19
CA ASP C 276 47.63 -23.97 -6.22
C ASP C 276 48.22 -25.13 -7.04
N ALA C 277 47.48 -26.24 -7.17
CA ALA C 277 47.97 -27.29 -8.05
C ALA C 277 47.89 -26.94 -9.50
N ALA C 278 46.82 -26.25 -9.90
CA ALA C 278 46.58 -25.97 -11.31
C ALA C 278 46.91 -24.54 -11.70
N LYS C 279 47.65 -23.80 -10.85
CA LYS C 279 48.10 -22.47 -11.22
C LYS C 279 48.89 -22.47 -12.53
N GLU C 280 49.79 -23.43 -12.70
CA GLU C 280 50.59 -23.49 -13.92
C GLU C 280 49.73 -23.80 -15.14
N TYR C 281 48.77 -24.72 -14.99
CA TYR C 281 47.87 -25.04 -16.09
C TYR C 281 47.01 -23.84 -16.47
N ILE C 282 46.56 -23.08 -15.48
CA ILE C 282 45.77 -21.88 -15.76
C ILE C 282 46.62 -20.82 -16.46
N LYS C 283 47.87 -20.66 -16.03
CA LYS C 283 48.78 -19.72 -16.69
C LYS C 283 49.02 -20.13 -18.14
N GLN C 284 49.17 -21.43 -18.39
CA GLN C 284 49.36 -21.91 -19.75
C GLN C 284 48.11 -21.69 -20.60
N LYS C 285 46.92 -21.89 -20.01
CA LYS C 285 45.68 -21.73 -20.75
C LYS C 285 45.37 -20.27 -21.05
N ARG C 286 45.77 -19.35 -20.16
CA ARG C 286 45.43 -17.94 -20.33
C ARG C 286 46.10 -17.31 -21.53
N GLN C 287 47.18 -17.89 -22.04
CA GLN C 287 47.88 -17.34 -23.19
C GLN C 287 47.18 -17.73 -24.49
N ARG C 305 47.77 -31.17 -14.53
CA ARG C 305 48.30 -31.02 -13.18
C ARG C 305 47.49 -31.83 -12.18
N PRO C 306 47.88 -33.09 -11.97
CA PRO C 306 47.16 -33.94 -11.02
C PRO C 306 47.31 -33.44 -9.59
N LEU C 307 46.26 -33.69 -8.79
CA LEU C 307 46.27 -33.29 -7.40
C LEU C 307 47.00 -34.31 -6.55
N LYS C 308 47.76 -33.81 -5.56
CA LYS C 308 48.58 -34.65 -4.71
C LYS C 308 48.35 -34.30 -3.26
N THR C 309 49.02 -35.05 -2.38
CA THR C 309 48.90 -34.82 -0.93
C THR C 309 49.51 -33.49 -0.53
N LYS C 310 50.54 -33.04 -1.23
CA LYS C 310 51.21 -31.80 -0.88
C LYS C 310 50.30 -30.59 -1.07
N ASP C 311 49.47 -30.63 -2.11
CA ASP C 311 48.57 -29.53 -2.39
C ASP C 311 47.57 -29.35 -1.26
N PHE C 312 47.00 -30.45 -0.79
CA PHE C 312 46.01 -30.37 0.29
C PHE C 312 46.67 -30.04 1.62
N THR C 313 47.82 -30.66 1.91
CA THR C 313 48.45 -30.46 3.21
C THR C 313 49.11 -29.09 3.33
N LYS C 314 49.46 -28.46 2.19
CA LYS C 314 50.05 -27.14 2.22
C LYS C 314 49.07 -26.09 2.73
N LYS C 315 47.83 -26.13 2.21
CA LYS C 315 46.80 -25.23 2.72
C LYS C 315 46.31 -25.66 4.10
N LEU C 316 46.47 -26.94 4.42
CA LEU C 316 46.10 -27.43 5.74
C LEU C 316 47.12 -26.96 6.77
N ARG C 317 46.64 -26.63 7.97
CA ARG C 317 47.50 -26.18 9.05
C ARG C 317 47.11 -26.83 10.37
N SER D 11 -12.19 -14.34 -3.93
CA SER D 11 -11.81 -15.71 -4.23
C SER D 11 -13.04 -16.60 -4.28
N ARG D 12 -13.23 -17.29 -5.42
CA ARG D 12 -14.40 -18.14 -5.59
C ARG D 12 -14.40 -19.30 -4.62
N GLU D 13 -13.22 -19.78 -4.22
CA GLU D 13 -13.15 -20.85 -3.22
C GLU D 13 -13.74 -20.39 -1.91
N SER D 14 -13.51 -19.13 -1.52
CA SER D 14 -14.06 -18.61 -0.28
C SER D 14 -15.58 -18.56 -0.34
N LYS D 15 -16.15 -18.10 -1.46
CA LYS D 15 -17.61 -18.03 -1.57
C LYS D 15 -18.23 -19.43 -1.58
N ALA D 16 -17.59 -20.37 -2.28
CA ALA D 16 -18.08 -21.74 -2.27
C ALA D 16 -18.01 -22.35 -0.87
N LYS D 17 -16.93 -22.06 -0.15
CA LYS D 17 -16.80 -22.54 1.23
C LYS D 17 -17.88 -21.94 2.12
N GLN D 18 -18.17 -20.65 1.95
CA GLN D 18 -19.21 -20.00 2.74
C GLN D 18 -20.57 -20.64 2.47
N SER D 19 -20.88 -20.88 1.19
CA SER D 19 -22.15 -21.51 0.85
C SER D 19 -22.23 -22.92 1.42
N LEU D 20 -21.13 -23.67 1.37
CA LEU D 20 -21.13 -25.04 1.88
C LEU D 20 -21.34 -25.06 3.39
N GLN D 21 -20.65 -24.18 4.13
CA GLN D 21 -20.85 -24.16 5.58
C GLN D 21 -22.23 -23.65 5.95
N TRP D 22 -22.78 -22.69 5.20
CA TRP D 22 -24.13 -22.24 5.48
C TRP D 22 -25.14 -23.35 5.25
N GLU D 23 -24.96 -24.14 4.19
CA GLU D 23 -25.84 -25.27 3.96
C GLU D 23 -25.70 -26.32 5.06
N LYS D 24 -24.46 -26.56 5.52
CA LYS D 24 -24.26 -27.51 6.61
C LYS D 24 -24.94 -27.06 7.89
N LEU D 25 -24.83 -25.76 8.21
CA LEU D 25 -25.46 -25.24 9.43
C LEU D 25 -26.98 -25.23 9.30
N VAL D 26 -27.49 -24.98 8.08
CA VAL D 26 -28.94 -25.02 7.87
C VAL D 26 -29.45 -26.45 8.05
N LYS D 27 -28.73 -27.43 7.52
CA LYS D 27 -29.11 -28.83 7.71
C LYS D 27 -28.98 -29.26 9.16
N ARG D 28 -28.03 -28.69 9.90
CA ARG D 28 -27.89 -29.02 11.31
C ARG D 28 -29.04 -28.44 12.13
N SER D 29 -29.37 -27.17 11.90
CA SER D 29 -30.42 -26.49 12.65
C SER D 29 -31.46 -25.93 11.70
N PRO D 30 -32.68 -26.44 11.70
CA PRO D 30 -33.72 -25.90 10.80
C PRO D 30 -34.07 -24.44 11.06
N ALA D 31 -33.92 -23.98 12.30
CA ALA D 31 -34.22 -22.58 12.62
C ALA D 31 -33.22 -21.62 12.00
N LEU D 32 -32.04 -22.11 11.63
CA LEU D 32 -31.01 -21.26 11.02
C LEU D 32 -31.32 -20.91 9.57
N ALA D 33 -32.31 -21.55 8.96
CA ALA D 33 -32.60 -21.33 7.54
C ALA D 33 -33.13 -19.92 7.29
N GLU D 34 -33.98 -19.42 8.17
CA GLU D 34 -34.59 -18.10 7.99
C GLU D 34 -33.66 -16.97 8.43
N VAL D 35 -32.51 -17.28 9.02
CA VAL D 35 -31.59 -16.25 9.48
C VAL D 35 -30.89 -15.61 8.29
N THR D 36 -30.89 -14.28 8.23
CA THR D 36 -30.21 -13.54 7.19
C THR D 36 -28.84 -13.06 7.69
N LEU D 37 -27.87 -13.03 6.78
CA LEU D 37 -26.51 -12.65 7.10
C LEU D 37 -26.06 -11.51 6.20
N ASP D 38 -25.19 -10.66 6.74
CA ASP D 38 -24.59 -9.58 5.99
C ASP D 38 -23.35 -10.09 5.25
N ALA D 39 -22.64 -9.18 4.57
CA ALA D 39 -21.47 -9.59 3.81
C ALA D 39 -20.32 -10.00 4.72
N TYR D 40 -20.02 -9.19 5.73
CA TYR D 40 -18.95 -9.54 6.66
C TYR D 40 -19.34 -10.73 7.53
N GLU D 41 -20.64 -10.92 7.76
CA GLU D 41 -21.09 -12.13 8.44
C GLU D 41 -20.76 -13.37 7.63
N ARG D 42 -20.94 -13.32 6.30
CA ARG D 42 -20.54 -14.43 5.46
C ARG D 42 -19.02 -14.59 5.43
N THR D 43 -18.29 -13.48 5.46
CA THR D 43 -16.84 -13.55 5.53
C THR D 43 -16.39 -14.30 6.78
N ILE D 44 -17.08 -14.08 7.89
CA ILE D 44 -16.78 -14.83 9.11
C ILE D 44 -17.26 -16.28 8.96
N LEU D 45 -18.41 -16.47 8.32
CA LEU D 45 -18.96 -17.81 8.07
C LEU D 45 -18.02 -18.69 7.27
N SER D 46 -17.10 -18.08 6.52
CA SER D 46 -16.03 -18.84 5.88
C SER D 46 -15.16 -19.59 6.89
N SER D 47 -15.12 -19.15 8.15
CA SER D 47 -14.30 -19.78 9.17
C SER D 47 -15.09 -20.71 10.07
N ILE D 48 -16.35 -21.00 9.74
CA ILE D 48 -17.15 -21.91 10.55
C ILE D 48 -16.60 -23.32 10.42
N VAL D 49 -16.39 -23.99 11.56
CA VAL D 49 -15.94 -25.37 11.59
C VAL D 49 -17.13 -26.24 11.95
N THR D 50 -17.47 -27.15 11.07
CA THR D 50 -18.52 -28.13 11.29
C THR D 50 -17.94 -29.38 11.94
N PRO D 51 -18.78 -30.18 12.63
CA PRO D 51 -18.26 -31.42 13.22
C PRO D 51 -17.76 -32.44 12.21
N ASP D 52 -18.15 -32.32 10.94
CA ASP D 52 -17.67 -33.25 9.92
C ASP D 52 -16.19 -33.04 9.58
N GLU D 53 -15.65 -31.85 9.86
CA GLU D 53 -14.26 -31.56 9.52
C GLU D 53 -13.27 -31.98 10.61
N ILE D 54 -13.75 -32.40 11.77
CA ILE D 54 -12.89 -32.79 12.87
C ILE D 54 -12.90 -34.31 12.98
N ASN D 55 -11.71 -34.91 12.95
CA ASN D 55 -11.59 -36.37 12.91
C ASN D 55 -11.57 -36.99 14.30
N ILE D 56 -11.55 -36.17 15.34
CA ILE D 56 -11.27 -36.64 16.69
C ILE D 56 -12.43 -36.36 17.64
N THR D 57 -12.79 -37.37 18.42
CA THR D 57 -13.81 -37.30 19.46
C THR D 57 -13.13 -37.11 20.82
N PHE D 58 -13.95 -36.91 21.85
CA PHE D 58 -13.44 -36.68 23.21
C PHE D 58 -12.74 -37.92 23.78
N GLN D 59 -13.06 -39.11 23.27
CA GLN D 59 -12.46 -40.33 23.81
C GLN D 59 -10.99 -40.48 23.43
N ASP D 60 -10.53 -39.70 22.45
CA ASP D 60 -9.14 -39.77 21.98
C ASP D 60 -8.21 -38.91 22.81
N ILE D 61 -8.77 -38.08 23.68
CA ILE D 61 -7.95 -37.28 24.58
C ILE D 61 -7.83 -38.03 25.89
N GLY D 62 -6.64 -38.53 26.18
CA GLY D 62 -6.38 -39.25 27.40
C GLY D 62 -5.48 -38.49 28.34
N GLY D 63 -5.56 -38.79 29.63
CA GLY D 63 -4.79 -38.08 30.63
C GLY D 63 -5.39 -36.78 31.08
N LEU D 64 -6.54 -36.40 30.53
CA LEU D 64 -7.24 -35.17 30.91
C LEU D 64 -8.67 -35.48 31.32
N ASP D 65 -8.92 -36.70 31.80
CA ASP D 65 -10.29 -37.10 32.13
C ASP D 65 -10.95 -36.24 33.20
N PRO D 66 -10.30 -35.92 34.34
CA PRO D 66 -10.92 -34.94 35.24
C PRO D 66 -11.11 -33.57 34.59
N LEU D 67 -10.14 -33.14 33.80
CA LEU D 67 -10.27 -31.87 33.09
C LEU D 67 -11.40 -31.92 32.07
N ILE D 68 -11.54 -33.04 31.37
CA ILE D 68 -12.62 -33.19 30.39
C ILE D 68 -13.98 -33.18 31.08
N SER D 69 -14.10 -33.89 32.20
CA SER D 69 -15.38 -33.93 32.91
C SER D 69 -15.74 -32.55 33.47
N ASP D 70 -14.76 -31.86 34.06
CA ASP D 70 -15.03 -30.52 34.60
C ASP D 70 -15.36 -29.53 33.48
N LEU D 71 -14.66 -29.63 32.35
CA LEU D 71 -14.97 -28.80 31.19
C LEU D 71 -16.39 -29.06 30.71
N HIS D 72 -16.80 -30.32 30.66
CA HIS D 72 -18.16 -30.67 30.29
C HIS D 72 -19.16 -30.00 31.23
N GLU D 73 -19.05 -30.31 32.52
CA GLU D 73 -20.03 -29.87 33.52
C GLU D 73 -20.08 -28.36 33.68
N SER D 74 -18.98 -27.66 33.42
CA SER D 74 -18.94 -26.21 33.60
C SER D 74 -19.13 -25.43 32.31
N VAL D 75 -19.01 -26.06 31.14
CA VAL D 75 -18.96 -25.31 29.90
C VAL D 75 -20.00 -25.83 28.91
N ILE D 76 -19.97 -27.13 28.65
CA ILE D 76 -20.79 -27.66 27.55
C ILE D 76 -22.24 -27.81 28.00
N TYR D 77 -22.45 -28.47 29.13
CA TYR D 77 -23.81 -28.62 29.66
C TYR D 77 -24.47 -27.30 30.01
N PRO D 78 -23.81 -26.34 30.69
CA PRO D 78 -24.48 -25.04 30.91
C PRO D 78 -24.76 -24.26 29.63
N LEU D 79 -24.08 -24.58 28.53
CA LEU D 79 -24.32 -23.86 27.29
C LEU D 79 -25.33 -24.59 26.40
N MET D 80 -25.15 -25.90 26.23
CA MET D 80 -25.97 -26.64 25.28
C MET D 80 -27.38 -26.85 25.80
N MET D 81 -27.53 -27.18 27.07
CA MET D 81 -28.85 -27.38 27.66
C MET D 81 -29.11 -26.29 28.69
N PRO D 82 -29.78 -25.19 28.31
CA PRO D 82 -30.05 -24.12 29.29
C PRO D 82 -31.28 -24.38 30.13
N GLU D 83 -32.16 -25.30 29.73
CA GLU D 83 -33.33 -25.60 30.54
C GLU D 83 -32.95 -26.28 31.85
N VAL D 84 -31.86 -27.04 31.85
CA VAL D 84 -31.42 -27.73 33.05
C VAL D 84 -30.90 -26.72 34.08
N TYR D 85 -30.19 -25.70 33.62
CA TYR D 85 -29.57 -24.72 34.50
C TYR D 85 -30.39 -23.44 34.64
N SER D 86 -31.57 -23.36 34.02
CA SER D 86 -32.33 -22.11 34.00
C SER D 86 -32.99 -21.78 35.33
N ASN D 87 -33.03 -22.72 36.27
CA ASN D 87 -33.65 -22.46 37.57
C ASN D 87 -32.90 -21.39 38.34
N SER D 88 -31.56 -21.43 38.31
CA SER D 88 -30.74 -20.44 39.00
C SER D 88 -29.97 -19.62 37.99
N PRO D 89 -29.97 -18.29 38.11
CA PRO D 89 -29.23 -17.46 37.15
C PRO D 89 -27.72 -17.56 37.29
N LEU D 90 -27.21 -18.04 38.42
CA LEU D 90 -25.76 -18.18 38.58
C LEU D 90 -25.21 -19.37 37.82
N LEU D 91 -26.06 -20.29 37.36
CA LEU D 91 -25.62 -21.48 36.64
C LEU D 91 -25.43 -21.23 35.15
N GLN D 92 -25.26 -19.98 34.73
CA GLN D 92 -25.08 -19.66 33.32
C GLN D 92 -23.68 -20.05 32.87
N ALA D 93 -23.58 -20.46 31.62
CA ALA D 93 -22.29 -20.81 31.03
C ALA D 93 -21.37 -19.59 30.99
N PRO D 94 -20.07 -19.79 31.13
CA PRO D 94 -19.15 -18.64 31.18
C PRO D 94 -19.09 -17.92 29.85
N SER D 95 -18.82 -16.62 29.93
CA SER D 95 -18.66 -15.81 28.72
C SER D 95 -17.34 -16.04 28.02
N GLY D 96 -16.39 -16.73 28.67
CA GLY D 96 -15.11 -17.02 28.05
C GLY D 96 -14.46 -18.21 28.71
N VAL D 97 -13.58 -18.85 27.95
CA VAL D 97 -12.83 -20.01 28.43
C VAL D 97 -11.43 -19.94 27.87
N LEU D 98 -10.43 -20.12 28.74
CA LEU D 98 -9.04 -20.12 28.31
C LEU D 98 -8.43 -21.48 28.58
N LEU D 99 -7.75 -22.04 27.60
CA LEU D 99 -7.02 -23.29 27.72
C LEU D 99 -5.54 -22.95 27.61
N TYR D 100 -4.92 -22.64 28.74
CA TYR D 100 -3.53 -22.25 28.79
C TYR D 100 -2.69 -23.37 29.39
N GLY D 101 -1.42 -23.39 29.04
CA GLY D 101 -0.50 -24.37 29.58
C GLY D 101 0.76 -24.50 28.76
N PRO D 102 1.60 -25.47 29.11
CA PRO D 102 2.80 -25.71 28.31
C PRO D 102 2.43 -26.24 26.94
N PRO D 103 3.27 -26.03 25.93
CA PRO D 103 2.94 -26.49 24.58
C PRO D 103 2.89 -28.01 24.49
N GLY D 104 1.92 -28.50 23.71
CA GLY D 104 1.80 -29.92 23.44
C GLY D 104 1.02 -30.73 24.46
N CYS D 105 0.45 -30.09 25.48
CA CYS D 105 -0.27 -30.85 26.48
C CYS D 105 -1.70 -31.19 26.09
N GLY D 106 -2.23 -30.57 25.02
CA GLY D 106 -3.54 -30.96 24.53
C GLY D 106 -4.61 -29.89 24.55
N LYS D 107 -4.23 -28.63 24.37
CA LYS D 107 -5.24 -27.57 24.28
C LYS D 107 -6.04 -27.67 23.00
N THR D 108 -5.35 -27.81 21.86
CA THR D 108 -6.06 -28.00 20.60
C THR D 108 -6.76 -29.36 20.55
N MET D 109 -6.32 -30.31 21.36
CA MET D 109 -7.05 -31.57 21.49
C MET D 109 -8.47 -31.30 21.99
N LEU D 110 -8.57 -30.57 23.11
CA LEU D 110 -9.85 -30.19 23.67
C LEU D 110 -10.60 -29.25 22.74
N ALA D 111 -9.88 -28.43 21.98
CA ALA D 111 -10.54 -27.54 21.03
C ALA D 111 -11.24 -28.32 19.92
N LYS D 112 -10.53 -29.29 19.33
CA LYS D 112 -11.14 -30.12 18.30
C LYS D 112 -12.29 -30.94 18.88
N ALA D 113 -12.13 -31.44 20.10
CA ALA D 113 -13.21 -32.21 20.73
C ALA D 113 -14.42 -31.34 20.99
N LEU D 114 -14.23 -30.07 21.37
CA LEU D 114 -15.34 -29.16 21.55
C LEU D 114 -16.00 -28.83 20.22
N ALA D 115 -15.21 -28.76 19.15
CA ALA D 115 -15.79 -28.53 17.82
C ALA D 115 -16.58 -29.72 17.34
N LYS D 116 -16.19 -30.92 17.76
CA LYS D 116 -16.81 -32.14 17.26
C LYS D 116 -18.01 -32.60 18.09
N GLU D 117 -17.84 -32.71 19.41
CA GLU D 117 -18.80 -33.41 20.25
C GLU D 117 -19.71 -32.50 21.06
N SER D 118 -19.35 -31.24 21.27
CA SER D 118 -20.18 -30.38 22.11
C SER D 118 -21.50 -30.06 21.45
N GLY D 119 -21.52 -29.92 20.13
CA GLY D 119 -22.71 -29.55 19.41
C GLY D 119 -22.90 -28.06 19.23
N ALA D 120 -22.08 -27.24 19.86
CA ALA D 120 -22.12 -25.80 19.62
C ALA D 120 -21.52 -25.47 18.26
N ASN D 121 -22.13 -24.52 17.57
CA ASN D 121 -21.57 -24.04 16.32
C ASN D 121 -20.21 -23.39 16.58
N PHE D 122 -19.23 -23.75 15.78
CA PHE D 122 -17.84 -23.42 16.04
C PHE D 122 -17.36 -22.38 15.03
N ILE D 123 -16.72 -21.33 15.52
CA ILE D 123 -16.09 -20.33 14.67
C ILE D 123 -14.61 -20.34 15.05
N SER D 124 -13.83 -21.16 14.34
CA SER D 124 -12.39 -21.21 14.55
C SER D 124 -11.77 -20.11 13.71
N ILE D 125 -11.74 -18.92 14.26
CA ILE D 125 -11.28 -17.74 13.54
C ILE D 125 -9.78 -17.59 13.71
N ARG D 126 -9.13 -17.06 12.69
CA ARG D 126 -7.71 -16.75 12.71
C ARG D 126 -7.52 -15.27 12.39
N MET D 127 -6.32 -14.79 12.66
CA MET D 127 -6.07 -13.35 12.51
C MET D 127 -5.95 -12.96 11.04
N SER D 128 -5.72 -13.91 10.15
CA SER D 128 -5.69 -13.58 8.72
C SER D 128 -7.05 -13.14 8.23
N SER D 129 -8.12 -13.76 8.73
CA SER D 129 -9.47 -13.34 8.36
C SER D 129 -9.86 -12.07 9.09
N ILE D 130 -9.41 -11.90 10.34
CA ILE D 130 -9.80 -10.73 11.13
C ILE D 130 -9.15 -9.47 10.58
N MET D 131 -7.84 -9.53 10.30
CA MET D 131 -7.15 -8.38 9.73
C MET D 131 -7.68 -8.05 8.34
N ASP D 132 -7.58 -6.78 7.99
CA ASP D 132 -7.95 -6.31 6.66
C ASP D 132 -7.17 -5.04 6.37
N LYS D 133 -6.67 -4.92 5.14
CA LYS D 133 -5.84 -3.77 4.80
C LYS D 133 -6.66 -2.50 4.69
N TRP D 134 -7.93 -2.61 4.32
CA TRP D 134 -8.75 -1.43 4.13
C TRP D 134 -9.20 -0.86 5.47
N TYR D 135 -9.47 0.44 5.48
CA TYR D 135 -9.79 1.14 6.72
C TYR D 135 -11.17 0.76 7.23
N GLY D 136 -11.26 0.50 8.53
CA GLY D 136 -12.54 0.21 9.14
C GLY D 136 -13.14 -1.12 8.76
N GLU D 137 -12.34 -2.03 8.21
CA GLU D 137 -12.84 -3.34 7.81
C GLU D 137 -12.57 -4.41 8.85
N SER D 138 -11.45 -4.34 9.56
CA SER D 138 -11.19 -5.29 10.63
C SER D 138 -12.20 -5.14 11.76
N ASN D 139 -12.56 -3.90 12.08
CA ASN D 139 -13.55 -3.65 13.12
C ASN D 139 -14.91 -4.20 12.72
N LYS D 140 -15.33 -3.96 11.48
CA LYS D 140 -16.61 -4.50 11.02
C LYS D 140 -16.58 -6.02 10.92
N ILE D 141 -15.41 -6.60 10.63
CA ILE D 141 -15.28 -8.05 10.59
C ILE D 141 -15.46 -8.64 11.99
N VAL D 142 -14.86 -8.02 13.00
CA VAL D 142 -15.06 -8.48 14.38
C VAL D 142 -16.51 -8.30 14.82
N ASP D 143 -17.11 -7.15 14.48
CA ASP D 143 -18.50 -6.92 14.83
C ASP D 143 -19.42 -7.94 14.18
N ALA D 144 -19.16 -8.28 12.91
CA ALA D 144 -19.96 -9.29 12.24
C ALA D 144 -19.70 -10.67 12.78
N MET D 145 -18.49 -10.94 13.24
CA MET D 145 -18.20 -12.21 13.91
C MET D 145 -19.08 -12.38 15.13
N PHE D 146 -19.15 -11.34 15.97
CA PHE D 146 -19.96 -11.43 17.17
C PHE D 146 -21.45 -11.47 16.83
N SER D 147 -21.87 -10.72 15.82
CA SER D 147 -23.28 -10.75 15.42
C SER D 147 -23.69 -12.11 14.85
N LEU D 148 -22.82 -12.72 14.06
CA LEU D 148 -23.09 -14.06 13.54
C LEU D 148 -23.13 -15.08 14.65
N ALA D 149 -22.21 -14.98 15.61
CA ALA D 149 -22.23 -15.90 16.75
C ALA D 149 -23.51 -15.73 17.56
N ASN D 150 -23.99 -14.49 17.70
CA ASN D 150 -25.27 -14.26 18.34
C ASN D 150 -26.41 -14.88 17.55
N LYS D 151 -26.35 -14.81 16.22
CA LYS D 151 -27.40 -15.38 15.39
C LYS D 151 -27.43 -16.90 15.48
N LEU D 152 -26.26 -17.53 15.46
CA LEU D 152 -26.16 -18.97 15.71
C LEU D 152 -26.04 -19.17 17.23
N GLN D 153 -27.18 -19.02 17.91
CA GLN D 153 -27.28 -18.70 19.34
C GLN D 153 -26.41 -19.54 20.26
N PRO D 154 -26.37 -20.89 20.17
CA PRO D 154 -25.31 -21.62 20.86
C PRO D 154 -24.07 -21.67 20.00
N CYS D 155 -23.05 -20.90 20.37
CA CYS D 155 -21.88 -20.74 19.53
C CYS D 155 -20.63 -20.69 20.38
N ILE D 156 -19.52 -21.13 19.79
CA ILE D 156 -18.20 -21.05 20.40
C ILE D 156 -17.27 -20.43 19.38
N ILE D 157 -16.69 -19.29 19.72
CA ILE D 157 -15.69 -18.65 18.89
C ILE D 157 -14.32 -19.04 19.44
N PHE D 158 -13.51 -19.67 18.60
CA PHE D 158 -12.19 -20.14 19.01
C PHE D 158 -11.11 -19.28 18.38
N ILE D 159 -10.17 -18.82 19.19
CA ILE D 159 -9.01 -18.07 18.73
C ILE D 159 -7.78 -18.83 19.21
N ASP D 160 -7.20 -19.65 18.33
CA ASP D 160 -5.96 -20.33 18.66
C ASP D 160 -4.82 -19.33 18.74
N GLN D 161 -3.87 -19.62 19.64
CA GLN D 161 -2.75 -18.73 19.95
C GLN D 161 -3.27 -17.34 20.32
N ILE D 162 -4.14 -17.31 21.33
CA ILE D 162 -4.85 -16.10 21.70
C ILE D 162 -3.96 -15.07 22.36
N ASP D 163 -2.71 -15.43 22.69
CA ASP D 163 -1.79 -14.47 23.29
C ASP D 163 -1.32 -13.40 22.31
N SER D 164 -1.69 -13.50 21.04
CA SER D 164 -1.37 -12.48 20.04
C SER D 164 -2.56 -11.59 19.69
N PHE D 165 -3.74 -12.19 19.52
CA PHE D 165 -4.95 -11.39 19.29
C PHE D 165 -5.26 -10.53 20.50
N LEU D 166 -5.13 -11.09 21.70
CA LEU D 166 -5.45 -10.38 22.93
C LEU D 166 -4.20 -10.03 23.72
N ARG D 167 -3.15 -9.63 23.02
CA ARG D 167 -1.92 -9.26 23.69
C ARG D 167 -2.10 -7.99 24.50
N GLU D 168 -1.21 -7.79 25.47
CA GLU D 168 -1.28 -6.64 26.35
C GLU D 168 -1.14 -5.36 25.54
N ARG D 169 -2.14 -4.49 25.65
CA ARG D 169 -2.18 -3.27 24.84
C ARG D 169 -1.06 -2.33 25.25
N SER D 170 -0.48 -1.66 24.26
CA SER D 170 0.57 -0.68 24.48
C SER D 170 0.36 0.50 23.57
N SER D 171 1.01 1.61 23.90
CA SER D 171 0.91 2.81 23.07
C SER D 171 1.55 2.59 21.70
N THR D 172 2.50 1.66 21.60
CA THR D 172 3.16 1.37 20.34
C THR D 172 2.31 0.52 19.41
N ASP D 173 1.14 0.05 19.87
CA ASP D 173 0.30 -0.79 19.02
C ASP D 173 -0.26 0.01 17.86
N HIS D 174 -0.55 -0.69 16.77
CA HIS D 174 -1.13 -0.05 15.60
C HIS D 174 -2.52 0.47 15.92
N GLU D 175 -2.92 1.54 15.22
CA GLU D 175 -4.23 2.13 15.48
C GLU D 175 -5.36 1.17 15.13
N VAL D 176 -5.21 0.46 14.01
CA VAL D 176 -6.25 -0.47 13.58
C VAL D 176 -6.36 -1.63 14.55
N THR D 177 -5.23 -2.13 15.07
CA THR D 177 -5.32 -3.24 16.01
C THR D 177 -5.79 -2.78 17.39
N ALA D 178 -5.52 -1.54 17.78
CA ALA D 178 -6.05 -1.05 19.04
C ALA D 178 -7.55 -0.88 18.96
N THR D 179 -8.03 -0.34 17.83
CA THR D 179 -9.46 -0.27 17.58
C THR D 179 -10.09 -1.66 17.54
N LEU D 180 -9.36 -2.62 16.96
CA LEU D 180 -9.82 -4.00 16.87
C LEU D 180 -9.99 -4.62 18.26
N LYS D 181 -8.97 -4.49 19.10
CA LYS D 181 -9.05 -5.07 20.44
C LYS D 181 -10.09 -4.38 21.29
N ALA D 182 -10.26 -3.06 21.12
CA ALA D 182 -11.31 -2.36 21.86
C ALA D 182 -12.69 -2.80 21.39
N GLU D 183 -12.88 -3.02 20.10
CA GLU D 183 -14.15 -3.51 19.60
C GLU D 183 -14.44 -4.91 20.10
N PHE D 184 -13.41 -5.75 20.16
CA PHE D 184 -13.55 -7.09 20.73
C PHE D 184 -13.95 -7.01 22.20
N MET D 185 -13.34 -6.10 22.95
CA MET D 185 -13.73 -5.90 24.35
C MET D 185 -15.17 -5.43 24.47
N THR D 186 -15.58 -4.48 23.62
CA THR D 186 -16.92 -3.92 23.72
C THR D 186 -17.98 -4.97 23.41
N LEU D 187 -17.76 -5.78 22.37
CA LEU D 187 -18.75 -6.79 22.03
C LEU D 187 -18.69 -8.00 22.96
N TRP D 188 -17.51 -8.30 23.51
CA TRP D 188 -17.36 -9.45 24.38
C TRP D 188 -18.17 -9.27 25.66
N ASP D 189 -18.03 -8.12 26.31
CA ASP D 189 -18.84 -7.80 27.49
C ASP D 189 -19.04 -6.29 27.50
N GLY D 190 -20.16 -5.83 26.94
CA GLY D 190 -20.49 -4.43 26.89
C GLY D 190 -21.92 -4.21 27.33
N LEU D 191 -22.54 -3.16 26.76
CA LEU D 191 -23.93 -2.87 27.08
C LEU D 191 -24.86 -3.95 26.57
N LEU D 192 -24.73 -4.30 25.30
CA LEU D 192 -25.60 -5.30 24.69
C LEU D 192 -24.98 -6.67 24.92
N ASN D 193 -25.48 -7.38 25.91
CA ASN D 193 -24.94 -8.69 26.24
C ASN D 193 -25.25 -9.70 25.15
N ASN D 194 -24.33 -10.64 24.96
CA ASN D 194 -24.48 -11.66 23.94
C ASN D 194 -25.50 -12.71 24.36
N GLY D 195 -25.77 -13.65 23.46
CA GLY D 195 -26.64 -14.76 23.79
C GLY D 195 -25.84 -15.86 24.46
N ARG D 196 -25.96 -17.08 23.96
CA ARG D 196 -25.14 -18.19 24.45
C ARG D 196 -23.85 -18.30 23.64
N VAL D 197 -23.11 -17.20 23.58
CA VAL D 197 -21.85 -17.13 22.84
C VAL D 197 -20.70 -17.16 23.83
N MET D 198 -19.77 -18.08 23.63
CA MET D 198 -18.62 -18.21 24.53
C MET D 198 -17.35 -18.20 23.71
N ILE D 199 -16.41 -17.36 24.09
CA ILE D 199 -15.11 -17.28 23.43
C ILE D 199 -14.18 -18.28 24.11
N ILE D 200 -13.54 -19.13 23.32
CA ILE D 200 -12.60 -20.12 23.84
C ILE D 200 -11.25 -19.85 23.20
N GLY D 201 -10.20 -19.81 24.01
CA GLY D 201 -8.87 -19.56 23.51
C GLY D 201 -7.88 -20.59 24.02
N ALA D 202 -6.78 -20.71 23.27
CA ALA D 202 -5.65 -21.52 23.67
C ALA D 202 -4.39 -20.68 23.54
N THR D 203 -3.45 -20.87 24.47
CA THR D 203 -2.23 -20.10 24.43
C THR D 203 -1.13 -20.84 25.17
N ASN D 204 0.11 -20.58 24.76
CA ASN D 204 1.27 -21.05 25.49
C ASN D 204 1.72 -20.06 26.55
N ARG D 205 1.46 -18.77 26.33
CA ARG D 205 1.87 -17.68 27.22
C ARG D 205 0.60 -16.99 27.71
N ILE D 206 0.11 -17.41 28.88
CA ILE D 206 -1.06 -16.77 29.47
C ILE D 206 -0.73 -15.34 29.91
N ASN D 207 0.51 -15.12 30.35
CA ASN D 207 0.91 -13.80 30.86
C ASN D 207 0.89 -12.73 29.78
N ASP D 208 0.97 -13.12 28.50
CA ASP D 208 0.94 -12.13 27.43
C ASP D 208 -0.46 -11.61 27.15
N ILE D 209 -1.50 -12.29 27.61
CA ILE D 209 -2.85 -11.83 27.37
C ILE D 209 -3.14 -10.61 28.24
N ASP D 210 -3.91 -9.67 27.70
CA ASP D 210 -4.25 -8.45 28.43
C ASP D 210 -5.14 -8.77 29.62
N ASP D 211 -5.01 -7.95 30.67
CA ASP D 211 -5.78 -8.17 31.88
C ASP D 211 -7.27 -7.95 31.62
N ALA D 212 -7.62 -6.97 30.80
CA ALA D 212 -9.01 -6.73 30.47
C ALA D 212 -9.59 -7.81 29.54
N PHE D 213 -8.74 -8.64 28.96
CA PHE D 213 -9.17 -9.83 28.22
C PHE D 213 -9.10 -11.09 29.07
N LEU D 214 -8.08 -11.20 29.94
CA LEU D 214 -8.03 -12.31 30.88
C LEU D 214 -9.21 -12.28 31.84
N ARG D 215 -9.71 -11.09 32.14
CA ARG D 215 -10.96 -10.99 32.91
C ARG D 215 -12.12 -11.59 32.14
N ARG D 216 -12.18 -11.33 30.82
CA ARG D 216 -13.28 -11.81 29.99
C ARG D 216 -13.20 -13.30 29.71
N LEU D 217 -12.12 -13.96 30.10
CA LEU D 217 -12.03 -15.41 30.08
C LEU D 217 -12.05 -15.90 31.52
N PRO D 218 -13.22 -16.01 32.14
CA PRO D 218 -13.25 -16.33 33.58
C PRO D 218 -12.89 -17.78 33.87
N LYS D 219 -13.36 -18.72 33.07
CA LYS D 219 -13.03 -20.13 33.26
C LYS D 219 -11.69 -20.40 32.60
N ARG D 220 -10.73 -20.88 33.38
CA ARG D 220 -9.38 -21.13 32.89
C ARG D 220 -9.02 -22.58 33.14
N PHE D 221 -8.70 -23.31 32.08
CA PHE D 221 -8.28 -24.70 32.17
C PHE D 221 -6.77 -24.78 31.97
N LEU D 222 -6.05 -25.19 33.01
CA LEU D 222 -4.61 -25.34 32.93
C LEU D 222 -4.31 -26.74 32.43
N VAL D 223 -3.97 -26.85 31.15
CA VAL D 223 -3.57 -28.12 30.57
C VAL D 223 -2.08 -28.29 30.84
N SER D 224 -1.75 -28.85 32.00
CA SER D 224 -0.38 -28.91 32.47
C SER D 224 0.36 -30.08 31.82
N LEU D 225 1.64 -30.20 32.14
CA LEU D 225 2.44 -31.32 31.65
C LEU D 225 1.90 -32.61 32.27
N PRO D 226 1.75 -33.67 31.49
CA PRO D 226 1.12 -34.89 32.01
C PRO D 226 1.97 -35.58 33.06
N GLY D 227 1.28 -36.21 34.02
CA GLY D 227 1.93 -37.02 35.02
C GLY D 227 2.16 -38.44 34.52
N SER D 228 2.61 -39.30 35.45
CA SER D 228 2.92 -40.67 35.08
C SER D 228 1.66 -41.44 34.66
N ASP D 229 0.59 -41.32 35.44
CA ASP D 229 -0.66 -41.98 35.10
C ASP D 229 -1.24 -41.32 33.86
N GLN D 230 -1.15 -40.00 33.78
CA GLN D 230 -1.63 -39.29 32.60
C GLN D 230 -0.86 -39.71 31.36
N ARG D 231 0.47 -39.83 31.46
CA ARG D 231 1.27 -40.24 30.30
C ARG D 231 0.98 -41.69 29.92
N TYR D 232 0.67 -42.53 30.91
CA TYR D 232 0.19 -43.89 30.59
C TYR D 232 -1.10 -43.82 29.81
N LYS D 233 -2.01 -42.92 30.18
CA LYS D 233 -3.26 -42.79 29.44
C LYS D 233 -3.01 -42.31 28.00
N ILE D 234 -2.11 -41.33 27.82
CA ILE D 234 -1.80 -40.86 26.47
C ILE D 234 -1.15 -41.97 25.64
N LEU D 235 -0.23 -42.71 26.23
CA LEU D 235 0.43 -43.78 25.48
C LEU D 235 -0.52 -44.93 25.18
N SER D 236 -1.51 -45.17 26.05
CA SER D 236 -2.51 -46.19 25.77
C SER D 236 -3.45 -45.73 24.66
N VAL D 237 -3.76 -44.43 24.62
CA VAL D 237 -4.64 -43.92 23.58
C VAL D 237 -3.93 -43.91 22.23
N LEU D 238 -2.69 -43.43 22.20
CA LEU D 238 -1.96 -43.29 20.95
C LEU D 238 -1.66 -44.66 20.34
N LEU D 239 -1.36 -45.65 21.18
CA LEU D 239 -1.06 -46.99 20.70
C LEU D 239 -2.31 -47.85 20.55
N LYS D 240 -3.50 -47.25 20.58
CA LYS D 240 -4.71 -48.01 20.33
C LYS D 240 -4.74 -48.45 18.87
N ASP D 241 -5.48 -49.55 18.63
CA ASP D 241 -5.57 -50.26 17.35
C ASP D 241 -4.20 -50.51 16.71
N THR D 242 -3.17 -50.64 17.55
CA THR D 242 -1.82 -50.97 17.13
C THR D 242 -1.37 -52.22 17.87
N LYS D 243 -0.76 -53.15 17.14
CA LYS D 243 -0.38 -54.43 17.72
C LYS D 243 0.72 -54.24 18.76
N LEU D 244 0.50 -54.83 19.94
CA LEU D 244 1.43 -54.72 21.05
C LEU D 244 1.76 -56.10 21.58
N ASP D 245 2.98 -56.27 22.08
CA ASP D 245 3.41 -57.55 22.61
C ASP D 245 2.72 -57.83 23.94
N GLU D 246 2.19 -59.05 24.08
CA GLU D 246 1.46 -59.39 25.30
C GLU D 246 2.40 -59.54 26.49
N ASP D 247 3.58 -60.12 26.27
CA ASP D 247 4.52 -60.37 27.35
C ASP D 247 5.61 -59.31 27.44
N GLU D 248 6.27 -59.03 26.31
CA GLU D 248 7.41 -58.11 26.34
C GLU D 248 6.96 -56.67 26.60
N PHE D 249 5.96 -56.20 25.87
CA PHE D 249 5.57 -54.79 25.94
C PHE D 249 4.81 -54.50 27.22
N ASP D 250 5.29 -53.50 27.96
CA ASP D 250 4.63 -53.04 29.18
C ASP D 250 4.64 -51.51 29.16
N LEU D 251 3.46 -50.91 29.02
CA LEU D 251 3.36 -49.48 28.83
C LEU D 251 3.67 -48.69 30.09
N GLN D 252 3.55 -49.30 31.26
CA GLN D 252 3.81 -48.59 32.51
C GLN D 252 5.27 -48.17 32.63
N LEU D 253 6.19 -49.06 32.24
CA LEU D 253 7.61 -48.71 32.28
C LEU D 253 7.93 -47.57 31.33
N ILE D 254 7.33 -47.60 30.14
CA ILE D 254 7.55 -46.56 29.15
C ILE D 254 7.01 -45.22 29.65
N ALA D 255 5.82 -45.24 30.25
CA ALA D 255 5.23 -44.01 30.79
C ALA D 255 6.07 -43.46 31.94
N ASP D 256 6.58 -44.34 32.81
CA ASP D 256 7.42 -43.87 33.92
C ASP D 256 8.73 -43.30 33.42
N ASN D 257 9.30 -43.90 32.36
CA ASN D 257 10.62 -43.46 31.90
C ASN D 257 10.56 -42.12 31.16
N THR D 258 9.44 -41.82 30.51
CA THR D 258 9.32 -40.60 29.70
C THR D 258 8.95 -39.42 30.60
N LYS D 259 9.89 -39.03 31.44
CA LYS D 259 9.66 -37.89 32.32
C LYS D 259 9.66 -36.59 31.53
N GLY D 260 8.71 -35.72 31.85
CA GLY D 260 8.63 -34.41 31.23
C GLY D 260 8.36 -34.44 29.74
N PHE D 261 7.45 -35.30 29.31
CA PHE D 261 7.10 -35.45 27.90
C PHE D 261 5.67 -34.96 27.69
N SER D 262 5.49 -34.05 26.74
CA SER D 262 4.16 -33.57 26.42
C SER D 262 3.42 -34.61 25.58
N GLY D 263 2.16 -34.30 25.25
CA GLY D 263 1.40 -35.20 24.41
C GLY D 263 1.97 -35.31 23.00
N SER D 264 2.48 -34.20 22.48
CA SER D 264 3.11 -34.22 21.16
C SER D 264 4.39 -35.02 21.17
N ASP D 265 5.18 -34.90 22.25
CA ASP D 265 6.41 -35.68 22.34
C ASP D 265 6.10 -37.17 22.43
N LEU D 266 5.05 -37.54 23.16
CA LEU D 266 4.63 -38.94 23.21
C LEU D 266 4.11 -39.41 21.85
N LYS D 267 3.41 -38.54 21.13
CA LYS D 267 2.94 -38.91 19.79
C LYS D 267 4.11 -39.13 18.85
N GLU D 268 5.13 -38.28 18.92
CA GLU D 268 6.32 -38.46 18.10
C GLU D 268 7.06 -39.73 18.49
N LEU D 269 7.13 -40.03 19.79
CA LEU D 269 7.76 -41.28 20.24
C LEU D 269 7.01 -42.48 19.70
N CYS D 270 5.67 -42.44 19.75
CA CYS D 270 4.87 -43.54 19.20
C CYS D 270 5.08 -43.69 17.70
N ARG D 271 5.13 -42.57 16.97
CA ARG D 271 5.31 -42.64 15.52
C ARG D 271 6.68 -43.20 15.17
N GLU D 272 7.73 -42.73 15.84
CA GLU D 272 9.08 -43.23 15.58
C GLU D 272 9.22 -44.70 15.96
N ALA D 273 8.61 -45.10 17.09
CA ALA D 273 8.67 -46.50 17.50
C ALA D 273 7.93 -47.39 16.51
N ALA D 274 6.76 -46.97 16.05
CA ALA D 274 6.03 -47.76 15.06
C ALA D 274 6.80 -47.86 13.76
N LEU D 275 7.45 -46.77 13.34
CA LEU D 275 8.25 -46.80 12.12
C LEU D 275 9.43 -47.75 12.25
N ASP D 276 10.10 -47.72 13.40
CA ASP D 276 11.24 -48.60 13.63
C ASP D 276 10.80 -50.06 13.65
N ALA D 277 9.62 -50.32 14.23
CA ALA D 277 9.12 -51.68 14.29
C ALA D 277 8.65 -52.18 12.92
N ALA D 278 8.13 -51.29 12.09
CA ALA D 278 7.54 -51.70 10.81
C ALA D 278 8.43 -51.39 9.61
N LYS D 279 9.70 -51.02 9.83
CA LYS D 279 10.59 -50.79 8.70
C LYS D 279 10.78 -52.04 7.85
N GLU D 280 10.78 -53.22 8.48
CA GLU D 280 10.92 -54.46 7.71
C GLU D 280 9.66 -54.73 6.89
N TYR D 281 8.48 -54.41 7.45
CA TYR D 281 7.24 -54.52 6.69
C TYR D 281 7.25 -53.55 5.51
N ILE D 282 7.77 -52.34 5.72
CA ILE D 282 7.85 -51.35 4.65
C ILE D 282 8.76 -51.85 3.54
N LYS D 283 9.92 -52.41 3.90
CA LYS D 283 10.83 -52.92 2.88
C LYS D 283 10.27 -54.15 2.19
N GLN D 284 9.48 -54.96 2.89
CA GLN D 284 8.79 -56.06 2.24
C GLN D 284 7.76 -55.55 1.23
N LYS D 285 7.03 -54.50 1.58
CA LYS D 285 6.09 -53.89 0.63
C LYS D 285 6.83 -53.27 -0.55
N ARG D 286 8.04 -52.76 -0.32
CA ARG D 286 8.84 -52.22 -1.42
C ARG D 286 9.21 -53.30 -2.42
N GLN D 287 9.54 -54.50 -1.95
CA GLN D 287 9.88 -55.62 -2.82
C GLN D 287 8.66 -56.10 -3.60
N LYS D 303 2.44 -58.50 7.36
CA LYS D 303 1.84 -57.91 8.56
C LYS D 303 2.84 -57.00 9.27
N ILE D 304 2.33 -56.22 10.22
CA ILE D 304 3.15 -55.32 11.02
C ILE D 304 3.73 -56.10 12.19
N ARG D 305 5.01 -55.90 12.45
CA ARG D 305 5.65 -56.54 13.60
C ARG D 305 5.05 -55.98 14.89
N PRO D 306 4.81 -56.82 15.90
CA PRO D 306 4.30 -56.30 17.18
C PRO D 306 5.29 -55.33 17.82
N LEU D 307 4.75 -54.30 18.45
CA LEU D 307 5.58 -53.31 19.12
C LEU D 307 6.05 -53.83 20.47
N LYS D 308 7.32 -53.60 20.77
CA LYS D 308 7.96 -54.14 21.96
C LYS D 308 8.52 -53.00 22.83
N THR D 309 8.84 -53.35 24.09
CA THR D 309 9.36 -52.34 25.00
C THR D 309 10.77 -51.91 24.65
N LYS D 310 11.55 -52.79 24.04
CA LYS D 310 12.89 -52.42 23.59
C LYS D 310 12.77 -51.42 22.46
N ASP D 311 11.75 -51.56 21.63
CA ASP D 311 11.56 -50.69 20.48
C ASP D 311 11.27 -49.25 20.92
N PHE D 312 10.46 -49.08 21.96
CA PHE D 312 10.20 -47.74 22.48
C PHE D 312 11.39 -47.22 23.29
N THR D 313 11.98 -48.07 24.13
CA THR D 313 12.97 -47.59 25.09
C THR D 313 14.31 -47.29 24.43
N LYS D 314 14.64 -47.95 23.33
CA LYS D 314 15.90 -47.66 22.64
C LYS D 314 15.91 -46.25 22.08
N LYS D 315 14.79 -45.83 21.46
CA LYS D 315 14.68 -44.46 20.96
C LYS D 315 14.72 -43.45 22.10
N LEU D 316 14.05 -43.76 23.20
CA LEU D 316 14.01 -42.87 24.36
C LEU D 316 15.37 -42.82 25.05
N ARG D 317 15.66 -41.67 25.67
CA ARG D 317 16.92 -41.48 26.37
C ARG D 317 17.07 -42.44 27.55
N MET D 318 15.98 -42.66 28.29
CA MET D 318 15.96 -43.53 29.48
C MET D 318 17.00 -43.12 30.52
N SER E 11 -28.07 -2.26 4.79
CA SER E 11 -28.64 -3.56 5.11
C SER E 11 -30.13 -3.43 5.42
N ARG E 12 -30.91 -4.43 4.99
CA ARG E 12 -32.34 -4.44 5.29
C ARG E 12 -32.58 -4.67 6.78
N GLU E 13 -31.82 -5.58 7.39
CA GLU E 13 -31.97 -5.84 8.81
C GLU E 13 -31.58 -4.61 9.64
N SER E 14 -30.50 -3.93 9.24
CA SER E 14 -30.10 -2.71 9.93
C SER E 14 -31.14 -1.62 9.78
N LYS E 15 -31.75 -1.52 8.60
CA LYS E 15 -32.81 -0.52 8.39
C LYS E 15 -34.02 -0.83 9.25
N ALA E 16 -34.39 -2.11 9.37
CA ALA E 16 -35.49 -2.48 10.26
C ALA E 16 -35.16 -2.18 11.71
N LYS E 17 -33.90 -2.41 12.11
CA LYS E 17 -33.48 -2.08 13.46
C LYS E 17 -33.56 -0.56 13.71
N GLN E 18 -33.17 0.24 12.72
CA GLN E 18 -33.27 1.69 12.86
C GLN E 18 -34.72 2.12 12.99
N SER E 19 -35.61 1.52 12.21
CA SER E 19 -37.04 1.84 12.31
C SER E 19 -37.59 1.46 13.67
N LEU E 20 -37.21 0.29 14.19
CA LEU E 20 -37.66 -0.13 15.52
C LEU E 20 -37.15 0.82 16.60
N GLN E 21 -35.88 1.22 16.51
CA GLN E 21 -35.31 2.14 17.50
C GLN E 21 -36.00 3.50 17.44
N TRP E 22 -36.31 3.98 16.24
CA TRP E 22 -37.01 5.25 16.10
C TRP E 22 -38.42 5.18 16.67
N GLU E 23 -39.12 4.06 16.42
CA GLU E 23 -40.45 3.90 17.00
C GLU E 23 -40.40 3.85 18.52
N LYS E 24 -39.40 3.16 19.08
CA LYS E 24 -39.26 3.10 20.52
C LYS E 24 -38.93 4.47 21.11
N LEU E 25 -38.09 5.25 20.40
CA LEU E 25 -37.77 6.59 20.87
C LEU E 25 -38.97 7.52 20.83
N VAL E 26 -39.79 7.40 19.77
CA VAL E 26 -41.00 8.21 19.68
C VAL E 26 -41.99 7.82 20.78
N LYS E 27 -42.10 6.52 21.07
CA LYS E 27 -42.95 6.07 22.16
C LYS E 27 -42.45 6.60 23.51
N ARG E 28 -41.13 6.59 23.72
CA ARG E 28 -40.57 7.07 24.97
C ARG E 28 -40.79 8.57 25.14
N SER E 29 -40.54 9.35 24.10
CA SER E 29 -40.70 10.80 24.15
C SER E 29 -41.48 11.27 22.93
N PRO E 30 -42.70 11.78 23.11
CA PRO E 30 -43.49 12.21 21.95
C PRO E 30 -42.92 13.42 21.23
N ALA E 31 -42.03 14.19 21.86
CA ALA E 31 -41.48 15.38 21.23
C ALA E 31 -40.55 15.04 20.07
N LEU E 32 -39.96 13.85 20.08
CA LEU E 32 -39.03 13.46 19.03
C LEU E 32 -39.73 13.03 17.75
N ALA E 33 -41.06 12.91 17.76
CA ALA E 33 -41.76 12.42 16.58
C ALA E 33 -41.71 13.42 15.43
N GLU E 34 -41.81 14.72 15.74
CA GLU E 34 -41.92 15.72 14.70
C GLU E 34 -40.59 16.02 14.00
N VAL E 35 -39.46 15.60 14.58
CA VAL E 35 -38.17 15.91 13.99
C VAL E 35 -37.86 14.94 12.85
N THR E 36 -36.94 15.35 11.99
CA THR E 36 -36.52 14.56 10.83
C THR E 36 -35.01 14.38 10.86
N LEU E 37 -34.56 13.18 10.52
CA LEU E 37 -33.15 12.83 10.58
C LEU E 37 -32.58 12.64 9.18
N ASP E 38 -31.29 12.90 9.05
CA ASP E 38 -30.58 12.65 7.80
C ASP E 38 -30.27 11.16 7.66
N ALA E 39 -29.64 10.80 6.55
CA ALA E 39 -29.25 9.41 6.35
C ALA E 39 -28.19 8.98 7.35
N TYR E 40 -27.21 9.87 7.60
CA TYR E 40 -26.16 9.55 8.56
C TYR E 40 -26.69 9.52 9.99
N GLU E 41 -27.62 10.43 10.31
CA GLU E 41 -28.29 10.36 11.60
C GLU E 41 -29.10 9.07 11.72
N ARG E 42 -29.71 8.64 10.61
CA ARG E 42 -30.49 7.40 10.63
C ARG E 42 -29.60 6.19 10.87
N THR E 43 -28.40 6.16 10.28
CA THR E 43 -27.55 5.00 10.54
C THR E 43 -26.89 5.10 11.91
N ILE E 44 -26.78 6.30 12.48
CA ILE E 44 -26.37 6.41 13.88
C ILE E 44 -27.46 5.89 14.80
N LEU E 45 -28.72 6.06 14.40
CA LEU E 45 -29.87 5.65 15.21
C LEU E 45 -29.88 4.16 15.52
N SER E 46 -29.16 3.34 14.75
CA SER E 46 -29.04 1.92 15.04
C SER E 46 -28.29 1.62 16.33
N SER E 47 -27.58 2.60 16.89
CA SER E 47 -26.85 2.42 18.13
C SER E 47 -27.63 2.89 19.35
N ILE E 48 -28.88 3.30 19.18
CA ILE E 48 -29.69 3.75 20.31
C ILE E 48 -30.00 2.59 21.22
N VAL E 49 -29.74 2.75 22.51
CA VAL E 49 -29.96 1.72 23.52
C VAL E 49 -31.22 2.10 24.29
N THR E 50 -32.29 1.39 24.05
CA THR E 50 -33.54 1.53 24.79
C THR E 50 -33.41 0.85 26.15
N PRO E 51 -34.01 1.39 27.20
CA PRO E 51 -33.89 0.75 28.53
C PRO E 51 -34.48 -0.64 28.62
N ASP E 52 -35.36 -1.05 27.71
CA ASP E 52 -35.90 -2.40 27.78
C ASP E 52 -34.88 -3.46 27.37
N GLU E 53 -33.85 -3.09 26.63
CA GLU E 53 -32.83 -4.04 26.21
C GLU E 53 -31.81 -4.32 27.31
N ILE E 54 -31.83 -3.56 28.40
CA ILE E 54 -30.85 -3.68 29.48
C ILE E 54 -31.55 -4.31 30.68
N ASN E 55 -30.94 -5.36 31.23
CA ASN E 55 -31.49 -6.03 32.39
C ASN E 55 -30.90 -5.53 33.71
N ILE E 56 -29.77 -4.84 33.68
CA ILE E 56 -29.11 -4.39 34.90
C ILE E 56 -29.70 -3.05 35.33
N THR E 57 -30.15 -2.98 36.57
CA THR E 57 -30.63 -1.74 37.18
C THR E 57 -29.55 -1.18 38.09
N PHE E 58 -29.82 -0.01 38.67
CA PHE E 58 -28.85 0.61 39.56
C PHE E 58 -28.65 -0.20 40.84
N GLN E 59 -29.69 -0.89 41.28
CA GLN E 59 -29.59 -1.68 42.49
C GLN E 59 -28.80 -2.97 42.29
N ASP E 60 -28.60 -3.39 41.03
CA ASP E 60 -27.80 -4.58 40.77
C ASP E 60 -26.32 -4.34 41.02
N ILE E 61 -25.87 -3.09 40.92
CA ILE E 61 -24.49 -2.73 41.19
C ILE E 61 -24.35 -2.50 42.69
N GLY E 62 -23.50 -3.29 43.33
CA GLY E 62 -23.24 -3.17 44.75
C GLY E 62 -21.78 -2.83 45.01
N GLY E 63 -21.50 -2.45 46.25
CA GLY E 63 -20.14 -2.19 46.66
C GLY E 63 -19.58 -0.86 46.19
N LEU E 64 -20.41 0.01 45.64
CA LEU E 64 -19.93 1.31 45.18
C LEU E 64 -20.92 2.43 45.50
N ASP E 65 -21.78 2.25 46.50
CA ASP E 65 -22.90 3.16 46.74
C ASP E 65 -22.54 4.64 46.83
N PRO E 66 -21.45 5.07 47.49
CA PRO E 66 -21.07 6.49 47.36
C PRO E 66 -20.78 6.91 45.94
N LEU E 67 -20.20 6.02 45.11
CA LEU E 67 -19.94 6.38 43.71
C LEU E 67 -21.23 6.53 42.92
N ILE E 68 -22.22 5.66 43.14
CA ILE E 68 -23.50 5.83 42.47
C ILE E 68 -24.18 7.11 42.96
N SER E 69 -24.10 7.42 44.25
CA SER E 69 -24.71 8.65 44.75
C SER E 69 -24.06 9.88 44.13
N ASP E 70 -22.72 9.88 44.04
CA ASP E 70 -22.00 10.97 43.40
C ASP E 70 -22.37 11.07 41.92
N LEU E 71 -22.43 9.94 41.23
CA LEU E 71 -22.78 9.92 39.82
C LEU E 71 -24.18 10.49 39.60
N HIS E 72 -25.13 10.09 40.43
CA HIS E 72 -26.48 10.64 40.35
C HIS E 72 -26.46 12.15 40.54
N GLU E 73 -26.01 12.60 41.72
CA GLU E 73 -26.12 14.02 42.09
C GLU E 73 -25.33 14.93 41.17
N SER E 74 -24.24 14.45 40.56
CA SER E 74 -23.40 15.31 39.75
C SER E 74 -23.56 15.11 38.25
N VAL E 75 -24.25 14.06 37.82
CA VAL E 75 -24.32 13.75 36.40
C VAL E 75 -25.76 13.61 35.96
N ILE E 76 -26.54 12.77 36.65
CA ILE E 76 -27.84 12.38 36.12
C ILE E 76 -28.87 13.44 36.41
N TYR E 77 -28.99 13.83 37.68
CA TYR E 77 -29.93 14.89 38.03
C TYR E 77 -29.62 16.24 37.40
N PRO E 78 -28.37 16.72 37.33
CA PRO E 78 -28.13 17.95 36.56
C PRO E 78 -28.48 17.81 35.08
N LEU E 79 -28.26 16.64 34.49
CA LEU E 79 -28.59 16.46 33.07
C LEU E 79 -30.09 16.31 32.86
N MET E 80 -30.76 15.53 33.69
CA MET E 80 -32.15 15.17 33.43
C MET E 80 -33.15 16.05 34.15
N MET E 81 -32.72 16.82 35.15
CA MET E 81 -33.58 17.78 35.84
C MET E 81 -32.90 19.14 35.81
N PRO E 82 -32.89 19.80 34.65
CA PRO E 82 -32.20 21.10 34.56
C PRO E 82 -32.97 22.24 35.18
N GLU E 83 -34.29 22.12 35.35
CA GLU E 83 -35.07 23.18 35.96
C GLU E 83 -34.71 23.35 37.43
N VAL E 84 -34.25 22.28 38.09
CA VAL E 84 -33.83 22.39 39.48
C VAL E 84 -32.50 23.12 39.58
N TYR E 85 -31.58 22.83 38.67
CA TYR E 85 -30.24 23.40 38.69
C TYR E 85 -30.11 24.68 37.89
N SER E 86 -31.21 25.20 37.33
CA SER E 86 -31.15 26.37 36.47
C SER E 86 -30.86 27.66 37.22
N ASN E 87 -30.84 27.64 38.55
CA ASN E 87 -30.58 28.85 39.33
C ASN E 87 -29.17 29.38 39.08
N SER E 88 -28.19 28.49 38.99
CA SER E 88 -26.82 28.89 38.76
C SER E 88 -26.26 28.20 37.53
N PRO E 89 -25.64 28.94 36.60
CA PRO E 89 -25.01 28.29 35.43
C PRO E 89 -23.91 27.31 35.77
N LEU E 90 -23.32 27.38 36.96
CA LEU E 90 -22.26 26.44 37.33
C LEU E 90 -22.79 25.07 37.73
N LEU E 91 -24.11 24.90 37.83
CA LEU E 91 -24.70 23.64 38.27
C LEU E 91 -25.10 22.73 37.12
N GLN E 92 -24.77 23.09 35.88
CA GLN E 92 -25.18 22.28 34.74
C GLN E 92 -24.36 21.00 34.65
N ALA E 93 -24.85 20.07 33.83
CA ALA E 93 -24.22 18.77 33.70
C ALA E 93 -22.87 18.89 33.01
N PRO E 94 -21.92 18.00 33.35
CA PRO E 94 -20.62 18.05 32.70
C PRO E 94 -20.69 17.69 31.22
N SER E 95 -19.71 18.16 30.48
CA SER E 95 -19.64 17.86 29.05
C SER E 95 -19.41 16.38 28.82
N GLY E 96 -18.55 15.75 29.62
CA GLY E 96 -18.27 14.35 29.48
C GLY E 96 -18.00 13.71 30.81
N VAL E 97 -18.09 12.38 30.85
CA VAL E 97 -17.87 11.60 32.05
C VAL E 97 -16.95 10.44 31.68
N LEU E 98 -15.90 10.24 32.47
CA LEU E 98 -14.95 9.17 32.26
C LEU E 98 -15.09 8.17 33.41
N LEU E 99 -15.56 6.97 33.09
CA LEU E 99 -15.65 5.91 34.09
C LEU E 99 -14.39 5.04 34.07
N TYR E 100 -13.23 5.67 34.19
CA TYR E 100 -11.98 4.92 34.12
C TYR E 100 -11.78 4.11 35.40
N GLY E 101 -10.98 3.05 35.28
CA GLY E 101 -10.68 2.18 36.39
C GLY E 101 -10.16 0.84 35.92
N PRO E 102 -9.72 0.01 36.87
CA PRO E 102 -9.21 -1.30 36.50
C PRO E 102 -10.32 -2.17 35.94
N PRO E 103 -9.97 -3.16 35.11
CA PRO E 103 -11.01 -4.01 34.52
C PRO E 103 -11.70 -4.87 35.57
N GLY E 104 -12.97 -5.17 35.32
CA GLY E 104 -13.74 -5.99 36.23
C GLY E 104 -14.25 -5.29 37.47
N CYS E 105 -14.28 -3.97 37.48
CA CYS E 105 -14.72 -3.24 38.65
C CYS E 105 -16.14 -2.70 38.55
N GLY E 106 -16.73 -2.69 37.37
CA GLY E 106 -18.13 -2.38 37.21
C GLY E 106 -18.48 -1.12 36.44
N LYS E 107 -17.59 -0.60 35.61
CA LYS E 107 -17.91 0.60 34.86
C LYS E 107 -18.96 0.33 33.78
N THR E 108 -18.93 -0.87 33.18
CA THR E 108 -19.97 -1.22 32.23
C THR E 108 -21.31 -1.43 32.92
N MET E 109 -21.29 -1.91 34.17
CA MET E 109 -22.52 -1.97 34.96
C MET E 109 -23.10 -0.59 35.17
N LEU E 110 -22.25 0.39 35.51
CA LEU E 110 -22.72 1.75 35.68
C LEU E 110 -23.29 2.29 34.38
N ALA E 111 -22.63 2.01 33.26
CA ALA E 111 -23.14 2.47 31.97
C ALA E 111 -24.48 1.84 31.64
N LYS E 112 -24.66 0.55 31.96
CA LYS E 112 -25.95 -0.09 31.77
C LYS E 112 -27.02 0.57 32.63
N ALA E 113 -26.68 0.89 33.87
CA ALA E 113 -27.64 1.55 34.75
C ALA E 113 -27.98 2.95 34.25
N LEU E 114 -27.03 3.64 33.64
CA LEU E 114 -27.29 4.96 33.08
C LEU E 114 -28.20 4.79 31.87
N ALA E 115 -28.01 3.71 31.12
CA ALA E 115 -28.85 3.44 29.97
C ALA E 115 -30.29 3.16 30.38
N LYS E 116 -30.47 2.46 31.50
CA LYS E 116 -31.81 2.00 31.89
C LYS E 116 -32.53 3.00 32.80
N GLU E 117 -31.95 3.30 33.95
CA GLU E 117 -32.68 3.98 35.01
C GLU E 117 -32.60 5.50 34.89
N SER E 118 -31.52 6.01 34.31
CA SER E 118 -31.33 7.48 34.26
C SER E 118 -32.38 8.19 33.43
N GLY E 119 -32.93 7.51 32.43
CA GLY E 119 -33.95 8.10 31.61
C GLY E 119 -33.41 8.96 30.48
N ALA E 120 -32.10 8.98 30.31
CA ALA E 120 -31.51 9.71 29.21
C ALA E 120 -31.58 8.91 27.92
N ASN E 121 -31.85 9.54 26.80
CA ASN E 121 -31.74 8.85 25.54
C ASN E 121 -30.31 8.38 25.46
N PHE E 122 -30.08 7.13 25.09
CA PHE E 122 -28.73 6.60 25.14
C PHE E 122 -28.23 6.12 23.81
N ILE E 123 -27.05 6.58 23.40
CA ILE E 123 -26.47 6.06 22.18
C ILE E 123 -25.22 5.35 22.62
N SER E 124 -25.13 4.05 22.39
CA SER E 124 -23.89 3.36 22.70
C SER E 124 -23.30 3.15 21.35
N ILE E 125 -22.18 3.79 21.09
CA ILE E 125 -21.61 3.70 19.76
C ILE E 125 -20.30 2.92 19.73
N ARG E 126 -20.29 1.83 18.98
CA ARG E 126 -19.05 1.10 18.83
C ARG E 126 -18.26 1.70 17.68
N MET E 127 -16.94 1.59 17.77
CA MET E 127 -16.06 2.09 16.70
C MET E 127 -16.35 1.57 15.31
N SER E 128 -16.92 0.38 15.22
CA SER E 128 -17.14 -0.21 13.91
C SER E 128 -18.09 0.67 13.12
N SER E 129 -19.14 1.15 13.76
CA SER E 129 -20.07 2.05 13.08
C SER E 129 -19.41 3.36 12.71
N ILE E 130 -18.58 3.90 13.59
CA ILE E 130 -17.96 5.21 13.33
C ILE E 130 -17.06 5.23 12.11
N MET E 131 -16.23 4.20 11.93
CA MET E 131 -15.28 4.21 10.83
C MET E 131 -15.88 3.71 9.52
N ASP E 132 -15.26 4.09 8.39
CA ASP E 132 -15.79 3.72 7.10
C ASP E 132 -14.64 3.63 6.11
N LYS E 133 -14.73 2.68 5.18
CA LYS E 133 -13.70 2.56 4.16
C LYS E 133 -13.74 3.75 3.20
N TRP E 134 -14.91 4.33 2.98
CA TRP E 134 -15.03 5.41 2.02
C TRP E 134 -14.44 6.69 2.60
N TYR E 135 -14.28 7.68 1.74
CA TYR E 135 -13.48 8.86 2.04
C TYR E 135 -14.37 9.94 2.63
N GLY E 136 -14.13 10.29 3.89
CA GLY E 136 -14.88 11.34 4.53
C GLY E 136 -16.25 10.95 5.04
N GLU E 137 -16.60 9.66 4.99
CA GLU E 137 -17.86 9.20 5.55
C GLU E 137 -17.81 9.12 7.08
N SER E 138 -16.64 8.82 7.65
CA SER E 138 -16.53 8.69 9.09
C SER E 138 -16.76 10.03 9.79
N ASN E 139 -16.25 11.11 9.21
CA ASN E 139 -16.48 12.44 9.76
C ASN E 139 -17.96 12.80 9.73
N LYS E 140 -18.65 12.47 8.64
CA LYS E 140 -20.09 12.72 8.58
C LYS E 140 -20.83 11.84 9.57
N ILE E 141 -20.34 10.62 9.82
CA ILE E 141 -20.96 9.73 10.79
C ILE E 141 -20.89 10.35 12.19
N VAL E 142 -19.72 10.85 12.57
CA VAL E 142 -19.56 11.47 13.88
C VAL E 142 -20.36 12.77 13.98
N ASP E 143 -20.35 13.59 12.91
CA ASP E 143 -21.13 14.81 12.91
C ASP E 143 -22.60 14.53 13.08
N ALA E 144 -23.10 13.49 12.42
CA ALA E 144 -24.51 13.14 12.56
C ALA E 144 -24.79 12.51 13.90
N MET E 145 -23.81 11.83 14.50
CA MET E 145 -23.98 11.32 15.85
C MET E 145 -24.20 12.46 16.82
N PHE E 146 -23.39 13.51 16.71
CA PHE E 146 -23.57 14.67 17.59
C PHE E 146 -24.86 15.41 17.28
N SER E 147 -25.23 15.51 15.99
CA SER E 147 -26.47 16.18 15.62
C SER E 147 -27.69 15.44 16.13
N LEU E 148 -27.69 14.11 16.02
CA LEU E 148 -28.78 13.31 16.55
C LEU E 148 -28.85 13.39 18.06
N ALA E 149 -27.69 13.42 18.73
CA ALA E 149 -27.67 13.61 20.17
C ALA E 149 -28.28 14.96 20.53
N ASN E 150 -28.00 15.99 19.74
CA ASN E 150 -28.63 17.29 19.97
C ASN E 150 -30.12 17.23 19.75
N LYS E 151 -30.57 16.47 18.74
CA LYS E 151 -32.00 16.41 18.44
C LYS E 151 -32.76 15.68 19.54
N LEU E 152 -32.22 14.56 20.02
CA LEU E 152 -32.76 13.89 21.19
C LEU E 152 -32.13 14.54 22.41
N GLN E 153 -32.72 15.66 22.84
CA GLN E 153 -32.03 16.67 23.63
C GLN E 153 -31.32 16.17 24.88
N PRO E 154 -31.91 15.33 25.76
CA PRO E 154 -31.14 14.87 26.92
C PRO E 154 -30.38 13.58 26.63
N CYS E 155 -29.49 13.62 25.64
CA CYS E 155 -28.84 12.41 25.16
C CYS E 155 -27.57 12.12 25.94
N ILE E 156 -27.19 10.84 25.92
CA ILE E 156 -25.91 10.38 26.44
C ILE E 156 -25.26 9.54 25.36
N ILE E 157 -24.05 9.91 24.95
CA ILE E 157 -23.29 9.13 23.98
C ILE E 157 -22.25 8.34 24.76
N PHE E 158 -22.39 7.02 24.75
CA PHE E 158 -21.48 6.15 25.47
C PHE E 158 -20.54 5.47 24.49
N ILE E 159 -19.25 5.59 24.72
CA ILE E 159 -18.22 4.93 23.92
C ILE E 159 -17.47 4.02 24.87
N ASP E 160 -17.79 2.73 24.83
CA ASP E 160 -17.06 1.76 25.64
C ASP E 160 -15.65 1.57 25.08
N GLN E 161 -14.69 1.36 25.98
CA GLN E 161 -13.27 1.31 25.67
C GLN E 161 -12.86 2.57 24.91
N ILE E 162 -13.11 3.72 25.54
CA ILE E 162 -12.93 5.01 24.88
C ILE E 162 -11.47 5.39 24.70
N ASP E 163 -10.54 4.65 25.29
CA ASP E 163 -9.13 4.99 25.11
C ASP E 163 -8.68 4.78 23.67
N SER E 164 -9.28 3.81 22.96
CA SER E 164 -8.88 3.55 21.58
C SER E 164 -9.39 4.63 20.63
N PHE E 165 -10.64 5.05 20.81
CA PHE E 165 -11.21 6.10 19.97
C PHE E 165 -10.50 7.43 20.21
N LEU E 166 -10.19 7.74 21.46
CA LEU E 166 -9.61 9.02 21.83
C LEU E 166 -8.14 8.87 22.22
N ARG E 167 -7.41 8.03 21.48
CA ARG E 167 -6.00 7.79 21.77
C ARG E 167 -5.18 9.06 21.56
N GLU E 168 -3.97 9.06 22.11
CA GLU E 168 -3.07 10.18 21.99
C GLU E 168 -2.70 10.39 20.52
N ARG E 169 -3.02 11.57 20.00
CA ARG E 169 -2.78 11.84 18.59
C ARG E 169 -1.29 11.93 18.29
N SER E 170 -0.88 11.33 17.18
CA SER E 170 0.51 11.35 16.77
C SER E 170 0.58 11.58 15.26
N SER E 171 1.78 11.94 14.80
CA SER E 171 1.97 12.18 13.37
C SER E 171 1.89 10.90 12.55
N THR E 172 2.08 9.75 13.18
CA THR E 172 1.98 8.47 12.48
C THR E 172 0.57 7.94 12.38
N ASP E 173 -0.42 8.68 12.88
CA ASP E 173 -1.80 8.25 12.80
C ASP E 173 -2.28 8.28 11.36
N HIS E 174 -3.26 7.43 11.07
CA HIS E 174 -3.90 7.46 9.76
C HIS E 174 -4.63 8.79 9.58
N GLU E 175 -4.74 9.20 8.32
CA GLU E 175 -5.34 10.50 8.02
C GLU E 175 -6.80 10.56 8.46
N VAL E 176 -7.54 9.48 8.20
CA VAL E 176 -8.94 9.46 8.61
C VAL E 176 -9.06 9.40 10.13
N THR E 177 -8.17 8.66 10.79
CA THR E 177 -8.22 8.60 12.26
C THR E 177 -7.99 9.98 12.87
N ALA E 178 -6.92 10.66 12.46
CA ALA E 178 -6.61 11.97 13.03
C ALA E 178 -7.67 13.00 12.68
N THR E 179 -8.14 13.00 11.43
CA THR E 179 -9.19 13.92 11.02
C THR E 179 -10.48 13.66 11.80
N LEU E 180 -10.80 12.38 12.00
CA LEU E 180 -11.99 11.99 12.75
C LEU E 180 -11.90 12.43 14.20
N LYS E 181 -10.74 12.24 14.81
CA LYS E 181 -10.56 12.65 16.20
C LYS E 181 -10.63 14.16 16.35
N ALA E 182 -10.08 14.90 15.39
CA ALA E 182 -10.19 16.35 15.43
C ALA E 182 -11.64 16.80 15.26
N GLU E 183 -12.40 16.10 14.41
CA GLU E 183 -13.82 16.42 14.24
C GLU E 183 -14.60 16.13 15.51
N PHE E 184 -14.26 15.04 16.19
CA PHE E 184 -14.87 14.75 17.48
C PHE E 184 -14.54 15.83 18.50
N MET E 185 -13.31 16.34 18.48
CA MET E 185 -12.94 17.40 19.42
C MET E 185 -13.68 18.69 19.13
N THR E 186 -13.81 19.07 17.86
CA THR E 186 -14.47 20.33 17.56
C THR E 186 -15.98 20.24 17.72
N LEU E 187 -16.56 19.05 17.61
CA LEU E 187 -17.98 18.92 17.91
C LEU E 187 -18.23 18.84 19.41
N TRP E 188 -17.33 18.18 20.13
CA TRP E 188 -17.51 17.98 21.56
C TRP E 188 -17.47 19.31 22.31
N ASP E 189 -16.48 20.16 22.00
CA ASP E 189 -16.35 21.48 22.62
C ASP E 189 -15.86 22.43 21.53
N GLY E 190 -16.81 23.08 20.86
CA GLY E 190 -16.50 24.02 19.80
C GLY E 190 -17.30 25.30 19.94
N LEU E 191 -17.45 26.04 18.85
CA LEU E 191 -18.24 27.27 18.91
C LEU E 191 -19.72 26.96 19.14
N LEU E 192 -20.26 26.00 18.39
CA LEU E 192 -21.68 25.67 18.50
C LEU E 192 -21.86 24.78 19.72
N ASN E 193 -22.46 25.35 20.77
CA ASN E 193 -22.64 24.61 22.01
C ASN E 193 -23.65 23.49 21.83
N ASN E 194 -23.36 22.34 22.44
CA ASN E 194 -24.27 21.22 22.42
C ASN E 194 -25.43 21.48 23.37
N GLY E 195 -26.47 20.68 23.22
CA GLY E 195 -27.60 20.75 24.13
C GLY E 195 -27.31 20.01 25.42
N ARG E 196 -28.26 19.22 25.90
CA ARG E 196 -28.02 18.38 27.07
C ARG E 196 -27.42 17.04 26.64
N VAL E 197 -26.25 17.12 26.01
CA VAL E 197 -25.55 15.98 25.45
C VAL E 197 -24.32 15.71 26.28
N MET E 198 -24.15 14.47 26.72
CA MET E 198 -23.03 14.07 27.55
C MET E 198 -22.35 12.86 26.92
N ILE E 199 -21.03 12.92 26.81
CA ILE E 199 -20.25 11.83 26.23
C ILE E 199 -19.63 11.05 27.39
N ILE E 200 -20.23 9.92 27.72
CA ILE E 200 -19.75 9.08 28.81
C ILE E 200 -18.77 8.07 28.25
N GLY E 201 -17.62 7.94 28.88
CA GLY E 201 -16.62 7.00 28.43
C GLY E 201 -16.15 6.09 29.55
N ALA E 202 -15.76 4.89 29.17
CA ALA E 202 -15.18 3.92 30.10
C ALA E 202 -13.90 3.40 29.48
N THR E 203 -12.88 3.20 30.31
CA THR E 203 -11.60 2.71 29.81
C THR E 203 -10.86 2.02 30.94
N ASN E 204 -10.00 1.08 30.56
CA ASN E 204 -9.11 0.47 31.53
C ASN E 204 -7.84 1.29 31.74
N ARG E 205 -7.37 1.97 30.70
CA ARG E 205 -6.18 2.80 30.75
C ARG E 205 -6.59 4.24 30.46
N ILE E 206 -6.58 5.08 31.48
CA ILE E 206 -6.90 6.49 31.29
C ILE E 206 -5.72 7.22 30.64
N ASN E 207 -4.50 6.75 30.84
CA ASN E 207 -3.33 7.44 30.31
C ASN E 207 -3.24 7.37 28.80
N ASP E 208 -3.97 6.46 28.15
CA ASP E 208 -3.96 6.40 26.69
C ASP E 208 -4.81 7.48 26.05
N ILE E 209 -5.73 8.10 26.80
CA ILE E 209 -6.59 9.12 26.23
C ILE E 209 -5.80 10.41 26.02
N ASP E 210 -6.12 11.13 24.95
CA ASP E 210 -5.45 12.38 24.65
C ASP E 210 -5.79 13.44 25.70
N ASP E 211 -4.83 14.34 25.93
CA ASP E 211 -5.06 15.41 26.90
C ASP E 211 -6.19 16.33 26.47
N ALA E 212 -6.28 16.60 25.16
CA ALA E 212 -7.37 17.42 24.66
C ALA E 212 -8.70 16.69 24.79
N PHE E 213 -8.69 15.37 24.79
CA PHE E 213 -9.88 14.58 25.08
C PHE E 213 -10.11 14.39 26.57
N LEU E 214 -9.04 14.29 27.35
CA LEU E 214 -9.18 14.16 28.79
C LEU E 214 -9.80 15.42 29.40
N ARG E 215 -9.41 16.59 28.90
CA ARG E 215 -10.02 17.83 29.36
C ARG E 215 -11.48 17.95 28.97
N ARG E 216 -11.93 17.18 27.98
CA ARG E 216 -13.33 17.16 27.58
C ARG E 216 -14.15 16.15 28.38
N LEU E 217 -13.51 15.44 29.30
CA LEU E 217 -14.18 14.53 30.23
C LEU E 217 -13.80 15.02 31.63
N PRO E 218 -14.41 16.09 32.10
CA PRO E 218 -13.94 16.70 33.35
C PRO E 218 -14.32 15.92 34.59
N LYS E 219 -15.52 15.34 34.62
CA LYS E 219 -15.97 14.56 35.78
C LYS E 219 -15.57 13.11 35.53
N ARG E 220 -14.51 12.67 36.20
CA ARG E 220 -13.99 11.33 36.04
C ARG E 220 -14.30 10.52 37.29
N PHE E 221 -14.97 9.38 37.11
CA PHE E 221 -15.30 8.48 38.20
C PHE E 221 -14.33 7.30 38.18
N LEU E 222 -13.54 7.17 39.23
CA LEU E 222 -12.60 6.07 39.36
C LEU E 222 -13.32 4.88 39.95
N VAL E 223 -13.60 3.87 39.12
CA VAL E 223 -14.20 2.63 39.58
C VAL E 223 -13.04 1.72 39.96
N SER E 224 -12.59 1.85 41.20
CA SER E 224 -11.40 1.15 41.66
C SER E 224 -11.73 -0.29 42.04
N LEU E 225 -10.71 -1.04 42.44
CA LEU E 225 -10.90 -2.40 42.90
C LEU E 225 -11.71 -2.40 44.19
N PRO E 226 -12.56 -3.41 44.40
CA PRO E 226 -13.41 -3.43 45.58
C PRO E 226 -12.62 -3.64 46.86
N GLY E 227 -13.02 -2.93 47.92
CA GLY E 227 -12.50 -3.17 49.24
C GLY E 227 -13.23 -4.32 49.92
N SER E 228 -12.83 -4.56 51.18
CA SER E 228 -13.39 -5.70 51.92
C SER E 228 -14.89 -5.53 52.13
N ASP E 229 -15.31 -4.36 52.61
CA ASP E 229 -16.74 -4.10 52.72
C ASP E 229 -17.39 -4.05 51.35
N GLN E 230 -16.70 -3.48 50.36
CA GLN E 230 -17.21 -3.46 49.00
C GLN E 230 -17.34 -4.87 48.44
N ARG E 231 -16.35 -5.73 48.73
CA ARG E 231 -16.43 -7.12 48.27
C ARG E 231 -17.58 -7.86 48.94
N TYR E 232 -17.82 -7.58 50.23
CA TYR E 232 -18.97 -8.16 50.91
C TYR E 232 -20.28 -7.73 50.26
N LYS E 233 -20.39 -6.44 49.92
CA LYS E 233 -21.60 -5.95 49.27
C LYS E 233 -21.77 -6.57 47.89
N ILE E 234 -20.67 -6.72 47.15
CA ILE E 234 -20.74 -7.29 45.80
C ILE E 234 -21.14 -8.76 45.87
N LEU E 235 -20.59 -9.51 46.83
CA LEU E 235 -20.99 -10.89 47.00
C LEU E 235 -22.44 -11.00 47.44
N SER E 236 -22.90 -10.06 48.28
CA SER E 236 -24.29 -10.09 48.72
C SER E 236 -25.25 -9.82 47.58
N VAL E 237 -24.90 -8.89 46.70
CA VAL E 237 -25.82 -8.58 45.59
C VAL E 237 -25.70 -9.62 44.48
N LEU E 238 -24.55 -10.26 44.32
CA LEU E 238 -24.41 -11.31 43.32
C LEU E 238 -25.17 -12.57 43.71
N LEU E 239 -25.17 -12.89 44.99
CA LEU E 239 -25.85 -14.07 45.52
C LEU E 239 -27.32 -13.82 45.82
N LYS E 240 -27.92 -12.79 45.20
CA LYS E 240 -29.33 -12.55 45.34
C LYS E 240 -30.12 -13.70 44.72
N ASP E 241 -31.25 -14.03 45.35
CA ASP E 241 -32.12 -15.20 45.05
C ASP E 241 -31.30 -16.48 44.82
N THR E 242 -30.26 -16.65 45.64
CA THR E 242 -29.49 -17.89 45.71
C THR E 242 -29.50 -18.37 47.14
N LYS E 243 -29.90 -19.62 47.35
CA LYS E 243 -30.06 -20.15 48.69
C LYS E 243 -28.71 -20.28 49.39
N LEU E 244 -28.63 -19.76 50.61
CA LEU E 244 -27.42 -19.81 51.42
C LEU E 244 -27.75 -20.42 52.77
N ASP E 245 -26.73 -21.00 53.40
CA ASP E 245 -26.91 -21.61 54.71
C ASP E 245 -27.18 -20.53 55.76
N GLU E 246 -28.01 -20.86 56.74
CA GLU E 246 -28.30 -19.92 57.81
C GLU E 246 -27.15 -19.83 58.81
N ASP E 247 -26.44 -20.93 59.03
CA ASP E 247 -25.36 -20.98 60.00
C ASP E 247 -24.01 -21.24 59.37
N GLU E 248 -23.91 -22.23 58.47
CA GLU E 248 -22.62 -22.59 57.91
C GLU E 248 -22.12 -21.57 56.89
N PHE E 249 -23.00 -20.73 56.35
CA PHE E 249 -22.57 -19.73 55.39
C PHE E 249 -22.06 -18.49 56.10
N ASP E 250 -20.86 -18.05 55.72
CA ASP E 250 -20.22 -16.86 56.30
C ASP E 250 -19.69 -16.01 55.14
N LEU E 251 -20.45 -14.97 54.78
CA LEU E 251 -20.03 -14.11 53.67
C LEU E 251 -18.81 -13.28 54.01
N GLN E 252 -18.61 -12.97 55.29
CA GLN E 252 -17.48 -12.13 55.68
C GLN E 252 -16.15 -12.83 55.43
N LEU E 253 -16.08 -14.15 55.68
CA LEU E 253 -14.86 -14.89 55.39
C LEU E 253 -14.56 -14.91 53.91
N ILE E 254 -15.58 -15.08 53.07
CA ILE E 254 -15.40 -15.07 51.63
C ILE E 254 -14.92 -13.69 51.17
N ALA E 255 -15.52 -12.63 51.70
CA ALA E 255 -15.13 -11.28 51.30
C ALA E 255 -13.71 -10.96 51.74
N ASP E 256 -13.33 -11.40 52.93
CA ASP E 256 -11.98 -11.12 53.43
C ASP E 256 -10.94 -11.92 52.68
N ASN E 257 -11.27 -13.15 52.28
CA ASN E 257 -10.28 -14.04 51.69
C ASN E 257 -10.10 -13.83 50.19
N THR E 258 -10.91 -12.99 49.55
CA THR E 258 -10.74 -12.69 48.13
C THR E 258 -9.95 -11.38 47.97
N LYS E 259 -8.70 -11.43 48.43
CA LYS E 259 -7.83 -10.26 48.35
C LYS E 259 -7.47 -9.97 46.90
N GLY E 260 -7.60 -8.71 46.51
CA GLY E 260 -7.29 -8.32 45.13
C GLY E 260 -8.20 -8.93 44.10
N PHE E 261 -9.47 -9.12 44.43
CA PHE E 261 -10.45 -9.70 43.52
C PHE E 261 -11.31 -8.59 42.94
N SER E 262 -11.39 -8.53 41.62
CA SER E 262 -12.32 -7.63 40.98
C SER E 262 -13.73 -8.22 41.02
N GLY E 263 -14.71 -7.42 40.61
CA GLY E 263 -16.09 -7.87 40.65
C GLY E 263 -16.37 -9.02 39.68
N SER E 264 -15.64 -9.06 38.57
CA SER E 264 -15.82 -10.15 37.62
C SER E 264 -15.30 -11.45 38.20
N ASP E 265 -14.17 -11.38 38.89
CA ASP E 265 -13.66 -12.58 39.55
C ASP E 265 -14.61 -13.05 40.65
N LEU E 266 -15.25 -12.11 41.34
CA LEU E 266 -16.26 -12.48 42.32
C LEU E 266 -17.47 -13.14 41.65
N LYS E 267 -17.87 -12.63 40.49
CA LYS E 267 -18.99 -13.23 39.76
C LYS E 267 -18.65 -14.65 39.31
N GLU E 268 -17.44 -14.85 38.80
CA GLU E 268 -17.02 -16.18 38.38
C GLU E 268 -16.89 -17.11 39.58
N LEU E 269 -16.40 -16.59 40.70
CA LEU E 269 -16.34 -17.38 41.93
C LEU E 269 -17.72 -17.82 42.38
N CYS E 270 -18.69 -16.90 42.33
CA CYS E 270 -20.06 -17.25 42.70
C CYS E 270 -20.66 -18.26 41.74
N ARG E 271 -20.40 -18.10 40.43
CA ARG E 271 -20.93 -19.03 39.46
C ARG E 271 -20.35 -20.44 39.64
N GLU E 272 -19.04 -20.53 39.89
CA GLU E 272 -18.44 -21.84 40.10
C GLU E 272 -18.88 -22.45 41.43
N ALA E 273 -19.08 -21.62 42.46
CA ALA E 273 -19.60 -22.15 43.72
C ALA E 273 -21.01 -22.67 43.55
N ALA E 274 -21.84 -21.97 42.77
CA ALA E 274 -23.19 -22.43 42.50
C ALA E 274 -23.18 -23.73 41.71
N LEU E 275 -22.27 -23.84 40.73
CA LEU E 275 -22.15 -25.08 39.96
C LEU E 275 -21.72 -26.23 40.85
N ASP E 276 -20.75 -26.00 41.73
CA ASP E 276 -20.29 -27.05 42.64
C ASP E 276 -21.41 -27.47 43.59
N ALA E 277 -22.17 -26.50 44.11
CA ALA E 277 -23.24 -26.83 45.05
C ALA E 277 -24.39 -27.54 44.34
N ALA E 278 -24.64 -27.22 43.07
CA ALA E 278 -25.76 -27.80 42.35
C ALA E 278 -25.35 -28.90 41.40
N LYS E 279 -24.12 -29.41 41.50
CA LYS E 279 -23.68 -30.51 40.66
C LYS E 279 -24.59 -31.74 40.82
N GLU E 280 -24.92 -32.10 42.06
CA GLU E 280 -25.78 -33.25 42.27
C GLU E 280 -27.21 -32.97 41.80
N TYR E 281 -27.67 -31.72 41.91
CA TYR E 281 -29.00 -31.38 41.40
C TYR E 281 -29.05 -31.48 39.88
N ILE E 282 -27.99 -31.03 39.21
CA ILE E 282 -27.93 -31.14 37.75
C ILE E 282 -27.84 -32.60 37.34
N LYS E 283 -27.10 -33.42 38.11
CA LYS E 283 -27.03 -34.85 37.82
C LYS E 283 -28.40 -35.52 37.97
N GLN E 284 -29.15 -35.16 39.02
CA GLN E 284 -30.49 -35.71 39.19
C GLN E 284 -31.44 -35.21 38.10
N LYS E 285 -31.22 -33.99 37.61
CA LYS E 285 -32.07 -33.48 36.54
C LYS E 285 -31.76 -34.17 35.21
N ARG E 286 -30.49 -34.53 34.99
CA ARG E 286 -30.09 -35.10 33.71
C ARG E 286 -30.75 -36.46 33.47
N GLN E 287 -30.79 -37.31 34.49
CA GLN E 287 -31.48 -38.60 34.41
C GLN E 287 -32.75 -38.50 35.23
N LEU E 288 -33.89 -38.43 34.54
CA LEU E 288 -35.22 -38.27 35.13
C LEU E 288 -35.29 -37.04 36.03
N ILE E 304 -32.33 -27.66 44.86
CA ILE E 304 -31.00 -27.07 44.85
C ILE E 304 -30.46 -26.96 46.26
N ARG E 305 -29.29 -27.55 46.49
CA ARG E 305 -28.65 -27.46 47.79
C ARG E 305 -28.21 -26.02 48.07
N PRO E 306 -28.44 -25.51 49.27
CA PRO E 306 -27.99 -24.15 49.59
C PRO E 306 -26.48 -24.06 49.61
N LEU E 307 -25.97 -22.88 49.26
CA LEU E 307 -24.53 -22.69 49.15
C LEU E 307 -23.90 -22.57 50.53
N LYS E 308 -22.65 -23.06 50.65
CA LYS E 308 -21.92 -23.13 51.91
C LYS E 308 -20.62 -22.35 51.78
N THR E 309 -20.09 -21.93 52.94
CA THR E 309 -18.80 -21.26 52.98
C THR E 309 -17.68 -22.19 52.53
N LYS E 310 -17.81 -23.49 52.85
CA LYS E 310 -16.83 -24.46 52.38
C LYS E 310 -16.83 -24.55 50.86
N ASP E 311 -18.01 -24.35 50.24
CA ASP E 311 -18.10 -24.40 48.79
C ASP E 311 -17.32 -23.27 48.14
N PHE E 312 -17.41 -22.06 48.69
CA PHE E 312 -16.60 -20.95 48.19
C PHE E 312 -15.13 -21.14 48.55
N THR E 313 -14.87 -21.76 49.69
CA THR E 313 -13.49 -21.97 50.14
C THR E 313 -12.75 -22.92 49.21
N LYS E 314 -13.41 -24.00 48.79
CA LYS E 314 -12.77 -24.94 47.86
C LYS E 314 -12.46 -24.27 46.53
N LYS E 315 -13.37 -23.42 46.05
CA LYS E 315 -13.11 -22.67 44.83
C LYS E 315 -12.04 -21.61 45.07
N LEU E 316 -11.98 -21.07 46.27
CA LEU E 316 -10.99 -20.04 46.59
C LEU E 316 -9.59 -20.62 46.62
N ARG E 317 -8.63 -19.85 46.11
CA ARG E 317 -7.24 -20.30 46.07
C ARG E 317 -6.64 -20.33 47.47
N MET E 318 -6.90 -19.31 48.28
CA MET E 318 -6.31 -19.13 49.61
C MET E 318 -4.79 -19.21 49.57
N SER F 8 -23.23 16.66 -0.05
CA SER F 8 -24.08 17.04 1.07
C SER F 8 -24.92 18.27 0.74
N GLY F 9 -25.59 18.81 1.75
CA GLY F 9 -26.40 20.01 1.56
C GLY F 9 -27.75 19.78 0.93
N LYS F 10 -28.13 18.53 0.66
CA LYS F 10 -29.40 18.22 0.03
C LYS F 10 -30.52 17.96 1.04
N SER F 11 -30.21 17.94 2.34
CA SER F 11 -31.23 17.74 3.35
C SER F 11 -32.15 18.95 3.42
N ARG F 12 -33.43 18.70 3.69
CA ARG F 12 -34.40 19.78 3.79
C ARG F 12 -34.10 20.70 4.97
N GLU F 13 -33.69 20.10 6.09
CA GLU F 13 -33.34 20.89 7.27
C GLU F 13 -32.10 21.70 6.97
N SER F 14 -31.15 21.12 6.25
CA SER F 14 -29.95 21.84 5.85
C SER F 14 -30.30 23.03 4.97
N LYS F 15 -31.26 22.87 4.06
CA LYS F 15 -31.70 23.98 3.23
C LYS F 15 -32.38 25.06 4.08
N ALA F 16 -33.14 24.64 5.10
CA ALA F 16 -33.74 25.61 6.01
C ALA F 16 -32.68 26.38 6.78
N LYS F 17 -31.62 25.69 7.20
CA LYS F 17 -30.51 26.36 7.87
C LYS F 17 -29.81 27.33 6.92
N GLN F 18 -29.67 26.95 5.65
CA GLN F 18 -29.11 27.84 4.65
C GLN F 18 -29.95 29.11 4.54
N SER F 19 -31.27 28.95 4.44
CA SER F 19 -32.14 30.11 4.30
C SER F 19 -32.08 31.00 5.54
N LEU F 20 -32.07 30.41 6.72
CA LEU F 20 -32.00 31.20 7.96
C LEU F 20 -30.69 31.96 8.05
N GLN F 21 -29.56 31.29 7.75
CA GLN F 21 -28.27 31.95 7.82
C GLN F 21 -28.16 33.06 6.78
N TRP F 22 -28.69 32.84 5.58
CA TRP F 22 -28.66 33.87 4.55
C TRP F 22 -29.52 35.06 4.94
N GLU F 23 -30.70 34.81 5.54
CA GLU F 23 -31.55 35.91 5.98
C GLU F 23 -30.88 36.72 7.09
N LYS F 24 -30.22 36.03 8.02
CA LYS F 24 -29.53 36.74 9.09
C LYS F 24 -28.35 37.55 8.55
N LEU F 25 -27.62 37.00 7.57
CA LEU F 25 -26.51 37.74 6.98
C LEU F 25 -27.01 38.96 6.21
N VAL F 26 -28.11 38.81 5.48
CA VAL F 26 -28.69 39.94 4.76
C VAL F 26 -29.16 41.01 5.72
N LYS F 27 -29.73 40.60 6.85
CA LYS F 27 -30.09 41.56 7.89
C LYS F 27 -28.86 42.25 8.46
N ARG F 28 -27.75 41.51 8.57
CA ARG F 28 -26.51 42.12 9.06
C ARG F 28 -25.97 43.15 8.09
N SER F 29 -26.08 42.88 6.79
CA SER F 29 -25.55 43.79 5.78
C SER F 29 -26.49 43.87 4.59
N PRO F 30 -27.14 45.02 4.37
CA PRO F 30 -28.08 45.12 3.23
C PRO F 30 -27.42 44.97 1.87
N ALA F 31 -26.11 45.21 1.77
CA ALA F 31 -25.40 45.07 0.50
C ALA F 31 -25.21 43.61 0.08
N LEU F 32 -25.52 42.67 0.96
CA LEU F 32 -25.43 41.25 0.62
C LEU F 32 -26.70 40.71 -0.03
N ALA F 33 -27.69 41.57 -0.26
CA ALA F 33 -28.95 41.09 -0.86
C ALA F 33 -28.80 40.84 -2.36
N GLU F 34 -27.98 41.63 -3.04
CA GLU F 34 -27.89 41.54 -4.50
C GLU F 34 -26.88 40.51 -4.99
N VAL F 35 -26.10 39.90 -4.11
CA VAL F 35 -25.11 38.91 -4.51
C VAL F 35 -25.71 37.52 -4.41
N THR F 36 -25.60 36.76 -5.50
CA THR F 36 -26.13 35.41 -5.58
C THR F 36 -25.05 34.38 -5.26
N LEU F 37 -25.49 33.17 -4.93
CA LEU F 37 -24.59 32.11 -4.50
C LEU F 37 -24.84 30.86 -5.34
N ASP F 38 -23.78 30.06 -5.49
CA ASP F 38 -23.88 28.76 -6.14
C ASP F 38 -24.41 27.73 -5.15
N ALA F 39 -24.55 26.49 -5.62
CA ALA F 39 -24.99 25.42 -4.73
C ALA F 39 -23.91 25.08 -3.71
N TYR F 40 -22.66 25.00 -4.14
CA TYR F 40 -21.57 24.74 -3.20
C TYR F 40 -21.40 25.89 -2.23
N GLU F 41 -21.63 27.12 -2.68
CA GLU F 41 -21.54 28.27 -1.79
C GLU F 41 -22.62 28.24 -0.72
N ARG F 42 -23.84 27.82 -1.07
CA ARG F 42 -24.88 27.66 -0.06
C ARG F 42 -24.57 26.49 0.88
N THR F 43 -23.95 25.44 0.35
CA THR F 43 -23.51 24.34 1.20
C THR F 43 -22.52 24.81 2.25
N ILE F 44 -21.60 25.71 1.85
CA ILE F 44 -20.72 26.33 2.83
C ILE F 44 -21.49 27.27 3.75
N LEU F 45 -22.48 27.97 3.20
CA LEU F 45 -23.28 28.93 3.97
C LEU F 45 -24.06 28.24 5.08
N SER F 46 -24.26 26.92 4.97
CA SER F 46 -24.80 26.16 6.09
C SER F 46 -23.96 26.29 7.35
N SER F 47 -22.67 26.60 7.24
CA SER F 47 -21.77 26.69 8.37
C SER F 47 -21.53 28.10 8.85
N ILE F 48 -22.37 29.06 8.45
CA ILE F 48 -22.22 30.44 8.90
C ILE F 48 -22.59 30.53 10.37
N VAL F 49 -21.73 31.16 11.16
CA VAL F 49 -21.97 31.38 12.58
C VAL F 49 -22.37 32.84 12.77
N THR F 50 -23.60 33.05 13.20
CA THR F 50 -24.12 34.38 13.49
C THR F 50 -23.84 34.76 14.93
N PRO F 51 -23.82 36.06 15.25
CA PRO F 51 -23.55 36.47 16.64
C PRO F 51 -24.58 35.97 17.64
N ASP F 52 -25.84 35.79 17.24
CA ASP F 52 -26.87 35.39 18.19
C ASP F 52 -26.69 33.95 18.65
N GLU F 53 -26.09 33.09 17.83
CA GLU F 53 -25.83 31.72 18.24
C GLU F 53 -24.78 31.66 19.34
N ILE F 54 -23.82 32.57 19.31
CA ILE F 54 -22.74 32.58 20.29
C ILE F 54 -23.23 33.28 21.56
N ASN F 55 -22.99 32.66 22.71
CA ASN F 55 -23.35 33.23 24.00
C ASN F 55 -22.14 33.70 24.80
N ILE F 56 -20.96 33.73 24.20
CA ILE F 56 -19.73 34.13 24.87
C ILE F 56 -19.27 35.45 24.28
N THR F 57 -19.02 36.43 25.15
CA THR F 57 -18.46 37.72 24.75
C THR F 57 -16.98 37.75 25.10
N PHE F 58 -16.34 38.86 24.73
CA PHE F 58 -14.91 39.02 25.05
C PHE F 58 -14.70 39.20 26.54
N GLN F 59 -15.72 39.65 27.26
CA GLN F 59 -15.59 39.87 28.70
C GLN F 59 -15.54 38.54 29.45
N ASP F 60 -16.10 37.48 28.87
CA ASP F 60 -16.15 36.20 29.55
C ASP F 60 -14.77 35.54 29.62
N ILE F 61 -13.91 35.84 28.65
CA ILE F 61 -12.56 35.28 28.67
C ILE F 61 -11.74 36.07 29.69
N GLY F 62 -11.24 35.39 30.72
CA GLY F 62 -10.45 36.02 31.76
C GLY F 62 -9.01 35.58 31.67
N GLY F 63 -8.10 36.43 32.15
CA GLY F 63 -6.69 36.13 32.18
C GLY F 63 -5.95 36.43 30.89
N LEU F 64 -6.65 36.48 29.76
CA LEU F 64 -6.05 36.71 28.46
C LEU F 64 -6.20 38.15 27.99
N ASP F 65 -6.37 39.10 28.92
CA ASP F 65 -6.56 40.50 28.54
C ASP F 65 -5.43 41.09 27.71
N PRO F 66 -4.14 40.87 28.00
CA PRO F 66 -3.11 41.34 27.06
C PRO F 66 -3.22 40.68 25.68
N LEU F 67 -3.47 39.37 25.63
CA LEU F 67 -3.62 38.71 24.35
C LEU F 67 -4.90 39.14 23.65
N ILE F 68 -5.97 39.38 24.41
CA ILE F 68 -7.21 39.86 23.81
C ILE F 68 -7.02 41.24 23.20
N SER F 69 -6.33 42.13 23.92
CA SER F 69 -6.08 43.47 23.38
C SER F 69 -5.17 43.42 22.16
N ASP F 70 -4.13 42.58 22.21
CA ASP F 70 -3.25 42.43 21.04
C ASP F 70 -3.99 41.86 19.85
N LEU F 71 -4.85 40.86 20.08
CA LEU F 71 -5.65 40.29 19.00
C LEU F 71 -6.58 41.34 18.41
N HIS F 72 -7.19 42.16 19.26
CA HIS F 72 -8.02 43.26 18.77
C HIS F 72 -7.22 44.18 17.86
N GLU F 73 -6.12 44.73 18.39
CA GLU F 73 -5.38 45.77 17.69
C GLU F 73 -4.74 45.25 16.40
N SER F 74 -4.37 43.97 16.36
CA SER F 74 -3.69 43.44 15.19
C SER F 74 -4.57 42.61 14.27
N VAL F 75 -5.83 42.35 14.64
CA VAL F 75 -6.66 41.47 13.84
C VAL F 75 -8.00 42.13 13.51
N ILE F 76 -8.70 42.61 14.54
CA ILE F 76 -10.08 43.02 14.33
C ILE F 76 -10.15 44.42 13.76
N TYR F 77 -9.45 45.36 14.38
CA TYR F 77 -9.40 46.72 13.85
C TYR F 77 -8.75 46.83 12.47
N PRO F 78 -7.65 46.14 12.14
CA PRO F 78 -7.19 46.16 10.74
C PRO F 78 -8.19 45.58 9.76
N LEU F 79 -8.98 44.60 10.18
CA LEU F 79 -9.93 43.97 9.26
C LEU F 79 -11.27 44.69 9.21
N MET F 80 -11.84 45.03 10.36
CA MET F 80 -13.17 45.62 10.41
C MET F 80 -13.18 47.13 10.29
N MET F 81 -12.01 47.77 10.35
CA MET F 81 -11.90 49.21 10.14
C MET F 81 -10.82 49.47 9.09
N PRO F 82 -11.12 49.19 7.82
CA PRO F 82 -10.09 49.39 6.79
C PRO F 82 -9.84 50.86 6.48
N GLU F 83 -10.81 51.73 6.72
CA GLU F 83 -10.62 53.14 6.46
C GLU F 83 -9.58 53.75 7.40
N VAL F 84 -9.53 53.27 8.64
CA VAL F 84 -8.54 53.77 9.59
C VAL F 84 -7.15 53.30 9.21
N TYR F 85 -7.03 52.08 8.71
CA TYR F 85 -5.75 51.48 8.42
C TYR F 85 -5.33 51.63 6.95
N SER F 86 -6.10 52.36 6.16
CA SER F 86 -5.78 52.52 4.74
C SER F 86 -4.67 53.52 4.48
N ASN F 87 -4.05 54.06 5.53
CA ASN F 87 -2.95 55.02 5.37
C ASN F 87 -1.75 54.35 4.73
N SER F 88 -1.44 53.13 5.14
CA SER F 88 -0.29 52.41 4.64
C SER F 88 -0.69 50.99 4.24
N PRO F 89 -0.10 50.44 3.17
CA PRO F 89 -0.42 49.06 2.79
C PRO F 89 0.12 48.02 3.76
N LEU F 90 1.02 48.40 4.67
CA LEU F 90 1.55 47.48 5.66
C LEU F 90 0.67 47.35 6.90
N LEU F 91 -0.45 48.05 6.94
CA LEU F 91 -1.36 48.01 8.08
C LEU F 91 -2.51 47.03 7.88
N GLN F 92 -2.50 46.25 6.81
CA GLN F 92 -3.61 45.36 6.52
C GLN F 92 -3.67 44.20 7.50
N ALA F 93 -4.85 43.62 7.64
CA ALA F 93 -5.04 42.47 8.52
C ALA F 93 -4.31 41.26 7.95
N PRO F 94 -3.83 40.36 8.82
CA PRO F 94 -3.13 39.17 8.33
C PRO F 94 -4.07 38.25 7.58
N SER F 95 -3.47 37.44 6.69
CA SER F 95 -4.25 36.49 5.92
C SER F 95 -4.72 35.31 6.76
N GLY F 96 -4.15 35.12 7.94
CA GLY F 96 -4.56 34.04 8.81
C GLY F 96 -4.07 34.25 10.22
N VAL F 97 -4.74 33.61 11.17
CA VAL F 97 -4.42 33.70 12.59
C VAL F 97 -4.39 32.30 13.17
N LEU F 98 -3.38 32.00 13.96
CA LEU F 98 -3.26 30.70 14.61
C LEU F 98 -3.30 30.88 16.12
N LEU F 99 -4.41 30.50 16.74
CA LEU F 99 -4.52 30.47 18.19
C LEU F 99 -4.12 29.06 18.63
N TYR F 100 -2.85 28.90 18.99
CA TYR F 100 -2.33 27.60 19.37
C TYR F 100 -1.91 27.63 20.84
N GLY F 101 -2.05 26.50 21.51
CA GLY F 101 -1.64 26.38 22.88
C GLY F 101 -2.06 25.07 23.51
N PRO F 102 -1.74 24.90 24.80
CA PRO F 102 -2.18 23.70 25.49
C PRO F 102 -3.70 23.66 25.58
N PRO F 103 -4.27 22.47 25.69
CA PRO F 103 -5.74 22.35 25.68
C PRO F 103 -6.40 23.02 26.87
N GLY F 104 -7.59 23.54 26.64
CA GLY F 104 -8.38 24.21 27.67
C GLY F 104 -7.82 25.53 28.16
N CYS F 105 -7.34 26.37 27.25
CA CYS F 105 -6.77 27.65 27.64
C CYS F 105 -7.51 28.85 27.08
N GLY F 106 -8.37 28.68 26.09
CA GLY F 106 -9.21 29.78 25.64
C GLY F 106 -9.28 30.00 24.15
N LYS F 107 -8.76 29.06 23.36
CA LYS F 107 -8.74 29.25 21.91
C LYS F 107 -10.15 29.31 21.33
N THR F 108 -11.01 28.36 21.73
CA THR F 108 -12.36 28.35 21.18
C THR F 108 -13.22 29.46 21.77
N MET F 109 -12.95 29.89 23.00
CA MET F 109 -13.68 31.04 23.51
C MET F 109 -13.24 32.33 22.82
N LEU F 110 -11.95 32.43 22.51
CA LEU F 110 -11.49 33.55 21.68
C LEU F 110 -12.16 33.50 20.32
N ALA F 111 -12.34 32.29 19.77
CA ALA F 111 -13.07 32.15 18.51
C ALA F 111 -14.52 32.59 18.65
N LYS F 112 -15.17 32.22 19.76
CA LYS F 112 -16.55 32.62 19.99
C LYS F 112 -16.66 34.13 20.12
N ALA F 113 -15.72 34.75 20.83
CA ALA F 113 -15.71 36.20 20.97
C ALA F 113 -15.46 36.89 19.64
N LEU F 114 -14.58 36.30 18.82
CA LEU F 114 -14.36 36.83 17.47
C LEU F 114 -15.59 36.66 16.60
N ALA F 115 -16.37 35.60 16.84
CA ALA F 115 -17.58 35.38 16.05
C ALA F 115 -18.67 36.36 16.44
N LYS F 116 -18.78 36.68 17.72
CA LYS F 116 -19.86 37.54 18.19
C LYS F 116 -19.50 39.03 18.16
N GLU F 117 -18.46 39.41 18.89
CA GLU F 117 -18.17 40.82 19.11
C GLU F 117 -17.54 41.52 17.92
N SER F 118 -16.73 40.81 17.13
CA SER F 118 -16.00 41.45 16.03
C SER F 118 -16.89 42.01 14.92
N GLY F 119 -18.00 41.34 14.65
CA GLY F 119 -18.93 41.78 13.62
C GLY F 119 -18.60 41.29 12.24
N ALA F 120 -17.51 40.55 12.10
CA ALA F 120 -17.18 39.95 10.81
C ALA F 120 -18.11 38.81 10.52
N ASN F 121 -18.52 38.66 9.28
CA ASN F 121 -19.28 37.49 8.91
C ASN F 121 -18.39 36.32 9.26
N PHE F 122 -18.94 35.30 9.91
CA PHE F 122 -18.09 34.22 10.39
C PHE F 122 -18.47 32.89 9.80
N ILE F 123 -17.53 32.18 9.21
CA ILE F 123 -17.82 30.85 8.73
C ILE F 123 -16.95 29.94 9.58
N SER F 124 -17.57 29.02 10.30
CA SER F 124 -16.82 28.12 11.15
C SER F 124 -17.04 26.73 10.63
N ILE F 125 -16.39 26.39 9.52
CA ILE F 125 -16.62 25.08 8.94
C ILE F 125 -16.00 24.00 9.81
N ARG F 126 -16.57 22.81 9.72
CA ARG F 126 -16.01 21.61 10.33
C ARG F 126 -15.52 20.71 9.21
N MET F 127 -14.78 19.68 9.58
CA MET F 127 -14.12 18.92 8.54
C MET F 127 -15.07 17.99 7.82
N SER F 128 -16.20 17.66 8.43
CA SER F 128 -17.18 16.80 7.78
C SER F 128 -17.91 17.48 6.63
N SER F 129 -17.89 18.81 6.58
CA SER F 129 -18.48 19.51 5.45
C SER F 129 -17.51 19.67 4.28
N ILE F 130 -16.20 19.63 4.54
CA ILE F 130 -15.22 19.71 3.46
C ILE F 130 -14.98 18.33 2.86
N MET F 131 -14.82 17.32 3.71
CA MET F 131 -14.78 15.94 3.26
C MET F 131 -16.02 15.58 2.44
N ASP F 132 -15.81 14.89 1.33
CA ASP F 132 -16.91 14.38 0.52
C ASP F 132 -16.41 13.19 -0.29
N LYS F 133 -17.21 12.13 -0.30
CA LYS F 133 -16.77 10.89 -0.95
C LYS F 133 -16.75 11.00 -2.46
N TRP F 134 -17.58 11.88 -3.03
CA TRP F 134 -17.64 11.99 -4.48
C TRP F 134 -16.37 12.64 -5.01
N TYR F 135 -16.11 12.42 -6.29
CA TYR F 135 -14.85 12.86 -6.89
C TYR F 135 -14.85 14.36 -7.12
N GLY F 136 -13.83 15.03 -6.61
CA GLY F 136 -13.65 16.45 -6.85
C GLY F 136 -14.64 17.36 -6.15
N GLU F 137 -15.49 16.83 -5.27
CA GLU F 137 -16.43 17.67 -4.56
C GLU F 137 -15.78 18.44 -3.42
N SER F 138 -14.75 17.85 -2.80
CA SER F 138 -14.07 18.54 -1.71
C SER F 138 -13.36 19.79 -2.21
N ASN F 139 -12.72 19.70 -3.37
CA ASN F 139 -12.02 20.85 -3.93
C ASN F 139 -13.00 21.96 -4.29
N LYS F 140 -14.14 21.61 -4.87
CA LYS F 140 -15.14 22.62 -5.18
C LYS F 140 -15.75 23.20 -3.93
N ILE F 141 -15.86 22.41 -2.86
CA ILE F 141 -16.38 22.91 -1.60
C ILE F 141 -15.43 23.95 -1.01
N VAL F 142 -14.13 23.67 -1.06
CA VAL F 142 -13.14 24.65 -0.58
C VAL F 142 -13.13 25.90 -1.45
N ASP F 143 -13.24 25.72 -2.77
CA ASP F 143 -13.28 26.86 -3.67
C ASP F 143 -14.50 27.74 -3.41
N ALA F 144 -15.65 27.13 -3.19
CA ALA F 144 -16.85 27.90 -2.89
C ALA F 144 -16.78 28.53 -1.51
N MET F 145 -16.10 27.87 -0.56
CA MET F 145 -15.90 28.47 0.75
C MET F 145 -15.12 29.76 0.65
N PHE F 146 -14.02 29.73 -0.11
CA PHE F 146 -13.21 30.94 -0.28
C PHE F 146 -13.95 31.99 -1.09
N SER F 147 -14.71 31.57 -2.11
CA SER F 147 -15.45 32.53 -2.92
C SER F 147 -16.55 33.19 -2.10
N LEU F 148 -17.25 32.43 -1.25
CA LEU F 148 -18.27 33.00 -0.39
C LEU F 148 -17.66 33.93 0.65
N ALA F 149 -16.51 33.57 1.20
CA ALA F 149 -15.83 34.46 2.14
C ALA F 149 -15.42 35.76 1.45
N ASN F 150 -15.05 35.67 0.17
CA ASN F 150 -14.77 36.89 -0.59
C ASN F 150 -16.03 37.69 -0.84
N LYS F 151 -17.17 37.01 -1.03
CA LYS F 151 -18.41 37.72 -1.29
C LYS F 151 -18.89 38.49 -0.07
N LEU F 152 -18.84 37.87 1.11
CA LEU F 152 -19.11 38.56 2.36
C LEU F 152 -17.81 39.22 2.79
N GLN F 153 -17.59 40.45 2.33
CA GLN F 153 -16.24 41.01 2.24
C GLN F 153 -15.48 41.03 3.56
N PRO F 154 -16.01 41.55 4.69
CA PRO F 154 -15.33 41.29 5.95
C PRO F 154 -15.70 39.91 6.47
N CYS F 155 -14.81 38.93 6.35
CA CYS F 155 -15.15 37.57 6.70
C CYS F 155 -14.03 36.92 7.48
N ILE F 156 -14.39 36.00 8.35
CA ILE F 156 -13.45 35.15 9.06
C ILE F 156 -13.85 33.71 8.82
N ILE F 157 -12.91 32.89 8.40
CA ILE F 157 -13.11 31.46 8.26
C ILE F 157 -12.37 30.79 9.42
N PHE F 158 -13.10 30.09 10.27
CA PHE F 158 -12.52 29.42 11.42
C PHE F 158 -12.48 27.93 11.17
N ILE F 159 -11.30 27.34 11.33
CA ILE F 159 -11.13 25.89 11.25
C ILE F 159 -10.64 25.45 12.62
N ASP F 160 -11.56 24.99 13.47
CA ASP F 160 -11.16 24.42 14.74
C ASP F 160 -10.41 23.13 14.51
N GLN F 161 -9.35 22.93 15.29
CA GLN F 161 -8.41 21.83 15.11
C GLN F 161 -7.85 21.85 13.69
N ILE F 162 -7.17 22.94 13.38
CA ILE F 162 -6.63 23.16 12.03
C ILE F 162 -5.44 22.27 11.75
N ASP F 163 -4.88 21.60 12.76
CA ASP F 163 -3.72 20.75 12.54
C ASP F 163 -4.09 19.51 11.73
N SER F 164 -5.31 19.03 11.87
CA SER F 164 -5.72 17.86 11.08
C SER F 164 -5.99 18.25 9.63
N PHE F 165 -6.62 19.40 9.40
CA PHE F 165 -6.87 19.86 8.04
C PHE F 165 -5.57 20.24 7.35
N LEU F 166 -4.71 20.99 8.02
CA LEU F 166 -3.46 21.46 7.44
C LEU F 166 -2.27 20.62 7.86
N ARG F 167 -2.46 19.31 7.98
CA ARG F 167 -1.39 18.44 8.41
C ARG F 167 -0.26 18.42 7.40
N GLU F 168 0.91 17.97 7.86
CA GLU F 168 2.11 17.93 7.02
C GLU F 168 1.88 17.03 5.82
N ARG F 169 2.00 17.60 4.62
CA ARG F 169 1.73 16.85 3.40
C ARG F 169 2.76 15.74 3.24
N SER F 170 2.28 14.57 2.83
CA SER F 170 3.14 13.40 2.71
C SER F 170 2.76 12.64 1.44
N SER F 171 3.63 11.69 1.07
CA SER F 171 3.35 10.87 -0.10
C SER F 171 2.21 9.89 0.16
N THR F 172 2.00 9.51 1.42
CA THR F 172 0.93 8.59 1.78
C THR F 172 -0.41 9.28 1.95
N ASP F 173 -0.49 10.58 1.72
CA ASP F 173 -1.77 11.28 1.80
C ASP F 173 -2.70 10.81 0.70
N HIS F 174 -3.99 10.82 0.99
CA HIS F 174 -4.99 10.48 -0.01
C HIS F 174 -4.94 11.48 -1.15
N GLU F 175 -5.29 11.03 -2.35
CA GLU F 175 -5.22 11.89 -3.52
C GLU F 175 -6.18 13.06 -3.40
N VAL F 176 -7.41 12.80 -2.96
CA VAL F 176 -8.39 13.87 -2.80
C VAL F 176 -7.97 14.79 -1.65
N THR F 177 -7.42 14.22 -0.59
CA THR F 177 -6.91 15.05 0.50
C THR F 177 -5.75 15.92 0.04
N ALA F 178 -4.87 15.37 -0.78
CA ALA F 178 -3.73 16.15 -1.29
C ALA F 178 -4.21 17.29 -2.19
N THR F 179 -5.14 17.01 -3.10
CA THR F 179 -5.68 18.08 -3.93
C THR F 179 -6.43 19.09 -3.10
N LEU F 180 -7.08 18.65 -2.03
CA LEU F 180 -7.78 19.56 -1.12
C LEU F 180 -6.82 20.52 -0.45
N LYS F 181 -5.72 20.00 0.10
CA LYS F 181 -4.75 20.85 0.77
C LYS F 181 -4.06 21.79 -0.21
N ALA F 182 -3.75 21.30 -1.41
CA ALA F 182 -3.13 22.16 -2.42
C ALA F 182 -4.09 23.25 -2.87
N GLU F 183 -5.37 22.94 -3.02
CA GLU F 183 -6.36 23.95 -3.36
C GLU F 183 -6.50 24.98 -2.25
N PHE F 184 -6.42 24.54 -0.99
CA PHE F 184 -6.44 25.47 0.11
C PHE F 184 -5.24 26.41 0.08
N MET F 185 -4.05 25.87 -0.20
CA MET F 185 -2.87 26.74 -0.29
C MET F 185 -2.98 27.71 -1.47
N THR F 186 -3.57 27.25 -2.58
CA THR F 186 -3.69 28.10 -3.75
C THR F 186 -4.67 29.25 -3.50
N LEU F 187 -5.83 28.95 -2.93
CA LEU F 187 -6.82 30.01 -2.70
C LEU F 187 -6.42 30.90 -1.54
N TRP F 188 -5.68 30.36 -0.57
CA TRP F 188 -5.25 31.15 0.58
C TRP F 188 -4.28 32.24 0.16
N ASP F 189 -3.24 31.88 -0.60
CA ASP F 189 -2.20 32.81 -1.04
C ASP F 189 -1.85 32.45 -2.48
N GLY F 190 -2.52 33.09 -3.44
CA GLY F 190 -2.32 32.79 -4.84
C GLY F 190 -2.43 34.00 -5.75
N LEU F 191 -2.70 33.77 -7.02
CA LEU F 191 -2.83 34.89 -7.97
C LEU F 191 -4.06 35.73 -7.67
N LEU F 192 -5.21 35.10 -7.55
CA LEU F 192 -6.45 35.83 -7.28
C LEU F 192 -6.45 36.18 -5.81
N ASN F 193 -5.98 37.40 -5.51
CA ASN F 193 -5.81 37.81 -4.12
C ASN F 193 -7.15 37.94 -3.43
N ASN F 194 -7.24 37.36 -2.24
CA ASN F 194 -8.47 37.45 -1.46
C ASN F 194 -8.67 38.86 -0.92
N GLY F 195 -9.91 39.17 -0.59
CA GLY F 195 -10.23 40.46 -0.02
C GLY F 195 -9.92 40.51 1.45
N ARG F 196 -10.88 40.98 2.26
CA ARG F 196 -10.71 41.00 3.71
C ARG F 196 -11.16 39.67 4.31
N VAL F 197 -10.52 38.60 3.86
CA VAL F 197 -10.83 37.24 4.29
C VAL F 197 -9.70 36.77 5.19
N MET F 198 -10.04 36.35 6.39
CA MET F 198 -9.06 35.89 7.37
C MET F 198 -9.38 34.46 7.77
N ILE F 199 -8.36 33.62 7.79
CA ILE F 199 -8.52 32.21 8.12
C ILE F 199 -7.93 31.99 9.50
N ILE F 200 -8.76 32.10 10.53
CA ILE F 200 -8.34 31.89 11.91
C ILE F 200 -8.39 30.40 12.21
N GLY F 201 -7.35 29.89 12.85
CA GLY F 201 -7.31 28.49 13.21
C GLY F 201 -6.92 28.31 14.66
N ALA F 202 -7.48 27.27 15.26
CA ALA F 202 -7.12 26.86 16.61
C ALA F 202 -6.53 25.47 16.56
N THR F 203 -5.48 25.23 17.34
CA THR F 203 -4.86 23.92 17.36
C THR F 203 -4.14 23.71 18.66
N ASN F 204 -3.84 22.45 18.96
CA ASN F 204 -3.01 22.09 20.10
C ASN F 204 -1.64 21.58 19.71
N ARG F 205 -1.46 21.16 18.45
CA ARG F 205 -0.20 20.66 17.92
C ARG F 205 0.16 21.57 16.75
N ILE F 206 0.88 22.65 17.05
CA ILE F 206 1.31 23.56 15.98
C ILE F 206 2.30 22.87 15.06
N ASN F 207 3.14 21.97 15.59
CA ASN F 207 4.11 21.27 14.78
C ASN F 207 3.45 20.36 13.74
N ASP F 208 2.20 19.94 13.97
CA ASP F 208 1.51 19.12 12.98
C ASP F 208 1.16 19.91 11.73
N ILE F 209 1.08 21.24 11.82
CA ILE F 209 0.68 22.03 10.66
C ILE F 209 1.84 22.12 9.68
N ASP F 210 1.53 22.10 8.40
CA ASP F 210 2.54 22.20 7.36
C ASP F 210 3.15 23.60 7.36
N ASP F 211 4.44 23.67 7.01
CA ASP F 211 5.11 24.96 6.95
C ASP F 211 4.49 25.82 5.86
N ALA F 212 4.19 25.22 4.72
CA ALA F 212 3.57 25.95 3.63
C ALA F 212 2.16 26.40 3.98
N PHE F 213 1.57 25.84 5.02
CA PHE F 213 0.34 26.36 5.62
C PHE F 213 0.60 27.30 6.78
N LEU F 214 1.64 27.05 7.56
CA LEU F 214 1.93 27.89 8.72
C LEU F 214 2.26 29.30 8.31
N ARG F 215 2.96 29.44 7.20
CA ARG F 215 3.30 30.77 6.70
C ARG F 215 2.03 31.54 6.38
N ARG F 216 1.03 30.88 5.83
CA ARG F 216 -0.23 31.54 5.53
C ARG F 216 -0.95 31.97 6.80
N LEU F 217 -0.45 31.56 7.96
CA LEU F 217 -0.98 32.01 9.24
C LEU F 217 0.11 32.83 9.92
N PRO F 218 0.31 34.07 9.49
CA PRO F 218 1.47 34.83 9.99
C PRO F 218 1.31 35.29 11.42
N LYS F 219 0.12 35.78 11.78
CA LYS F 219 -0.12 36.21 13.15
C LYS F 219 -0.50 35.02 14.01
N ARG F 220 0.35 34.68 14.96
CA ARG F 220 0.16 33.51 15.80
C ARG F 220 0.08 33.93 17.25
N PHE F 221 -0.98 33.51 17.94
CA PHE F 221 -1.18 33.79 19.35
C PHE F 221 -0.99 32.52 20.15
N LEU F 222 -0.13 32.57 21.16
CA LEU F 222 0.12 31.43 22.04
C LEU F 222 -0.80 31.58 23.24
N VAL F 223 -1.87 30.80 23.25
CA VAL F 223 -2.81 30.79 24.39
C VAL F 223 -2.28 29.72 25.34
N SER F 224 -1.33 30.12 26.18
CA SER F 224 -0.61 29.17 27.03
C SER F 224 -1.39 28.90 28.31
N LEU F 225 -0.84 28.02 29.14
CA LEU F 225 -1.49 27.67 30.39
C LEU F 225 -1.50 28.87 31.33
N PRO F 226 -2.58 29.08 32.08
CA PRO F 226 -2.70 30.32 32.86
C PRO F 226 -1.70 30.40 34.01
N GLY F 227 -1.29 31.62 34.30
CA GLY F 227 -0.47 31.90 35.47
C GLY F 227 -1.31 32.15 36.70
N SER F 228 -0.64 32.61 37.76
CA SER F 228 -1.31 32.83 39.03
C SER F 228 -2.36 33.93 38.92
N ASP F 229 -1.97 35.11 38.41
CA ASP F 229 -2.94 36.18 38.22
C ASP F 229 -3.94 35.82 37.12
N GLN F 230 -3.49 35.09 36.11
CA GLN F 230 -4.40 34.61 35.08
C GLN F 230 -5.45 33.66 35.68
N ARG F 231 -5.02 32.76 36.56
CA ARG F 231 -5.97 31.86 37.21
C ARG F 231 -6.92 32.64 38.12
N TYR F 232 -6.41 33.68 38.79
CA TYR F 232 -7.26 34.53 39.61
C TYR F 232 -8.35 35.20 38.77
N LYS F 233 -7.98 35.72 37.60
CA LYS F 233 -8.96 36.35 36.72
C LYS F 233 -9.95 35.34 36.17
N ILE F 234 -9.48 34.13 35.83
CA ILE F 234 -10.37 33.09 35.32
C ILE F 234 -11.39 32.68 36.38
N LEU F 235 -10.92 32.51 37.62
CA LEU F 235 -11.82 32.14 38.70
C LEU F 235 -12.79 33.28 39.01
N SER F 236 -12.34 34.52 38.88
CA SER F 236 -13.23 35.65 39.10
C SER F 236 -14.32 35.73 38.03
N VAL F 237 -13.97 35.44 36.78
CA VAL F 237 -14.95 35.57 35.71
C VAL F 237 -15.85 34.34 35.60
N LEU F 238 -15.39 33.18 36.08
CA LEU F 238 -16.25 32.00 36.08
C LEU F 238 -17.29 32.07 37.18
N LEU F 239 -16.90 32.61 38.34
CA LEU F 239 -17.77 32.70 39.50
C LEU F 239 -18.60 33.97 39.52
N LYS F 240 -18.62 34.72 38.42
CA LYS F 240 -19.49 35.88 38.32
C LYS F 240 -20.94 35.45 38.35
N ASP F 241 -21.83 36.40 38.66
CA ASP F 241 -23.27 36.23 38.88
C ASP F 241 -23.59 35.05 39.82
N THR F 242 -22.64 34.69 40.68
CA THR F 242 -22.82 33.64 41.68
C THR F 242 -22.43 34.23 43.04
N LYS F 243 -23.35 34.13 44.00
CA LYS F 243 -23.13 34.74 45.30
C LYS F 243 -22.10 33.95 46.08
N LEU F 244 -21.05 34.64 46.55
CA LEU F 244 -19.95 34.02 47.26
C LEU F 244 -19.94 34.47 48.72
N ASP F 245 -19.18 33.75 49.53
CA ASP F 245 -19.00 34.12 50.92
C ASP F 245 -18.21 35.42 51.02
N GLU F 246 -18.66 36.32 51.90
CA GLU F 246 -18.04 37.64 51.98
C GLU F 246 -16.70 37.58 52.71
N ASP F 247 -16.58 36.72 53.72
CA ASP F 247 -15.39 36.65 54.55
C ASP F 247 -14.58 35.38 54.34
N GLU F 248 -15.23 34.21 54.42
CA GLU F 248 -14.49 32.95 54.32
C GLU F 248 -13.91 32.74 52.92
N PHE F 249 -14.66 33.13 51.89
CA PHE F 249 -14.22 32.89 50.52
C PHE F 249 -13.11 33.85 50.12
N ASP F 250 -12.02 33.29 49.59
CA ASP F 250 -10.95 34.09 49.00
C ASP F 250 -10.44 33.35 47.77
N LEU F 251 -10.22 34.10 46.69
CA LEU F 251 -9.77 33.50 45.44
C LEU F 251 -8.25 33.40 45.33
N GLN F 252 -7.51 34.09 46.21
CA GLN F 252 -6.06 34.08 46.14
C GLN F 252 -5.49 32.71 46.47
N LEU F 253 -5.97 32.11 47.57
CA LEU F 253 -5.52 30.77 47.93
C LEU F 253 -5.93 29.76 46.88
N ILE F 254 -7.11 29.94 46.29
CA ILE F 254 -7.61 29.04 45.28
C ILE F 254 -6.71 29.07 44.05
N ALA F 255 -6.36 30.28 43.60
CA ALA F 255 -5.49 30.44 42.45
C ALA F 255 -4.08 29.94 42.74
N ASP F 256 -3.59 30.14 43.96
CA ASP F 256 -2.25 29.65 44.30
C ASP F 256 -2.20 28.13 44.33
N ASN F 257 -3.24 27.49 44.86
CA ASN F 257 -3.24 26.05 45.04
C ASN F 257 -3.67 25.29 43.79
N THR F 258 -4.18 25.97 42.77
CA THR F 258 -4.56 25.31 41.51
C THR F 258 -3.39 25.37 40.51
N LYS F 259 -2.26 24.78 40.92
CA LYS F 259 -1.07 24.82 40.09
C LYS F 259 -1.27 24.01 38.81
N GLY F 260 -0.92 24.62 37.69
CA GLY F 260 -1.00 23.93 36.40
C GLY F 260 -2.40 23.57 35.98
N PHE F 261 -3.38 24.38 36.33
CA PHE F 261 -4.77 24.13 36.01
C PHE F 261 -5.13 24.90 34.75
N SER F 262 -5.64 24.19 33.75
CA SER F 262 -6.16 24.85 32.56
C SER F 262 -7.48 25.55 32.90
N GLY F 263 -7.96 26.36 31.96
CA GLY F 263 -9.22 27.04 32.17
C GLY F 263 -10.40 26.08 32.28
N SER F 264 -10.36 25.00 31.50
CA SER F 264 -11.43 24.00 31.58
C SER F 264 -11.39 23.27 32.91
N ASP F 265 -10.19 22.97 33.42
CA ASP F 265 -10.06 22.34 34.72
C ASP F 265 -10.54 23.26 35.83
N LEU F 266 -10.28 24.57 35.69
CA LEU F 266 -10.81 25.53 36.66
C LEU F 266 -12.32 25.61 36.59
N LYS F 267 -12.89 25.55 35.38
CA LYS F 267 -14.35 25.55 35.25
C LYS F 267 -14.95 24.30 35.89
N GLU F 268 -14.33 23.15 35.68
CA GLU F 268 -14.80 21.92 36.30
C GLU F 268 -14.69 21.98 37.82
N LEU F 269 -13.60 22.55 38.34
CA LEU F 269 -13.44 22.71 39.78
C LEU F 269 -14.50 23.65 40.35
N CYS F 270 -14.81 24.73 39.63
CA CYS F 270 -15.87 25.64 40.05
C CYS F 270 -17.22 24.94 40.04
N ARG F 271 -17.48 24.11 39.03
CA ARG F 271 -18.74 23.38 38.95
C ARG F 271 -18.87 22.37 40.09
N GLU F 272 -17.78 21.66 40.40
CA GLU F 272 -17.80 20.73 41.52
C GLU F 272 -18.04 21.45 42.84
N ALA F 273 -17.39 22.60 43.05
CA ALA F 273 -17.61 23.36 44.26
C ALA F 273 -19.05 23.88 44.34
N ALA F 274 -19.61 24.31 43.21
CA ALA F 274 -20.99 24.78 43.19
C ALA F 274 -21.98 23.66 43.49
N LEU F 275 -21.74 22.47 42.93
CA LEU F 275 -22.59 21.32 43.25
C LEU F 275 -22.49 20.96 44.72
N ASP F 276 -21.28 20.98 45.28
CA ASP F 276 -21.10 20.67 46.69
C ASP F 276 -21.83 21.69 47.55
N ALA F 277 -21.76 22.98 47.18
CA ALA F 277 -22.45 24.01 47.94
C ALA F 277 -23.96 23.85 47.86
N ALA F 278 -24.49 23.57 46.66
CA ALA F 278 -25.92 23.62 46.44
C ALA F 278 -26.60 22.27 46.56
N LYS F 279 -25.88 21.21 46.97
CA LYS F 279 -26.52 19.91 47.14
C LYS F 279 -27.63 19.94 48.18
N GLU F 280 -27.50 20.77 49.22
CA GLU F 280 -28.58 20.89 50.19
C GLU F 280 -29.81 21.51 49.53
N TYR F 281 -29.61 22.55 48.72
CA TYR F 281 -30.73 23.16 48.01
C TYR F 281 -31.40 22.16 47.07
N ILE F 282 -30.60 21.34 46.39
CA ILE F 282 -31.15 20.34 45.49
C ILE F 282 -31.96 19.31 46.27
N LYS F 283 -31.42 18.85 47.41
CA LYS F 283 -32.14 17.88 48.23
C LYS F 283 -33.44 18.47 48.77
N GLN F 284 -33.43 19.74 49.15
CA GLN F 284 -34.65 20.40 49.59
C GLN F 284 -35.66 20.51 48.46
N LYS F 285 -35.20 20.83 47.25
CA LYS F 285 -36.11 20.94 46.12
C LYS F 285 -36.72 19.60 45.74
N ARG F 286 -35.92 18.53 45.82
CA ARG F 286 -36.44 17.20 45.51
C ARG F 286 -37.48 16.77 46.53
N GLN F 287 -37.26 17.06 47.80
CA GLN F 287 -38.21 16.72 48.85
C GLN F 287 -39.39 17.68 48.85
N ILE F 304 -29.42 29.49 48.82
CA ILE F 304 -28.23 28.91 48.22
C ILE F 304 -27.04 29.14 49.14
N ARG F 305 -26.31 28.06 49.43
CA ARG F 305 -25.17 28.13 50.32
C ARG F 305 -24.06 28.98 49.70
N PRO F 306 -23.32 29.76 50.48
CA PRO F 306 -22.21 30.53 49.93
C PRO F 306 -20.96 29.69 49.74
N LEU F 307 -20.39 29.73 48.54
CA LEU F 307 -19.15 29.01 48.29
C LEU F 307 -18.01 29.63 49.09
N LYS F 308 -17.21 28.78 49.72
CA LYS F 308 -16.13 29.19 50.59
C LYS F 308 -14.84 28.52 50.14
N THR F 309 -13.72 28.94 50.75
CA THR F 309 -12.43 28.34 50.42
C THR F 309 -12.37 26.88 50.87
N LYS F 310 -13.08 26.53 51.94
CA LYS F 310 -13.17 25.13 52.34
C LYS F 310 -13.91 24.31 51.29
N ASP F 311 -14.94 24.89 50.67
CA ASP F 311 -15.71 24.19 49.66
C ASP F 311 -14.87 23.87 48.44
N PHE F 312 -14.07 24.83 47.97
CA PHE F 312 -13.24 24.59 46.80
C PHE F 312 -12.05 23.71 47.13
N THR F 313 -11.42 23.93 48.30
CA THR F 313 -10.24 23.15 48.67
C THR F 313 -10.60 21.72 49.06
N LYS F 314 -11.86 21.45 49.37
CA LYS F 314 -12.29 20.07 49.56
C LYS F 314 -12.16 19.27 48.27
N LYS F 315 -12.55 19.86 47.15
CA LYS F 315 -12.39 19.23 45.84
C LYS F 315 -11.00 19.42 45.26
N LEU F 316 -10.16 20.24 45.88
CA LEU F 316 -8.85 20.56 45.35
C LEU F 316 -7.81 19.71 46.05
N ARG F 317 -6.91 19.12 45.28
CA ARG F 317 -5.82 18.32 45.83
C ARG F 317 -4.59 19.21 45.97
N MET F 318 -4.22 19.54 47.20
CA MET F 318 -3.09 20.41 47.46
C MET F 318 -1.87 19.63 47.93
N SER G 8 -19.77 21.35 -18.44
CA SER G 8 -20.11 20.72 -17.16
C SER G 8 -21.11 21.58 -16.38
N GLY G 9 -20.70 22.01 -15.19
CA GLY G 9 -21.55 22.84 -14.34
C GLY G 9 -21.21 24.31 -14.52
N LYS G 10 -22.24 25.09 -14.86
CA LYS G 10 -22.10 26.52 -15.10
C LYS G 10 -23.13 27.28 -14.29
N SER G 11 -22.81 28.54 -13.97
CA SER G 11 -23.70 29.43 -13.25
C SER G 11 -23.82 30.75 -14.00
N ARG G 12 -24.89 31.50 -13.68
CA ARG G 12 -25.11 32.80 -14.30
C ARG G 12 -23.98 33.77 -13.97
N GLU G 13 -23.55 33.79 -12.72
CA GLU G 13 -22.39 34.60 -12.35
C GLU G 13 -21.13 34.09 -13.03
N SER G 14 -20.98 32.78 -13.12
CA SER G 14 -19.83 32.20 -13.84
C SER G 14 -19.89 32.53 -15.32
N LYS G 15 -21.08 32.54 -15.89
CA LYS G 15 -21.23 32.90 -17.29
C LYS G 15 -20.81 34.35 -17.47
N ALA G 16 -21.27 35.23 -16.58
CA ALA G 16 -20.91 36.64 -16.68
C ALA G 16 -19.41 36.83 -16.55
N LYS G 17 -18.77 36.08 -15.65
CA LYS G 17 -17.32 36.16 -15.50
C LYS G 17 -16.61 35.70 -16.77
N GLN G 18 -17.10 34.62 -17.40
CA GLN G 18 -16.52 34.16 -18.65
C GLN G 18 -16.70 35.19 -19.75
N SER G 19 -17.86 35.83 -19.82
CA SER G 19 -18.09 36.87 -20.81
C SER G 19 -17.15 38.06 -20.59
N LEU G 20 -16.97 38.47 -19.33
CA LEU G 20 -16.06 39.57 -19.03
C LEU G 20 -14.63 39.23 -19.41
N GLN G 21 -14.19 38.01 -19.11
CA GLN G 21 -12.84 37.59 -19.49
C GLN G 21 -12.69 37.55 -21.01
N TRP G 22 -13.74 37.13 -21.72
CA TRP G 22 -13.68 37.13 -23.18
C TRP G 22 -13.60 38.54 -23.74
N GLU G 23 -14.33 39.49 -23.14
CA GLU G 23 -14.21 40.88 -23.56
C GLU G 23 -12.80 41.41 -23.32
N LYS G 24 -12.21 41.07 -22.16
CA LYS G 24 -10.85 41.51 -21.88
C LYS G 24 -9.85 40.91 -22.86
N LEU G 25 -10.06 39.64 -23.24
CA LEU G 25 -9.18 39.01 -24.21
C LEU G 25 -9.32 39.63 -25.60
N VAL G 26 -10.56 39.93 -26.00
CA VAL G 26 -10.81 40.52 -27.31
C VAL G 26 -10.22 41.93 -27.38
N LYS G 27 -10.39 42.71 -26.32
CA LYS G 27 -9.78 44.03 -26.26
C LYS G 27 -8.25 43.92 -26.27
N ARG G 28 -7.71 42.92 -25.57
CA ARG G 28 -6.27 42.72 -25.53
C ARG G 28 -5.71 42.35 -26.89
N SER G 29 -6.42 41.50 -27.63
CA SER G 29 -5.96 41.09 -28.96
C SER G 29 -7.12 41.06 -29.94
N PRO G 30 -7.08 41.90 -30.99
CA PRO G 30 -8.20 41.92 -31.95
C PRO G 30 -8.39 40.61 -32.71
N ALA G 31 -7.32 39.87 -32.98
CA ALA G 31 -7.45 38.64 -33.76
C ALA G 31 -8.13 37.52 -32.99
N LEU G 32 -8.25 37.65 -31.66
CA LEU G 32 -8.92 36.65 -30.85
C LEU G 32 -10.43 36.70 -30.98
N ALA G 33 -10.99 37.74 -31.59
CA ALA G 33 -12.44 37.87 -31.69
C ALA G 33 -13.02 36.90 -32.72
N GLU G 34 -12.23 36.51 -33.72
CA GLU G 34 -12.75 35.67 -34.79
C GLU G 34 -12.81 34.20 -34.44
N VAL G 35 -12.25 33.79 -33.30
CA VAL G 35 -12.26 32.38 -32.90
C VAL G 35 -13.46 32.14 -31.99
N THR G 36 -13.99 30.93 -32.04
CA THR G 36 -15.07 30.48 -31.17
C THR G 36 -14.58 29.38 -30.25
N LEU G 37 -15.33 29.16 -29.17
CA LEU G 37 -14.91 28.25 -28.12
C LEU G 37 -16.01 27.23 -27.83
N ASP G 38 -15.60 26.08 -27.32
CA ASP G 38 -16.55 25.06 -26.87
C ASP G 38 -17.12 25.43 -25.50
N ALA G 39 -18.03 24.60 -25.01
CA ALA G 39 -18.56 24.81 -23.67
C ALA G 39 -17.48 24.65 -22.61
N TYR G 40 -16.64 23.62 -22.75
CA TYR G 40 -15.58 23.41 -21.78
C TYR G 40 -14.45 24.43 -21.97
N GLU G 41 -14.24 24.90 -23.19
CA GLU G 41 -13.30 26.00 -23.41
C GLU G 41 -13.77 27.26 -22.71
N ARG G 42 -15.07 27.55 -22.80
CA ARG G 42 -15.63 28.66 -22.05
C ARG G 42 -15.54 28.44 -20.55
N THR G 43 -15.64 27.18 -20.10
CA THR G 43 -15.45 26.89 -18.69
C THR G 43 -14.03 27.25 -18.25
N ILE G 44 -13.03 26.88 -19.06
CA ILE G 44 -11.64 27.23 -18.77
C ILE G 44 -11.44 28.74 -18.83
N LEU G 45 -12.22 29.43 -19.67
CA LEU G 45 -12.11 30.88 -19.80
C LEU G 45 -12.36 31.62 -18.49
N SER G 46 -13.11 31.00 -17.57
CA SER G 46 -13.33 31.61 -16.26
C SER G 46 -12.08 31.62 -15.40
N SER G 47 -11.09 30.79 -15.71
CA SER G 47 -9.88 30.67 -14.90
C SER G 47 -8.73 31.53 -15.40
N ILE G 48 -8.94 32.33 -16.44
CA ILE G 48 -7.85 33.14 -16.96
C ILE G 48 -7.61 34.33 -16.04
N VAL G 49 -6.46 34.97 -16.23
CA VAL G 49 -6.00 36.07 -15.40
C VAL G 49 -5.56 37.22 -16.31
N THR G 50 -6.08 38.40 -16.06
CA THR G 50 -5.70 39.61 -16.77
C THR G 50 -4.75 40.45 -15.92
N PRO G 51 -3.96 41.33 -16.55
CA PRO G 51 -3.06 42.18 -15.76
C PRO G 51 -3.77 43.13 -14.80
N ASP G 52 -5.04 43.47 -15.07
CA ASP G 52 -5.75 44.37 -14.17
C ASP G 52 -6.02 43.71 -12.81
N GLU G 53 -6.33 42.41 -12.81
CA GLU G 53 -6.63 41.70 -11.57
C GLU G 53 -5.41 41.50 -10.70
N ILE G 54 -4.21 41.80 -11.21
CA ILE G 54 -2.97 41.60 -10.47
C ILE G 54 -2.38 42.96 -10.14
N ASN G 55 -2.02 43.15 -8.86
CA ASN G 55 -1.40 44.37 -8.40
C ASN G 55 0.11 44.24 -8.21
N ILE G 56 0.70 43.13 -8.63
CA ILE G 56 2.12 42.86 -8.41
C ILE G 56 2.88 43.05 -9.70
N THR G 57 3.90 43.90 -9.66
CA THR G 57 4.80 44.15 -10.77
C THR G 57 6.10 43.38 -10.55
N PHE G 58 6.91 43.27 -11.61
CA PHE G 58 8.23 42.68 -11.47
C PHE G 58 9.14 43.55 -10.61
N GLN G 59 8.85 44.85 -10.51
CA GLN G 59 9.60 45.71 -9.60
C GLN G 59 9.22 45.49 -8.15
N ASP G 60 8.09 44.84 -7.89
CA ASP G 60 7.63 44.57 -6.53
C ASP G 60 8.28 43.32 -5.94
N ILE G 61 9.20 42.69 -6.64
CA ILE G 61 9.90 41.50 -6.15
C ILE G 61 11.36 41.90 -5.93
N GLY G 62 11.83 41.70 -4.70
CA GLY G 62 13.20 42.03 -4.34
C GLY G 62 13.99 40.75 -4.11
N GLY G 63 15.30 40.83 -4.34
CA GLY G 63 16.18 39.71 -4.08
C GLY G 63 16.21 38.66 -5.16
N LEU G 64 15.29 38.70 -6.12
CA LEU G 64 15.25 37.74 -7.21
C LEU G 64 15.66 38.37 -8.53
N ASP G 65 16.42 39.47 -8.48
CA ASP G 65 16.83 40.16 -9.71
C ASP G 65 17.62 39.30 -10.67
N PRO G 66 18.64 38.51 -10.27
CA PRO G 66 19.24 37.60 -11.26
C PRO G 66 18.27 36.53 -11.72
N LEU G 67 17.44 36.00 -10.81
CA LEU G 67 16.44 35.02 -11.21
C LEU G 67 15.40 35.64 -12.12
N ILE G 68 14.99 36.88 -11.85
CA ILE G 68 14.02 37.55 -12.70
C ILE G 68 14.60 37.79 -14.09
N SER G 69 15.86 38.22 -14.16
CA SER G 69 16.49 38.44 -15.47
C SER G 69 16.66 37.13 -16.23
N ASP G 70 17.06 36.07 -15.55
CA ASP G 70 17.20 34.77 -16.21
C ASP G 70 15.84 34.26 -16.68
N LEU G 71 14.80 34.42 -15.87
CA LEU G 71 13.46 34.02 -16.27
C LEU G 71 13.00 34.82 -17.47
N HIS G 72 13.27 36.12 -17.49
CA HIS G 72 12.96 36.95 -18.65
C HIS G 72 13.62 36.38 -19.91
N GLU G 73 14.96 36.30 -19.88
CA GLU G 73 15.71 35.95 -21.09
C GLU G 73 15.42 34.54 -21.58
N SER G 74 15.15 33.60 -20.65
CA SER G 74 14.96 32.22 -21.06
C SER G 74 13.50 31.82 -21.21
N VAL G 75 12.55 32.65 -20.77
CA VAL G 75 11.15 32.23 -20.74
C VAL G 75 10.28 33.24 -21.47
N ILE G 76 10.36 34.51 -21.08
CA ILE G 76 9.37 35.47 -21.55
C ILE G 76 9.72 35.96 -22.94
N TYR G 77 10.95 36.41 -23.13
CA TYR G 77 11.38 36.90 -24.44
C TYR G 77 11.30 35.84 -25.54
N PRO G 78 11.75 34.58 -25.35
CA PRO G 78 11.53 33.59 -26.42
C PRO G 78 10.07 33.33 -26.72
N LEU G 79 9.19 33.42 -25.72
CA LEU G 79 7.78 33.14 -25.95
C LEU G 79 7.06 34.28 -26.65
N MET G 80 7.43 35.53 -26.36
CA MET G 80 6.65 36.67 -26.85
C MET G 80 7.23 37.31 -28.11
N MET G 81 8.54 37.26 -28.32
CA MET G 81 9.03 37.74 -29.60
C MET G 81 9.73 36.60 -30.33
N PRO G 82 8.99 35.74 -31.03
CA PRO G 82 9.64 34.71 -31.83
C PRO G 82 10.34 35.26 -33.06
N GLU G 83 10.05 36.50 -33.46
CA GLU G 83 10.71 37.09 -34.61
C GLU G 83 12.19 37.27 -34.36
N VAL G 84 12.56 37.68 -33.15
CA VAL G 84 13.98 37.82 -32.81
C VAL G 84 14.66 36.46 -32.77
N TYR G 85 14.00 35.47 -32.18
CA TYR G 85 14.60 34.17 -31.94
C TYR G 85 14.38 33.18 -33.09
N SER G 86 13.81 33.64 -34.20
CA SER G 86 13.49 32.72 -35.30
C SER G 86 14.70 32.34 -36.14
N ASN G 87 15.87 32.93 -35.89
CA ASN G 87 17.05 32.59 -36.67
C ASN G 87 17.51 31.15 -36.40
N SER G 88 17.32 30.66 -35.19
CA SER G 88 17.62 29.29 -34.86
C SER G 88 16.39 28.61 -34.27
N PRO G 89 16.05 27.40 -34.70
CA PRO G 89 14.90 26.69 -34.10
C PRO G 89 15.12 26.29 -32.67
N LEU G 90 16.37 26.29 -32.19
CA LEU G 90 16.70 25.96 -30.81
C LEU G 90 16.49 27.13 -29.86
N LEU G 91 16.04 28.27 -30.35
CA LEU G 91 15.81 29.45 -29.52
C LEU G 91 14.37 29.56 -29.03
N GLN G 92 13.55 28.55 -29.27
CA GLN G 92 12.14 28.63 -28.92
C GLN G 92 11.95 28.54 -27.41
N ALA G 93 10.75 28.95 -26.97
CA ALA G 93 10.43 28.98 -25.55
C ALA G 93 10.33 27.56 -25.00
N PRO G 94 10.66 27.35 -23.73
CA PRO G 94 10.52 26.03 -23.13
C PRO G 94 9.06 25.61 -23.01
N SER G 95 8.83 24.30 -23.06
CA SER G 95 7.47 23.80 -22.97
C SER G 95 6.88 24.00 -21.59
N GLY G 96 7.70 23.91 -20.55
CA GLY G 96 7.23 24.10 -19.20
C GLY G 96 8.30 24.71 -18.33
N VAL G 97 7.87 25.43 -17.31
CA VAL G 97 8.78 26.06 -16.36
C VAL G 97 8.29 25.77 -14.95
N LEU G 98 9.17 25.28 -14.09
CA LEU G 98 8.82 24.94 -12.72
C LEU G 98 9.48 25.93 -11.77
N LEU G 99 8.67 26.55 -10.93
CA LEU G 99 9.14 27.47 -9.91
C LEU G 99 9.00 26.74 -8.58
N TYR G 100 10.04 26.01 -8.20
CA TYR G 100 10.03 25.22 -6.98
C TYR G 100 10.96 25.85 -5.94
N GLY G 101 10.62 25.69 -4.68
CA GLY G 101 11.44 26.20 -3.60
C GLY G 101 10.74 26.13 -2.25
N PRO G 102 11.44 26.59 -1.21
CA PRO G 102 10.81 26.63 0.11
C PRO G 102 9.64 27.59 0.10
N PRO G 103 8.64 27.36 0.95
CA PRO G 103 7.41 28.17 0.88
C PRO G 103 7.64 29.62 1.26
N GLY G 104 6.94 30.52 0.57
CA GLY G 104 6.99 31.94 0.85
C GLY G 104 8.14 32.69 0.22
N CYS G 105 8.92 32.04 -0.63
CA CYS G 105 10.11 32.68 -1.18
C CYS G 105 9.83 33.53 -2.42
N GLY G 106 8.64 33.43 -3.01
CA GLY G 106 8.31 34.33 -4.09
C GLY G 106 7.87 33.69 -5.39
N LYS G 107 7.43 32.43 -5.34
CA LYS G 107 7.00 31.74 -6.56
C LYS G 107 5.73 32.36 -7.12
N THR G 108 4.72 32.56 -6.28
CA THR G 108 3.49 33.18 -6.76
C THR G 108 3.70 34.67 -7.01
N MET G 109 4.69 35.29 -6.37
CA MET G 109 5.06 36.65 -6.76
C MET G 109 5.57 36.68 -8.19
N LEU G 110 6.45 35.73 -8.54
CA LEU G 110 6.95 35.63 -9.90
C LEU G 110 5.81 35.33 -10.87
N ALA G 111 4.88 34.48 -10.46
CA ALA G 111 3.74 34.16 -11.32
C ALA G 111 2.83 35.36 -11.53
N LYS G 112 2.60 36.15 -10.48
CA LYS G 112 1.77 37.34 -10.61
C LYS G 112 2.44 38.40 -11.48
N ALA G 113 3.75 38.60 -11.30
CA ALA G 113 4.47 39.53 -12.15
C ALA G 113 4.52 39.04 -13.58
N LEU G 114 4.55 37.72 -13.77
CA LEU G 114 4.46 37.13 -15.10
C LEU G 114 3.09 37.37 -15.72
N ALA G 115 2.04 37.26 -14.92
CA ALA G 115 0.69 37.48 -15.44
C ALA G 115 0.45 38.94 -15.79
N LYS G 116 1.07 39.85 -15.06
CA LYS G 116 0.83 41.26 -15.30
C LYS G 116 1.77 41.88 -16.32
N GLU G 117 3.08 41.63 -16.18
CA GLU G 117 4.08 42.39 -16.93
C GLU G 117 4.56 41.71 -18.20
N SER G 118 4.57 40.37 -18.25
CA SER G 118 4.95 39.70 -19.50
C SER G 118 3.96 40.01 -20.60
N GLY G 119 2.68 39.95 -20.29
CA GLY G 119 1.63 40.24 -21.24
C GLY G 119 1.10 39.06 -22.01
N ALA G 120 1.41 37.83 -21.59
CA ALA G 120 0.81 36.67 -22.23
C ALA G 120 -0.56 36.39 -21.64
N ASN G 121 -1.41 35.75 -22.44
CA ASN G 121 -2.71 35.33 -21.93
C ASN G 121 -2.51 34.30 -20.85
N PHE G 122 -2.84 34.65 -19.61
CA PHE G 122 -2.52 33.84 -18.45
C PHE G 122 -3.75 33.05 -18.03
N ILE G 123 -3.57 31.74 -17.85
CA ILE G 123 -4.62 30.86 -17.37
C ILE G 123 -4.13 30.28 -16.04
N SER G 124 -4.57 30.87 -14.94
CA SER G 124 -4.22 30.37 -13.61
C SER G 124 -5.30 29.37 -13.21
N ILE G 125 -5.09 28.12 -13.57
CA ILE G 125 -6.09 27.09 -13.32
C ILE G 125 -5.91 26.55 -11.91
N ARG G 126 -7.03 26.25 -11.27
CA ARG G 126 -7.05 25.65 -9.95
C ARG G 126 -7.58 24.23 -10.06
N MET G 127 -7.37 23.46 -8.99
CA MET G 127 -7.69 22.04 -9.06
C MET G 127 -9.19 21.79 -9.03
N SER G 128 -9.97 22.73 -8.51
CA SER G 128 -11.42 22.53 -8.45
C SER G 128 -12.07 22.73 -9.80
N SER G 129 -11.42 23.44 -10.72
CA SER G 129 -11.98 23.62 -12.05
C SER G 129 -11.65 22.48 -12.99
N ILE G 130 -10.80 21.55 -12.59
CA ILE G 130 -10.43 20.41 -13.41
C ILE G 130 -11.19 19.16 -13.02
N MET G 131 -11.20 18.83 -11.73
CA MET G 131 -11.92 17.66 -11.25
C MET G 131 -13.42 17.84 -11.42
N ASP G 132 -14.12 16.73 -11.65
CA ASP G 132 -15.56 16.74 -11.75
C ASP G 132 -16.08 15.35 -11.43
N LYS G 133 -17.20 15.28 -10.72
CA LYS G 133 -17.76 14.01 -10.32
C LYS G 133 -18.25 13.22 -11.53
N TRP G 134 -18.79 13.91 -12.53
CA TRP G 134 -19.31 13.22 -13.70
C TRP G 134 -18.18 12.55 -14.46
N TYR G 135 -18.52 11.49 -15.19
CA TYR G 135 -17.51 10.62 -15.79
C TYR G 135 -16.87 11.27 -17.00
N GLY G 136 -15.54 11.30 -17.00
CA GLY G 136 -14.81 11.78 -18.15
C GLY G 136 -14.81 13.28 -18.34
N GLU G 137 -15.35 14.03 -17.38
CA GLU G 137 -15.41 15.47 -17.52
C GLU G 137 -14.06 16.13 -17.27
N SER G 138 -13.23 15.54 -16.40
CA SER G 138 -11.92 16.10 -16.13
C SER G 138 -11.03 16.05 -17.37
N ASN G 139 -11.09 14.95 -18.12
CA ASN G 139 -10.30 14.84 -19.34
C ASN G 139 -10.76 15.86 -20.38
N LYS G 140 -12.07 16.04 -20.52
CA LYS G 140 -12.58 17.03 -21.46
C LYS G 140 -12.20 18.45 -21.03
N ILE G 141 -12.17 18.70 -19.71
CA ILE G 141 -11.79 20.00 -19.19
C ILE G 141 -10.33 20.30 -19.52
N VAL G 142 -9.45 19.32 -19.32
CA VAL G 142 -8.04 19.49 -19.67
C VAL G 142 -7.86 19.66 -21.19
N ASP G 143 -8.59 18.87 -21.98
CA ASP G 143 -8.50 18.99 -23.42
C ASP G 143 -8.90 20.37 -23.89
N ALA G 144 -10.00 20.90 -23.34
CA ALA G 144 -10.44 22.24 -23.71
C ALA G 144 -9.52 23.30 -23.18
N MET G 145 -8.89 23.07 -22.02
CA MET G 145 -7.89 24.00 -21.52
C MET G 145 -6.74 24.14 -22.50
N PHE G 146 -6.24 23.01 -22.98
CA PHE G 146 -5.12 23.06 -23.93
C PHE G 146 -5.56 23.62 -25.27
N SER G 147 -6.77 23.29 -25.72
CA SER G 147 -7.26 23.85 -26.98
C SER G 147 -7.44 25.35 -26.89
N LEU G 148 -7.95 25.86 -25.78
CA LEU G 148 -8.10 27.30 -25.58
C LEU G 148 -6.74 27.97 -25.50
N ALA G 149 -5.78 27.34 -24.82
CA ALA G 149 -4.43 27.90 -24.74
C ALA G 149 -3.78 27.95 -26.11
N ASN G 150 -4.06 26.95 -26.96
CA ASN G 150 -3.56 27.01 -28.33
C ASN G 150 -4.28 28.08 -29.14
N LYS G 151 -5.56 28.33 -28.83
CA LYS G 151 -6.31 29.34 -29.56
C LYS G 151 -5.83 30.74 -29.24
N LEU G 152 -5.57 31.01 -27.96
CA LEU G 152 -4.96 32.28 -27.54
C LEU G 152 -3.46 32.06 -27.59
N GLN G 153 -2.86 32.34 -28.75
CA GLN G 153 -1.57 31.73 -29.11
C GLN G 153 -0.44 31.99 -28.12
N PRO G 154 -0.14 33.23 -27.69
CA PRO G 154 0.82 33.37 -26.59
C PRO G 154 0.11 33.14 -25.28
N CYS G 155 0.31 31.97 -24.66
CA CYS G 155 -0.47 31.58 -23.50
C CYS G 155 0.44 30.91 -22.48
N ILE G 156 0.27 31.29 -21.21
CA ILE G 156 0.95 30.62 -20.11
C ILE G 156 -0.13 30.06 -19.20
N ILE G 157 -0.07 28.76 -18.95
CA ILE G 157 -1.02 28.09 -18.06
C ILE G 157 -0.34 27.90 -16.72
N PHE G 158 -0.92 28.49 -15.67
CA PHE G 158 -0.36 28.39 -14.33
C PHE G 158 -1.18 27.42 -13.51
N ILE G 159 -0.51 26.45 -12.91
CA ILE G 159 -1.12 25.51 -11.99
C ILE G 159 -0.39 25.69 -10.66
N ASP G 160 -0.96 26.51 -9.78
CA ASP G 160 -0.36 26.70 -8.47
C ASP G 160 -0.47 25.41 -7.67
N GLN G 161 0.58 25.11 -6.91
CA GLN G 161 0.73 23.84 -6.19
C GLN G 161 0.59 22.67 -7.15
N ILE G 162 1.48 22.66 -8.15
CA ILE G 162 1.42 21.68 -9.22
C ILE G 162 1.88 20.30 -8.79
N ASP G 163 2.39 20.16 -7.55
CA ASP G 163 2.78 18.86 -7.06
C ASP G 163 1.58 17.93 -6.89
N SER G 164 0.43 18.48 -6.51
CA SER G 164 -0.75 17.65 -6.32
C SER G 164 -1.33 17.21 -7.65
N PHE G 165 -1.34 18.09 -8.65
CA PHE G 165 -1.83 17.71 -9.97
C PHE G 165 -0.94 16.66 -10.61
N LEU G 166 0.38 16.86 -10.53
CA LEU G 166 1.34 16.03 -11.25
C LEU G 166 2.06 15.10 -10.28
N ARG G 167 1.34 14.58 -9.29
CA ARG G 167 1.95 13.69 -8.31
C ARG G 167 2.37 12.38 -8.98
N GLU G 168 3.32 11.70 -8.33
CA GLU G 168 3.89 10.48 -8.87
C GLU G 168 2.80 9.42 -9.02
N ARG G 169 2.59 8.97 -10.26
CA ARG G 169 1.50 8.05 -10.55
C ARG G 169 1.72 6.71 -9.87
N SER G 170 0.61 6.09 -9.48
CA SER G 170 0.64 4.78 -8.84
C SER G 170 -0.62 4.03 -9.22
N SER G 171 -0.59 2.71 -9.01
CA SER G 171 -1.75 1.88 -9.31
C SER G 171 -2.93 2.17 -8.40
N THR G 172 -2.70 2.78 -7.24
CA THR G 172 -3.76 3.13 -6.32
C THR G 172 -4.50 4.41 -6.70
N ASP G 173 -4.07 5.07 -7.78
CA ASP G 173 -4.69 6.31 -8.18
C ASP G 173 -6.09 6.08 -8.71
N HIS G 174 -7.00 7.00 -8.44
CA HIS G 174 -8.35 6.88 -8.96
C HIS G 174 -8.30 6.85 -10.48
N GLU G 175 -9.29 6.19 -11.09
CA GLU G 175 -9.29 6.05 -12.54
C GLU G 175 -9.40 7.41 -13.21
N VAL G 176 -10.18 8.33 -12.64
CA VAL G 176 -10.30 9.66 -13.21
C VAL G 176 -9.02 10.45 -13.02
N THR G 177 -8.37 10.31 -11.87
CA THR G 177 -7.10 11.02 -11.65
C THR G 177 -6.04 10.55 -12.63
N ALA G 178 -5.88 9.23 -12.78
CA ALA G 178 -4.84 8.69 -13.65
C ALA G 178 -5.14 9.00 -15.11
N THR G 179 -6.41 8.88 -15.51
CA THR G 179 -6.78 9.23 -16.88
C THR G 179 -6.56 10.72 -17.14
N LEU G 180 -6.88 11.56 -16.15
CA LEU G 180 -6.69 12.99 -16.26
C LEU G 180 -5.22 13.35 -16.43
N LYS G 181 -4.35 12.72 -15.62
CA LYS G 181 -2.93 13.01 -15.70
C LYS G 181 -2.33 12.49 -17.00
N ALA G 182 -2.79 11.33 -17.47
CA ALA G 182 -2.32 10.82 -18.76
C ALA G 182 -2.75 11.72 -19.90
N GLU G 183 -3.99 12.24 -19.83
CA GLU G 183 -4.44 13.18 -20.85
C GLU G 183 -3.63 14.46 -20.82
N PHE G 184 -3.28 14.92 -19.62
CA PHE G 184 -2.43 16.11 -19.50
C PHE G 184 -1.05 15.86 -20.10
N MET G 185 -0.48 14.67 -19.88
CA MET G 185 0.83 14.38 -20.48
C MET G 185 0.72 14.25 -21.99
N THR G 186 -0.37 13.69 -22.50
CA THR G 186 -0.56 13.55 -23.93
C THR G 186 -0.65 14.92 -24.60
N LEU G 187 -1.45 15.82 -24.03
CA LEU G 187 -1.63 17.13 -24.65
C LEU G 187 -0.42 18.04 -24.42
N TRP G 188 0.27 17.87 -23.29
CA TRP G 188 1.40 18.73 -22.96
C TRP G 188 2.52 18.56 -23.97
N ASP G 189 2.87 17.33 -24.30
CA ASP G 189 3.85 17.04 -25.34
C ASP G 189 3.54 15.66 -25.89
N GLY G 190 2.83 15.62 -27.01
CA GLY G 190 2.47 14.37 -27.63
C GLY G 190 2.60 14.44 -29.14
N LEU G 191 1.70 13.75 -29.85
CA LEU G 191 1.74 13.77 -31.30
C LEU G 191 1.52 15.16 -31.85
N LEU G 192 0.46 15.82 -31.40
CA LEU G 192 0.16 17.17 -31.87
C LEU G 192 1.01 18.16 -31.08
N ASN G 193 1.90 18.85 -31.77
CA ASN G 193 2.77 19.82 -31.12
C ASN G 193 1.96 21.03 -30.69
N ASN G 194 2.15 21.46 -29.45
CA ASN G 194 1.47 22.65 -28.95
C ASN G 194 2.07 23.90 -29.61
N GLY G 195 1.29 24.96 -29.60
CA GLY G 195 1.75 26.22 -30.16
C GLY G 195 2.64 26.97 -29.20
N ARG G 196 2.42 28.27 -29.03
CA ARG G 196 3.18 29.04 -28.04
C ARG G 196 2.54 28.94 -26.65
N VAL G 197 2.34 27.71 -26.20
CA VAL G 197 1.72 27.42 -24.91
C VAL G 197 2.80 26.93 -23.98
N MET G 198 2.86 27.48 -22.77
CA MET G 198 3.82 27.06 -21.77
C MET G 198 3.10 26.82 -20.46
N ILE G 199 3.29 25.64 -19.89
CA ILE G 199 2.68 25.27 -18.62
C ILE G 199 3.67 25.60 -17.51
N ILE G 200 3.30 26.52 -16.64
CA ILE G 200 4.19 26.99 -15.58
C ILE G 200 3.59 26.60 -14.25
N GLY G 201 4.39 25.98 -13.40
CA GLY G 201 3.88 25.51 -12.12
C GLY G 201 4.75 25.87 -10.95
N ALA G 202 4.13 26.32 -9.87
CA ALA G 202 4.82 26.60 -8.62
C ALA G 202 4.56 25.46 -7.65
N THR G 203 5.57 25.10 -6.87
CA THR G 203 5.43 24.01 -5.92
C THR G 203 6.44 24.18 -4.79
N ASN G 204 6.25 23.41 -3.73
CA ASN G 204 7.25 23.31 -2.67
C ASN G 204 7.82 21.90 -2.71
N ARG G 205 7.04 20.94 -3.19
CA ARG G 205 7.46 19.53 -3.21
C ARG G 205 7.75 19.17 -4.67
N ILE G 206 8.99 19.44 -5.10
CA ILE G 206 9.38 19.04 -6.45
C ILE G 206 9.51 17.53 -6.53
N ASN G 207 9.97 16.88 -5.45
CA ASN G 207 10.14 15.44 -5.45
C ASN G 207 8.81 14.70 -5.54
N ASP G 208 7.70 15.36 -5.23
CA ASP G 208 6.39 14.73 -5.36
C ASP G 208 5.97 14.59 -6.81
N ILE G 209 6.60 15.33 -7.72
CA ILE G 209 6.18 15.36 -9.11
C ILE G 209 6.74 14.14 -9.83
N ASP G 210 5.91 13.52 -10.67
CA ASP G 210 6.34 12.36 -11.43
C ASP G 210 7.46 12.71 -12.39
N ASP G 211 8.27 11.70 -12.74
CA ASP G 211 9.42 11.94 -13.60
C ASP G 211 9.00 12.38 -15.00
N ALA G 212 7.89 11.84 -15.50
CA ALA G 212 7.42 12.20 -16.82
C ALA G 212 6.93 13.65 -16.87
N PHE G 213 6.41 14.16 -15.76
CA PHE G 213 6.01 15.56 -15.71
C PHE G 213 7.22 16.47 -15.57
N LEU G 214 8.19 16.10 -14.73
CA LEU G 214 9.43 16.86 -14.62
C LEU G 214 10.18 16.90 -15.93
N ARG G 215 10.03 15.87 -16.75
CA ARG G 215 10.56 15.91 -18.11
C ARG G 215 9.89 17.01 -18.92
N ARG G 216 8.60 17.23 -18.72
CA ARG G 216 7.87 18.25 -19.45
C ARG G 216 8.09 19.65 -18.90
N LEU G 217 8.76 19.79 -17.77
CA LEU G 217 9.13 21.10 -17.24
C LEU G 217 10.65 21.21 -17.24
N PRO G 218 11.27 21.50 -18.40
CA PRO G 218 12.74 21.45 -18.44
C PRO G 218 13.40 22.62 -17.75
N LYS G 219 12.89 23.83 -17.92
CA LYS G 219 13.47 25.00 -17.28
C LYS G 219 12.97 25.06 -15.84
N ARG G 220 13.86 24.91 -14.88
CA ARG G 220 13.50 24.85 -13.47
C ARG G 220 14.16 26.00 -12.73
N PHE G 221 13.37 26.76 -11.99
CA PHE G 221 13.85 27.88 -11.21
C PHE G 221 13.75 27.54 -9.73
N LEU G 222 14.85 27.62 -9.02
CA LEU G 222 14.90 27.36 -7.59
C LEU G 222 14.81 28.69 -6.86
N VAL G 223 13.64 28.99 -6.31
CA VAL G 223 13.44 30.20 -5.51
C VAL G 223 13.77 29.81 -4.07
N SER G 224 15.05 29.85 -3.75
CA SER G 224 15.52 29.38 -2.46
C SER G 224 15.28 30.44 -1.38
N LEU G 225 15.61 30.10 -0.14
CA LEU G 225 15.46 31.02 0.97
C LEU G 225 16.40 32.20 0.79
N PRO G 226 15.94 33.44 1.01
CA PRO G 226 16.76 34.61 0.70
C PRO G 226 18.00 34.71 1.59
N GLY G 227 19.08 35.21 0.99
CA GLY G 227 20.28 35.52 1.72
C GLY G 227 20.22 36.89 2.35
N SER G 228 21.38 37.36 2.83
CA SER G 228 21.44 38.65 3.50
C SER G 228 21.10 39.78 2.54
N ASP G 229 21.76 39.82 1.38
CA ASP G 229 21.47 40.83 0.38
C ASP G 229 20.04 40.68 -0.14
N GLN G 230 19.60 39.44 -0.36
CA GLN G 230 18.24 39.20 -0.82
C GLN G 230 17.23 39.68 0.21
N ARG G 231 17.49 39.42 1.49
CA ARG G 231 16.59 39.89 2.54
C ARG G 231 16.57 41.41 2.60
N TYR G 232 17.72 42.05 2.36
CA TYR G 232 17.76 43.51 2.31
C TYR G 232 16.88 44.03 1.18
N LYS G 233 16.97 43.42 0.00
CA LYS G 233 16.16 43.88 -1.12
C LYS G 233 14.67 43.65 -0.86
N ILE G 234 14.32 42.52 -0.25
CA ILE G 234 12.92 42.23 0.06
C ILE G 234 12.38 43.25 1.05
N LEU G 235 13.16 43.55 2.11
CA LEU G 235 12.74 44.52 3.09
C LEU G 235 12.60 45.90 2.48
N SER G 236 13.53 46.28 1.60
CA SER G 236 13.46 47.58 0.95
C SER G 236 12.24 47.68 0.05
N VAL G 237 11.87 46.57 -0.59
CA VAL G 237 10.68 46.56 -1.44
C VAL G 237 9.42 46.67 -0.60
N LEU G 238 9.35 45.91 0.50
CA LEU G 238 8.16 45.94 1.35
C LEU G 238 8.00 47.30 2.02
N LEU G 239 9.10 47.90 2.48
CA LEU G 239 9.07 49.18 3.16
C LEU G 239 9.01 50.36 2.20
N LYS G 240 8.73 50.12 0.92
CA LYS G 240 8.49 51.20 -0.02
C LYS G 240 7.18 51.91 0.35
N ASP G 241 7.13 53.22 0.05
CA ASP G 241 6.07 54.16 0.40
C ASP G 241 5.62 54.02 1.85
N THR G 242 6.57 53.77 2.74
CA THR G 242 6.34 53.75 4.17
C THR G 242 7.42 54.60 4.82
N LYS G 243 7.03 55.54 5.67
CA LYS G 243 7.97 56.46 6.27
C LYS G 243 8.97 55.72 7.16
N LEU G 244 10.25 56.04 6.98
CA LEU G 244 11.33 55.45 7.76
C LEU G 244 12.13 56.55 8.42
N ASP G 245 12.69 56.24 9.59
CA ASP G 245 13.52 57.20 10.29
C ASP G 245 14.80 57.45 9.50
N GLU G 246 15.19 58.72 9.41
CA GLU G 246 16.38 59.07 8.62
C GLU G 246 17.65 58.57 9.28
N ASP G 247 17.74 58.65 10.60
CA ASP G 247 18.95 58.27 11.33
C ASP G 247 18.79 57.02 12.17
N GLU G 248 17.67 56.84 12.84
CA GLU G 248 17.52 55.70 13.74
C GLU G 248 17.35 54.40 12.99
N PHE G 249 16.77 54.43 11.79
CA PHE G 249 16.53 53.21 11.05
C PHE G 249 17.83 52.68 10.45
N ASP G 250 17.98 51.36 10.48
CA ASP G 250 19.15 50.70 9.89
C ASP G 250 18.67 49.37 9.32
N LEU G 251 18.38 49.36 8.01
CA LEU G 251 17.87 48.15 7.37
C LEU G 251 18.94 47.07 7.26
N GLN G 252 20.22 47.45 7.22
CA GLN G 252 21.28 46.47 7.05
C GLN G 252 21.39 45.56 8.27
N LEU G 253 21.43 46.15 9.47
CA LEU G 253 21.49 45.35 10.70
C LEU G 253 20.26 44.45 10.82
N ILE G 254 19.09 44.98 10.48
CA ILE G 254 17.86 44.20 10.49
C ILE G 254 18.01 43.00 9.56
N ALA G 255 18.60 43.22 8.38
CA ALA G 255 18.81 42.14 7.42
C ALA G 255 19.77 41.09 7.96
N ASP G 256 20.83 41.50 8.66
CA ASP G 256 21.73 40.51 9.24
C ASP G 256 21.04 39.68 10.31
N ASN G 257 20.24 40.32 11.14
CA ASN G 257 19.63 39.57 12.24
C ASN G 257 18.43 38.68 11.86
N THR G 258 17.88 38.85 10.67
CA THR G 258 16.69 38.05 10.33
C THR G 258 17.06 36.78 9.56
N LYS G 259 18.01 36.01 10.11
CA LYS G 259 18.50 34.83 9.42
C LYS G 259 17.44 33.73 9.39
N GLY G 260 17.31 33.09 8.24
CA GLY G 260 16.37 31.99 8.07
C GLY G 260 14.96 32.41 7.77
N PHE G 261 14.73 33.66 7.42
CA PHE G 261 13.40 34.17 7.14
C PHE G 261 13.12 34.09 5.64
N SER G 262 11.90 33.69 5.31
CA SER G 262 11.44 33.75 3.93
C SER G 262 10.87 35.13 3.66
N GLY G 263 10.37 35.34 2.44
CA GLY G 263 9.77 36.62 2.10
C GLY G 263 8.48 36.89 2.85
N SER G 264 7.65 35.86 3.03
CA SER G 264 6.41 36.04 3.78
C SER G 264 6.68 36.34 5.24
N ASP G 265 7.70 35.70 5.82
CA ASP G 265 8.08 35.99 7.20
C ASP G 265 8.55 37.44 7.34
N LEU G 266 9.30 37.94 6.36
CA LEU G 266 9.72 39.34 6.38
C LEU G 266 8.52 40.26 6.22
N LYS G 267 7.55 39.87 5.40
CA LYS G 267 6.34 40.68 5.26
C LYS G 267 5.59 40.76 6.58
N GLU G 268 5.51 39.65 7.31
CA GLU G 268 4.87 39.66 8.62
C GLU G 268 5.65 40.50 9.62
N LEU G 269 6.98 40.44 9.57
CA LEU G 269 7.82 41.26 10.43
C LEU G 269 7.57 42.75 10.17
N CYS G 270 7.49 43.13 8.89
CA CYS G 270 7.18 44.51 8.53
C CYS G 270 5.77 44.89 8.95
N ARG G 271 4.82 43.97 8.83
CA ARG G 271 3.44 44.25 9.24
C ARG G 271 3.35 44.52 10.74
N GLU G 272 4.01 43.68 11.54
CA GLU G 272 4.00 43.88 12.99
C GLU G 272 4.71 45.16 13.37
N ALA G 273 5.85 45.45 12.75
CA ALA G 273 6.57 46.68 13.04
C ALA G 273 5.75 47.91 12.67
N ALA G 274 5.09 47.89 11.51
CA ALA G 274 4.28 49.02 11.08
C ALA G 274 3.08 49.22 12.01
N LEU G 275 2.44 48.13 12.43
CA LEU G 275 1.31 48.24 13.35
C LEU G 275 1.75 48.82 14.69
N ASP G 276 2.89 48.35 15.21
CA ASP G 276 3.38 48.88 16.48
C ASP G 276 3.79 50.34 16.35
N ALA G 277 4.30 50.74 15.18
CA ALA G 277 4.62 52.13 14.93
C ALA G 277 3.36 52.99 14.91
N ALA G 278 2.33 52.53 14.21
CA ALA G 278 1.17 53.34 13.94
C ALA G 278 0.06 53.20 14.99
N LYS G 279 0.30 52.41 16.05
CA LYS G 279 -0.70 52.24 17.10
C LYS G 279 -1.17 53.57 17.68
N GLU G 280 -0.26 54.52 17.88
CA GLU G 280 -0.65 55.84 18.37
C GLU G 280 -1.52 56.57 17.38
N TYR G 281 -1.20 56.46 16.08
CA TYR G 281 -2.01 57.10 15.05
C TYR G 281 -3.41 56.49 14.98
N ILE G 282 -3.51 55.17 15.13
CA ILE G 282 -4.83 54.52 15.14
C ILE G 282 -5.61 54.94 16.38
N LYS G 283 -4.92 55.09 17.52
CA LYS G 283 -5.59 55.58 18.72
C LYS G 283 -6.13 56.99 18.51
N GLN G 284 -5.36 57.85 17.83
CA GLN G 284 -5.83 59.20 17.54
C GLN G 284 -7.00 59.17 16.55
N LYS G 285 -6.94 58.29 15.55
CA LYS G 285 -7.99 58.23 14.54
C LYS G 285 -9.29 57.69 15.11
N ARG G 286 -9.20 56.71 16.02
CA ARG G 286 -10.40 56.17 16.64
C ARG G 286 -11.10 57.20 17.51
N GLN G 287 -10.34 57.99 18.26
CA GLN G 287 -10.92 59.02 19.11
C GLN G 287 -11.26 60.27 18.30
N ILE G 304 2.01 60.08 11.21
CA ILE G 304 2.44 58.75 11.65
C ILE G 304 3.93 58.80 12.03
N ARG G 305 4.29 58.01 13.03
CA ARG G 305 5.68 57.94 13.45
C ARG G 305 6.49 57.17 12.41
N PRO G 306 7.63 57.69 11.96
CA PRO G 306 8.46 56.93 11.01
C PRO G 306 9.01 55.66 11.64
N LEU G 307 9.16 54.64 10.80
CA LEU G 307 9.61 53.34 11.28
C LEU G 307 11.09 53.40 11.67
N LYS G 308 11.42 52.79 12.80
CA LYS G 308 12.77 52.81 13.33
C LYS G 308 13.26 51.37 13.51
N THR G 309 14.55 51.24 13.82
CA THR G 309 15.15 49.92 13.98
C THR G 309 14.53 49.17 15.17
N LYS G 310 14.25 49.89 16.26
CA LYS G 310 13.72 49.25 17.46
C LYS G 310 12.34 48.66 17.21
N ASP G 311 11.62 49.19 16.23
CA ASP G 311 10.28 48.66 15.91
C ASP G 311 10.38 47.22 15.49
N PHE G 312 11.24 46.96 14.52
CA PHE G 312 11.44 45.58 14.07
C PHE G 312 12.24 44.77 15.08
N THR G 313 13.13 45.42 15.82
CA THR G 313 14.01 44.70 16.75
C THR G 313 13.23 44.16 17.95
N LYS G 314 12.18 44.88 18.38
CA LYS G 314 11.37 44.41 19.49
C LYS G 314 10.62 43.12 19.17
N LYS G 315 10.43 42.82 17.88
CA LYS G 315 9.86 41.57 17.43
C LYS G 315 10.92 40.55 17.02
N LEU G 316 12.01 41.01 16.42
CA LEU G 316 13.05 40.12 15.93
C LEU G 316 13.68 39.36 17.10
N ARG G 317 13.89 38.05 16.89
CA ARG G 317 14.35 37.13 17.92
C ARG G 317 15.79 36.67 17.67
N MET G 318 16.67 37.59 17.29
CA MET G 318 18.08 37.27 17.09
C MET G 318 18.76 36.94 18.40
N GLY H 9 -20.36 15.31 -33.26
CA GLY H 9 -19.71 16.60 -33.40
C GLY H 9 -20.00 17.54 -32.24
N LYS H 10 -21.17 18.18 -32.29
CA LYS H 10 -21.67 19.08 -31.26
C LYS H 10 -20.78 20.30 -31.05
N SER H 11 -19.93 20.64 -32.03
CA SER H 11 -19.09 21.81 -31.96
C SER H 11 -18.67 22.20 -33.38
N ARG H 12 -18.66 23.50 -33.66
CA ARG H 12 -18.36 23.97 -35.02
C ARG H 12 -16.94 23.62 -35.42
N GLU H 13 -15.98 23.82 -34.52
CA GLU H 13 -14.59 23.44 -34.80
C GLU H 13 -14.46 21.93 -34.99
N SER H 14 -15.21 21.14 -34.20
CA SER H 14 -15.17 19.69 -34.35
C SER H 14 -15.68 19.26 -35.71
N LYS H 15 -16.81 19.83 -36.17
CA LYS H 15 -17.35 19.47 -37.47
C LYS H 15 -16.42 19.93 -38.60
N ALA H 16 -15.85 21.12 -38.47
CA ALA H 16 -14.91 21.60 -39.49
C ALA H 16 -13.68 20.71 -39.58
N LYS H 17 -13.16 20.28 -38.42
CA LYS H 17 -12.01 19.38 -38.42
C LYS H 17 -12.39 18.02 -38.98
N GLN H 18 -13.60 17.56 -38.70
CA GLN H 18 -14.06 16.29 -39.29
C GLN H 18 -14.08 16.38 -40.80
N SER H 19 -14.64 17.46 -41.34
CA SER H 19 -14.69 17.64 -42.79
C SER H 19 -13.30 17.75 -43.39
N LEU H 20 -12.40 18.50 -42.74
CA LEU H 20 -11.05 18.67 -43.26
C LEU H 20 -10.29 17.35 -43.25
N GLN H 21 -10.36 16.59 -42.15
CA GLN H 21 -9.68 15.30 -42.07
C GLN H 21 -10.26 14.31 -43.07
N TRP H 22 -11.58 14.32 -43.26
CA TRP H 22 -12.19 13.44 -44.25
C TRP H 22 -11.75 13.80 -45.66
N GLU H 23 -11.64 15.09 -45.96
CA GLU H 23 -11.15 15.50 -47.28
C GLU H 23 -9.70 15.07 -47.48
N LYS H 24 -8.87 15.22 -46.45
CA LYS H 24 -7.48 14.79 -46.56
C LYS H 24 -7.38 13.28 -46.77
N LEU H 25 -8.23 12.52 -46.08
CA LEU H 25 -8.20 11.07 -46.22
C LEU H 25 -8.72 10.63 -47.58
N VAL H 26 -9.73 11.32 -48.10
CA VAL H 26 -10.24 11.03 -49.44
C VAL H 26 -9.17 11.33 -50.48
N LYS H 27 -8.43 12.43 -50.30
CA LYS H 27 -7.32 12.74 -51.20
C LYS H 27 -6.22 11.69 -51.10
N ARG H 28 -5.93 11.20 -49.89
CA ARG H 28 -4.88 10.20 -49.73
C ARG H 28 -5.27 8.87 -50.37
N SER H 29 -6.52 8.43 -50.18
CA SER H 29 -7.00 7.17 -50.75
C SER H 29 -8.25 7.44 -51.56
N PRO H 30 -8.19 7.35 -52.89
CA PRO H 30 -9.39 7.62 -53.71
C PRO H 30 -10.54 6.66 -53.43
N ALA H 31 -10.25 5.41 -53.06
CA ALA H 31 -11.30 4.44 -52.81
C ALA H 31 -12.10 4.73 -51.54
N LEU H 32 -11.63 5.64 -50.69
CA LEU H 32 -12.31 5.96 -49.44
C LEU H 32 -13.50 6.87 -49.62
N ALA H 33 -13.71 7.43 -50.83
CA ALA H 33 -14.83 8.34 -51.05
C ALA H 33 -16.17 7.60 -51.04
N GLU H 34 -16.15 6.29 -51.28
CA GLU H 34 -17.37 5.50 -51.27
C GLU H 34 -17.78 5.04 -49.88
N VAL H 35 -16.96 5.26 -48.87
CA VAL H 35 -17.21 4.75 -47.52
C VAL H 35 -18.05 5.76 -46.75
N THR H 36 -19.14 5.28 -46.17
CA THR H 36 -20.00 6.08 -45.29
C THR H 36 -19.67 5.79 -43.84
N LEU H 37 -19.88 6.78 -42.99
CA LEU H 37 -19.50 6.69 -41.58
C LEU H 37 -20.69 7.05 -40.70
N ASP H 38 -20.66 6.55 -39.47
CA ASP H 38 -21.72 6.87 -38.52
C ASP H 38 -21.35 8.14 -37.80
N ALA H 39 -22.22 8.61 -36.93
CA ALA H 39 -21.97 9.83 -36.16
C ALA H 39 -20.81 9.63 -35.19
N TYR H 40 -20.80 8.48 -34.51
CA TYR H 40 -19.67 8.18 -33.63
C TYR H 40 -18.39 7.96 -34.45
N GLU H 41 -18.52 7.38 -35.65
CA GLU H 41 -17.36 7.23 -36.51
C GLU H 41 -16.83 8.59 -36.96
N ARG H 42 -17.70 9.55 -37.21
CA ARG H 42 -17.25 10.90 -37.53
C ARG H 42 -16.59 11.55 -36.32
N THR H 43 -17.12 11.31 -35.13
CA THR H 43 -16.48 11.82 -33.92
C THR H 43 -15.09 11.26 -33.74
N ILE H 44 -14.89 10.00 -34.15
CA ILE H 44 -13.55 9.41 -34.12
C ILE H 44 -12.69 10.03 -35.20
N LEU H 45 -13.27 10.25 -36.39
CA LEU H 45 -12.56 10.86 -37.52
C LEU H 45 -12.08 12.26 -37.19
N SER H 46 -12.72 12.92 -36.22
CA SER H 46 -12.21 14.20 -35.72
C SER H 46 -10.81 14.08 -35.14
N SER H 47 -10.37 12.88 -34.75
CA SER H 47 -9.05 12.67 -34.18
C SER H 47 -8.05 12.09 -35.18
N ILE H 48 -8.36 12.13 -36.48
CA ILE H 48 -7.44 11.61 -37.48
C ILE H 48 -6.26 12.56 -37.62
N VAL H 49 -5.05 12.00 -37.58
CA VAL H 49 -3.82 12.77 -37.75
C VAL H 49 -3.22 12.45 -39.10
N THR H 50 -3.13 13.45 -39.95
CA THR H 50 -2.52 13.32 -41.27
C THR H 50 -1.05 13.71 -41.20
N PRO H 51 -0.23 13.21 -42.14
CA PRO H 51 1.21 13.55 -42.11
C PRO H 51 1.52 15.03 -42.21
N ASP H 52 0.68 15.84 -42.86
CA ASP H 52 1.00 17.25 -43.02
C ASP H 52 1.00 17.99 -41.68
N GLU H 53 0.26 17.48 -40.70
CA GLU H 53 0.26 18.10 -39.38
C GLU H 53 1.54 17.81 -38.63
N ILE H 54 2.15 16.66 -38.88
CA ILE H 54 3.35 16.24 -38.15
C ILE H 54 4.57 16.82 -38.85
N ASN H 55 5.48 17.40 -38.06
CA ASN H 55 6.71 17.99 -38.60
C ASN H 55 7.94 17.14 -38.36
N ILE H 56 7.84 16.03 -37.64
CA ILE H 56 8.98 15.17 -37.32
C ILE H 56 8.99 14.01 -38.30
N THR H 57 10.19 13.68 -38.79
CA THR H 57 10.40 12.55 -39.67
C THR H 57 11.26 11.52 -38.97
N PHE H 58 11.47 10.38 -39.63
CA PHE H 58 12.33 9.34 -39.07
C PHE H 58 13.78 9.79 -39.03
N GLN H 59 14.16 10.68 -39.95
CA GLN H 59 15.54 11.19 -39.94
C GLN H 59 15.78 12.12 -38.77
N ASP H 60 14.72 12.68 -38.19
CA ASP H 60 14.85 13.57 -37.04
C ASP H 60 15.06 12.82 -35.73
N ILE H 61 15.09 11.50 -35.75
CA ILE H 61 15.35 10.70 -34.55
C ILE H 61 16.76 10.16 -34.63
N GLY H 62 17.55 10.41 -33.59
CA GLY H 62 18.90 9.90 -33.52
C GLY H 62 19.05 8.89 -32.42
N GLY H 63 20.06 8.04 -32.50
CA GLY H 63 20.32 7.08 -31.44
C GLY H 63 19.33 5.94 -31.36
N LEU H 64 18.45 5.81 -32.35
CA LEU H 64 17.48 4.72 -32.37
C LEU H 64 17.45 4.03 -33.72
N ASP H 65 18.53 4.16 -34.51
CA ASP H 65 18.57 3.55 -35.83
C ASP H 65 18.42 2.02 -35.82
N PRO H 66 19.04 1.26 -34.91
CA PRO H 66 18.67 -0.18 -34.83
C PRO H 66 17.20 -0.39 -34.50
N LEU H 67 16.67 0.38 -33.55
CA LEU H 67 15.25 0.26 -33.22
C LEU H 67 14.37 0.74 -34.36
N ILE H 68 14.78 1.80 -35.05
CA ILE H 68 14.00 2.30 -36.18
C ILE H 68 13.96 1.27 -37.30
N SER H 69 15.09 0.65 -37.59
CA SER H 69 15.14 -0.38 -38.64
C SER H 69 14.33 -1.61 -38.25
N ASP H 70 14.46 -2.05 -36.99
CA ASP H 70 13.68 -3.19 -36.53
C ASP H 70 12.18 -2.89 -36.57
N LEU H 71 11.80 -1.69 -36.13
CA LEU H 71 10.41 -1.27 -36.18
C LEU H 71 9.90 -1.23 -37.62
N HIS H 72 10.72 -0.73 -38.54
CA HIS H 72 10.35 -0.73 -39.95
C HIS H 72 10.08 -2.14 -40.44
N GLU H 73 11.10 -3.01 -40.37
CA GLU H 73 11.01 -4.34 -40.95
C GLU H 73 9.95 -5.21 -40.28
N SER H 74 9.62 -4.95 -39.02
CA SER H 74 8.66 -5.80 -38.32
C SER H 74 7.26 -5.21 -38.24
N VAL H 75 7.09 -3.92 -38.50
CA VAL H 75 5.81 -3.26 -38.25
C VAL H 75 5.33 -2.54 -39.50
N ILE H 76 6.18 -1.68 -40.05
CA ILE H 76 5.74 -0.77 -41.10
C ILE H 76 5.62 -1.49 -42.42
N TYR H 77 6.71 -2.08 -42.88
CA TYR H 77 6.70 -2.83 -44.14
C TYR H 77 5.72 -4.02 -44.14
N PRO H 78 5.60 -4.84 -43.08
CA PRO H 78 4.56 -5.89 -43.11
C PRO H 78 3.15 -5.35 -43.20
N LEU H 79 2.92 -4.12 -42.76
CA LEU H 79 1.60 -3.52 -42.82
C LEU H 79 1.39 -2.70 -44.09
N MET H 80 2.39 -1.90 -44.47
CA MET H 80 2.21 -1.01 -45.60
C MET H 80 2.19 -1.77 -46.92
N MET H 81 3.13 -2.68 -47.12
CA MET H 81 3.08 -3.55 -48.28
C MET H 81 2.79 -4.99 -47.85
N PRO H 82 1.57 -5.49 -48.05
CA PRO H 82 1.27 -6.89 -47.76
C PRO H 82 1.53 -7.82 -48.91
N GLU H 83 1.79 -7.31 -50.12
CA GLU H 83 2.07 -8.18 -51.24
C GLU H 83 3.48 -8.76 -51.16
N VAL H 84 4.41 -8.05 -50.53
CA VAL H 84 5.76 -8.57 -50.36
C VAL H 84 5.77 -9.70 -49.33
N TYR H 85 4.96 -9.57 -48.28
CA TYR H 85 4.91 -10.51 -47.18
C TYR H 85 3.77 -11.51 -47.29
N SER H 86 3.02 -11.48 -48.39
CA SER H 86 1.84 -12.33 -48.55
C SER H 86 2.18 -13.74 -49.03
N ASN H 87 3.46 -14.04 -49.27
CA ASN H 87 3.82 -15.39 -49.66
C ASN H 87 3.62 -16.38 -48.53
N SER H 88 3.68 -15.91 -47.28
CA SER H 88 3.37 -16.73 -46.12
C SER H 88 2.39 -15.99 -45.22
N PRO H 89 1.41 -16.69 -44.64
CA PRO H 89 0.47 -16.02 -43.72
C PRO H 89 1.09 -15.64 -42.38
N LEU H 90 2.29 -16.13 -42.07
CA LEU H 90 2.94 -15.84 -40.80
C LEU H 90 3.73 -14.53 -40.82
N LEU H 91 3.69 -13.79 -41.92
CA LEU H 91 4.43 -12.55 -42.05
C LEU H 91 3.55 -11.32 -41.90
N GLN H 92 2.35 -11.47 -41.37
CA GLN H 92 1.43 -10.36 -41.25
C GLN H 92 1.88 -9.38 -40.16
N ALA H 93 1.31 -8.18 -40.20
CA ALA H 93 1.65 -7.16 -39.23
C ALA H 93 1.13 -7.54 -37.84
N PRO H 94 1.83 -7.13 -36.79
CA PRO H 94 1.34 -7.42 -35.43
C PRO H 94 0.05 -6.66 -35.14
N SER H 95 -0.76 -7.23 -34.25
CA SER H 95 -2.03 -6.59 -33.90
C SER H 95 -1.82 -5.36 -33.06
N GLY H 96 -0.81 -5.38 -32.21
CA GLY H 96 -0.51 -4.22 -31.38
C GLY H 96 0.98 -4.03 -31.25
N VAL H 97 1.36 -2.78 -30.97
CA VAL H 97 2.75 -2.40 -30.77
C VAL H 97 2.84 -1.52 -29.54
N LEU H 98 3.73 -1.86 -28.62
CA LEU H 98 3.94 -1.09 -27.41
C LEU H 98 5.34 -0.48 -27.44
N LEU H 99 5.41 0.83 -27.33
CA LEU H 99 6.67 1.55 -27.18
C LEU H 99 6.76 1.97 -25.72
N TYR H 100 7.52 1.23 -24.93
CA TYR H 100 7.63 1.50 -23.50
C TYR H 100 9.06 1.88 -23.17
N GLY H 101 9.21 2.60 -22.07
CA GLY H 101 10.52 3.03 -21.63
C GLY H 101 10.44 4.26 -20.74
N PRO H 102 11.57 4.68 -20.19
CA PRO H 102 11.59 5.86 -19.34
C PRO H 102 11.23 7.11 -20.15
N PRO H 103 10.67 8.11 -19.51
CA PRO H 103 10.23 9.30 -20.25
C PRO H 103 11.39 10.10 -20.85
N GLY H 104 11.12 10.68 -22.00
CA GLY H 104 12.09 11.52 -22.69
C GLY H 104 13.03 10.79 -23.62
N CYS H 105 12.78 9.52 -23.93
CA CYS H 105 13.70 8.74 -24.73
C CYS H 105 13.29 8.63 -26.20
N GLY H 106 12.15 9.17 -26.58
CA GLY H 106 11.77 9.26 -27.97
C GLY H 106 10.59 8.42 -28.43
N LYS H 107 9.70 8.02 -27.54
CA LYS H 107 8.58 7.18 -27.93
C LYS H 107 7.58 7.94 -28.79
N THR H 108 7.23 9.16 -28.41
CA THR H 108 6.33 9.93 -29.24
C THR H 108 7.03 10.49 -30.46
N MET H 109 8.36 10.61 -30.45
CA MET H 109 9.07 10.89 -31.69
C MET H 109 8.89 9.76 -32.69
N LEU H 110 8.99 8.51 -32.21
CA LEU H 110 8.74 7.36 -33.07
C LEU H 110 7.29 7.33 -33.52
N ALA H 111 6.36 7.75 -32.64
CA ALA H 111 4.96 7.80 -33.02
C ALA H 111 4.71 8.85 -34.11
N LYS H 112 5.35 10.02 -33.99
CA LYS H 112 5.22 11.04 -35.02
C LYS H 112 5.82 10.57 -36.33
N ALA H 113 6.95 9.86 -36.27
CA ALA H 113 7.55 9.30 -37.47
C ALA H 113 6.63 8.26 -38.11
N LEU H 114 5.95 7.46 -37.28
CA LEU H 114 4.97 6.51 -37.80
C LEU H 114 3.78 7.23 -38.42
N ALA H 115 3.40 8.38 -37.86
CA ALA H 115 2.28 9.14 -38.41
C ALA H 115 2.64 9.75 -39.75
N LYS H 116 3.87 10.23 -39.91
CA LYS H 116 4.24 10.96 -41.12
C LYS H 116 4.84 10.01 -42.16
N GLU H 117 5.96 9.38 -41.84
CA GLU H 117 6.70 8.59 -42.82
C GLU H 117 6.09 7.24 -43.21
N SER H 118 5.46 6.55 -42.27
CA SER H 118 4.93 5.23 -42.57
C SER H 118 3.84 5.28 -43.64
N GLY H 119 3.00 6.31 -43.59
CA GLY H 119 1.95 6.45 -44.57
C GLY H 119 0.67 5.75 -44.19
N ALA H 120 0.67 5.10 -43.03
CA ALA H 120 -0.54 4.47 -42.53
C ALA H 120 -1.51 5.53 -42.07
N ASN H 121 -2.81 5.27 -42.19
CA ASN H 121 -3.77 6.22 -41.66
C ASN H 121 -3.52 6.23 -40.17
N PHE H 122 -3.51 7.39 -39.55
CA PHE H 122 -3.16 7.46 -38.14
C PHE H 122 -4.26 8.09 -37.31
N ILE H 123 -4.67 7.42 -36.23
CA ILE H 123 -5.64 8.02 -35.34
C ILE H 123 -4.92 8.17 -34.02
N SER H 124 -4.82 9.39 -33.53
CA SER H 124 -4.20 9.60 -32.24
C SER H 124 -5.31 9.92 -31.28
N ILE H 125 -6.12 8.92 -30.96
CA ILE H 125 -7.28 9.15 -30.11
C ILE H 125 -6.80 9.45 -28.70
N ARG H 126 -7.51 10.35 -28.02
CA ARG H 126 -7.20 10.72 -26.65
C ARG H 126 -8.30 10.23 -25.74
N MET H 127 -8.00 10.19 -24.44
CA MET H 127 -8.94 9.62 -23.50
C MET H 127 -10.15 10.52 -23.27
N SER H 128 -10.06 11.80 -23.63
CA SER H 128 -11.22 12.68 -23.52
C SER H 128 -12.26 12.35 -24.58
N SER H 129 -11.81 12.05 -25.79
CA SER H 129 -12.74 11.74 -26.86
C SER H 129 -13.36 10.35 -26.71
N ILE H 130 -12.78 9.50 -25.88
CA ILE H 130 -13.32 8.16 -25.64
C ILE H 130 -14.33 8.17 -24.50
N MET H 131 -13.93 8.72 -23.34
CA MET H 131 -14.84 8.80 -22.21
C MET H 131 -16.01 9.74 -22.50
N ASP H 132 -17.18 9.37 -22.02
CA ASP H 132 -18.37 10.20 -22.12
C ASP H 132 -19.21 9.97 -20.87
N LYS H 133 -19.81 11.05 -20.37
CA LYS H 133 -20.56 10.95 -19.11
C LYS H 133 -21.85 10.18 -19.25
N TRP H 134 -22.37 10.03 -20.47
CA TRP H 134 -23.64 9.37 -20.67
C TRP H 134 -23.47 7.85 -20.56
N TYR H 135 -24.56 7.12 -20.81
CA TYR H 135 -24.56 5.68 -20.66
C TYR H 135 -24.33 5.03 -22.02
N GLY H 136 -23.29 4.20 -22.10
CA GLY H 136 -23.00 3.46 -23.30
C GLY H 136 -22.44 4.26 -24.43
N GLU H 137 -22.31 5.59 -24.28
CA GLU H 137 -21.75 6.40 -25.35
C GLU H 137 -20.26 6.12 -25.52
N SER H 138 -19.56 5.90 -24.41
CA SER H 138 -18.13 5.60 -24.49
C SER H 138 -17.86 4.28 -25.19
N ASN H 139 -18.67 3.27 -24.90
CA ASN H 139 -18.52 1.98 -25.57
C ASN H 139 -18.83 2.08 -27.05
N LYS H 140 -19.87 2.85 -27.41
CA LYS H 140 -20.16 3.07 -28.82
C LYS H 140 -19.04 3.84 -29.51
N ILE H 141 -18.40 4.76 -28.78
CA ILE H 141 -17.26 5.50 -29.31
C ILE H 141 -16.10 4.55 -29.61
N VAL H 142 -15.80 3.63 -28.68
CA VAL H 142 -14.71 2.68 -28.91
C VAL H 142 -15.04 1.75 -30.08
N ASP H 143 -16.30 1.28 -30.14
CA ASP H 143 -16.72 0.41 -31.23
C ASP H 143 -16.61 1.12 -32.58
N ALA H 144 -17.01 2.39 -32.63
CA ALA H 144 -16.91 3.14 -33.87
C ALA H 144 -15.46 3.44 -34.21
N MET H 145 -14.60 3.61 -33.21
CA MET H 145 -13.17 3.77 -33.48
C MET H 145 -12.60 2.55 -34.18
N PHE H 146 -12.93 1.36 -33.67
CA PHE H 146 -12.42 0.16 -34.30
C PHE H 146 -13.04 -0.07 -35.67
N SER H 147 -14.33 0.24 -35.84
CA SER H 147 -14.95 0.11 -37.15
C SER H 147 -14.35 1.08 -38.16
N LEU H 148 -14.07 2.31 -37.74
CA LEU H 148 -13.44 3.29 -38.63
C LEU H 148 -12.04 2.85 -39.00
N ALA H 149 -11.29 2.31 -38.04
CA ALA H 149 -9.95 1.82 -38.34
C ALA H 149 -10.01 0.67 -39.33
N ASN H 150 -10.99 -0.21 -39.19
CA ASN H 150 -11.15 -1.30 -40.16
C ASN H 150 -11.51 -0.75 -41.54
N LYS H 151 -12.35 0.29 -41.59
CA LYS H 151 -12.72 0.89 -42.88
C LYS H 151 -11.51 1.52 -43.55
N LEU H 152 -10.68 2.22 -42.78
CA LEU H 152 -9.43 2.80 -43.28
C LEU H 152 -8.36 1.73 -43.14
N GLN H 153 -8.33 0.82 -44.11
CA GLN H 153 -7.74 -0.51 -43.92
C GLN H 153 -6.32 -0.53 -43.36
N PRO H 154 -5.35 0.28 -43.84
CA PRO H 154 -4.03 0.31 -43.16
C PRO H 154 -3.98 1.35 -42.06
N CYS H 155 -4.81 1.17 -41.03
CA CYS H 155 -4.91 2.16 -39.97
C CYS H 155 -3.94 1.86 -38.84
N ILE H 156 -3.62 2.91 -38.09
CA ILE H 156 -2.90 2.79 -36.83
C ILE H 156 -3.65 3.62 -35.80
N ILE H 157 -4.13 2.96 -34.75
CA ILE H 157 -4.78 3.65 -33.64
C ILE H 157 -3.71 3.88 -32.58
N PHE H 158 -3.15 5.08 -32.55
CA PHE H 158 -2.16 5.41 -31.55
C PHE H 158 -2.84 5.96 -30.31
N ILE H 159 -2.42 5.48 -29.15
CA ILE H 159 -2.96 5.92 -27.87
C ILE H 159 -1.75 6.26 -27.00
N ASP H 160 -1.46 7.56 -26.88
CA ASP H 160 -0.38 7.97 -26.00
C ASP H 160 -0.80 7.74 -24.56
N GLN H 161 0.15 7.29 -23.73
CA GLN H 161 -0.09 6.91 -22.35
C GLN H 161 -1.19 5.85 -22.26
N ILE H 162 -0.90 4.70 -22.89
CA ILE H 162 -1.85 3.60 -22.92
C ILE H 162 -1.94 2.88 -21.58
N ASP H 163 -1.02 3.16 -20.66
CA ASP H 163 -1.06 2.51 -19.36
C ASP H 163 -2.29 2.91 -18.57
N SER H 164 -2.72 4.17 -18.70
CA SER H 164 -3.90 4.63 -17.97
C SER H 164 -5.18 4.06 -18.56
N PHE H 165 -5.30 4.05 -19.89
CA PHE H 165 -6.48 3.49 -20.52
C PHE H 165 -6.56 1.98 -20.30
N LEU H 166 -5.44 1.28 -20.48
CA LEU H 166 -5.41 -0.18 -20.37
C LEU H 166 -4.85 -0.63 -19.03
N ARG H 167 -5.17 0.08 -17.96
CA ARG H 167 -4.71 -0.32 -16.64
C ARG H 167 -5.40 -1.60 -16.20
N GLU H 168 -4.84 -2.23 -15.16
CA GLU H 168 -5.35 -3.49 -14.67
C GLU H 168 -6.78 -3.33 -14.16
N ARG H 169 -7.66 -4.23 -14.60
CA ARG H 169 -9.05 -4.16 -14.21
C ARG H 169 -9.21 -4.54 -12.75
N SER H 170 -10.20 -3.92 -12.10
CA SER H 170 -10.48 -4.18 -10.69
C SER H 170 -11.93 -3.86 -10.42
N SER H 171 -12.40 -4.30 -9.24
CA SER H 171 -13.76 -3.96 -8.82
C SER H 171 -13.89 -2.48 -8.50
N THR H 172 -12.79 -1.85 -8.08
CA THR H 172 -12.81 -0.41 -7.78
C THR H 172 -13.02 0.42 -9.04
N ASP H 173 -12.83 -0.16 -10.21
CA ASP H 173 -13.01 0.56 -11.46
C ASP H 173 -14.46 0.87 -11.71
N HIS H 174 -14.74 2.09 -12.18
CA HIS H 174 -16.11 2.46 -12.50
C HIS H 174 -16.66 1.53 -13.57
N GLU H 175 -17.98 1.33 -13.54
CA GLU H 175 -18.60 0.36 -14.44
C GLU H 175 -18.42 0.75 -15.90
N VAL H 176 -18.37 2.05 -16.19
CA VAL H 176 -18.13 2.48 -17.56
C VAL H 176 -16.70 2.17 -17.98
N THR H 177 -15.74 2.35 -17.07
CA THR H 177 -14.35 2.00 -17.40
C THR H 177 -14.19 0.51 -17.65
N ALA H 178 -14.80 -0.33 -16.80
CA ALA H 178 -14.68 -1.77 -16.98
C ALA H 178 -15.37 -2.24 -18.24
N THR H 179 -16.56 -1.70 -18.52
CA THR H 179 -17.25 -2.02 -19.78
C THR H 179 -16.44 -1.56 -20.97
N LEU H 180 -15.79 -0.40 -20.86
CA LEU H 180 -14.97 0.13 -21.94
C LEU H 180 -13.76 -0.76 -22.21
N LYS H 181 -13.08 -1.20 -21.15
CA LYS H 181 -11.93 -2.06 -21.31
C LYS H 181 -12.32 -3.42 -21.86
N ALA H 182 -13.46 -3.96 -21.44
CA ALA H 182 -13.94 -5.22 -22.00
C ALA H 182 -14.29 -5.07 -23.47
N GLU H 183 -14.91 -3.96 -23.85
CA GLU H 183 -15.22 -3.72 -25.26
C GLU H 183 -13.96 -3.59 -26.09
N PHE H 184 -12.94 -2.91 -25.54
CA PHE H 184 -11.66 -2.79 -26.23
C PHE H 184 -11.01 -4.15 -26.41
N MET H 185 -11.03 -4.99 -25.38
CA MET H 185 -10.45 -6.33 -25.51
C MET H 185 -11.23 -7.19 -26.48
N THR H 186 -12.55 -7.02 -26.55
CA THR H 186 -13.34 -7.80 -27.49
C THR H 186 -13.05 -7.40 -28.93
N LEU H 187 -13.03 -6.09 -29.22
CA LEU H 187 -12.81 -5.65 -30.58
C LEU H 187 -11.37 -5.86 -31.02
N TRP H 188 -10.42 -5.65 -30.10
CA TRP H 188 -9.01 -5.71 -30.44
C TRP H 188 -8.59 -7.10 -30.86
N ASP H 189 -8.88 -8.10 -30.03
CA ASP H 189 -8.56 -9.51 -30.31
C ASP H 189 -9.72 -10.33 -29.75
N GLY H 190 -10.70 -10.60 -30.59
CA GLY H 190 -11.90 -11.31 -30.17
C GLY H 190 -12.45 -12.17 -31.26
N LEU H 191 -13.78 -12.25 -31.35
CA LEU H 191 -14.41 -13.11 -32.32
C LEU H 191 -14.29 -12.55 -33.73
N LEU H 192 -14.54 -11.26 -33.91
CA LEU H 192 -14.44 -10.65 -35.23
C LEU H 192 -12.99 -10.31 -35.53
N ASN H 193 -12.51 -10.72 -36.69
CA ASN H 193 -11.14 -10.45 -37.08
C ASN H 193 -11.04 -9.04 -37.69
N ASN H 194 -10.05 -8.29 -37.24
CA ASN H 194 -9.81 -6.95 -37.74
C ASN H 194 -9.14 -7.00 -39.10
N GLY H 195 -9.10 -5.86 -39.78
CA GLY H 195 -8.38 -5.75 -41.02
C GLY H 195 -6.90 -5.55 -40.77
N ARG H 196 -6.27 -4.63 -41.48
CA ARG H 196 -4.89 -4.27 -41.20
C ARG H 196 -4.81 -3.15 -40.17
N VAL H 197 -5.47 -3.35 -39.04
CA VAL H 197 -5.54 -2.37 -37.97
C VAL H 197 -4.48 -2.72 -36.94
N MET H 198 -3.69 -1.73 -36.55
CA MET H 198 -2.65 -1.92 -35.54
C MET H 198 -2.85 -0.88 -34.44
N ILE H 199 -2.87 -1.34 -33.20
CA ILE H 199 -2.99 -0.47 -32.04
C ILE H 199 -1.59 -0.21 -31.52
N ILE H 200 -1.08 1.00 -31.71
CA ILE H 200 0.25 1.38 -31.25
C ILE H 200 0.10 2.19 -29.97
N GLY H 201 0.83 1.81 -28.95
CA GLY H 201 0.74 2.48 -27.66
C GLY H 201 2.09 2.85 -27.12
N ALA H 202 2.17 4.01 -26.50
CA ALA H 202 3.36 4.48 -25.82
C ALA H 202 3.09 4.61 -24.33
N THR H 203 4.07 4.26 -23.51
CA THR H 203 3.87 4.30 -22.07
C THR H 203 5.20 4.45 -21.37
N ASN H 204 5.16 4.75 -20.08
CA ASN H 204 6.33 4.75 -19.23
C ASN H 204 6.19 3.61 -18.21
N ARG H 205 4.95 3.29 -17.82
CA ARG H 205 4.70 2.25 -16.84
C ARG H 205 4.06 1.07 -17.58
N ILE H 206 4.91 0.19 -18.11
CA ILE H 206 4.42 -1.00 -18.79
C ILE H 206 3.76 -1.95 -17.79
N ASN H 207 4.29 -1.98 -16.56
CA ASN H 207 3.74 -2.87 -15.53
C ASN H 207 2.32 -2.51 -15.15
N ASP H 208 1.89 -1.26 -15.38
CA ASP H 208 0.53 -0.88 -15.07
C ASP H 208 -0.48 -1.45 -16.06
N ILE H 209 -0.04 -1.80 -17.27
CA ILE H 209 -0.96 -2.31 -18.28
C ILE H 209 -1.41 -3.71 -17.90
N ASP H 210 -2.67 -4.01 -18.21
CA ASP H 210 -3.23 -5.33 -17.92
C ASP H 210 -2.52 -6.40 -18.73
N ASP H 211 -2.44 -7.60 -18.17
CA ASP H 211 -1.81 -8.71 -18.88
C ASP H 211 -2.62 -9.09 -20.12
N ALA H 212 -3.95 -9.08 -20.00
CA ALA H 212 -4.79 -9.39 -21.14
C ALA H 212 -4.70 -8.32 -22.21
N PHE H 213 -4.40 -7.08 -21.83
CA PHE H 213 -4.10 -6.05 -22.80
C PHE H 213 -2.68 -6.18 -23.33
N LEU H 214 -1.75 -6.63 -22.50
CA LEU H 214 -0.36 -6.76 -22.93
C LEU H 214 -0.21 -7.83 -24.00
N ARG H 215 -0.96 -8.91 -23.91
CA ARG H 215 -0.89 -9.96 -24.91
C ARG H 215 -1.38 -9.45 -26.26
N ARG H 216 -2.25 -8.46 -26.24
CA ARG H 216 -2.72 -7.85 -27.47
C ARG H 216 -1.71 -6.87 -28.05
N LEU H 217 -0.62 -6.60 -27.33
CA LEU H 217 0.50 -5.83 -27.84
C LEU H 217 1.71 -6.75 -27.93
N PRO H 218 1.76 -7.64 -28.94
CA PRO H 218 2.84 -8.63 -28.96
C PRO H 218 4.19 -8.06 -29.33
N LYS H 219 4.24 -7.04 -30.17
CA LYS H 219 5.48 -6.40 -30.55
C LYS H 219 5.77 -5.28 -29.56
N ARG H 220 6.83 -5.46 -28.78
CA ARG H 220 7.18 -4.48 -27.77
C ARG H 220 8.54 -3.85 -28.04
N PHE H 221 8.58 -2.54 -28.15
CA PHE H 221 9.81 -1.81 -28.42
C PHE H 221 10.21 -1.06 -27.16
N LEU H 222 11.32 -1.44 -26.56
CA LEU H 222 11.83 -0.77 -25.37
C LEU H 222 12.71 0.39 -25.80
N VAL H 223 12.26 1.61 -25.49
CA VAL H 223 13.03 2.81 -25.79
C VAL H 223 13.61 3.26 -24.46
N SER H 224 14.82 2.79 -24.16
CA SER H 224 15.45 3.07 -22.88
C SER H 224 16.26 4.36 -22.95
N LEU H 225 16.96 4.66 -21.87
CA LEU H 225 17.78 5.87 -21.83
C LEU H 225 18.94 5.75 -22.82
N PRO H 226 19.27 6.81 -23.54
CA PRO H 226 20.30 6.72 -24.57
C PRO H 226 21.68 6.47 -24.00
N GLY H 227 22.48 5.71 -24.77
CA GLY H 227 23.88 5.51 -24.45
C GLY H 227 24.74 6.64 -24.99
N SER H 228 26.05 6.48 -24.80
CA SER H 228 27.00 7.53 -25.17
C SER H 228 26.99 7.78 -26.68
N ASP H 229 27.06 6.71 -27.47
CA ASP H 229 26.93 6.87 -28.92
C ASP H 229 25.53 7.33 -29.30
N GLN H 230 24.51 6.81 -28.61
CA GLN H 230 23.15 7.28 -28.84
C GLN H 230 23.01 8.74 -28.46
N ARG H 231 23.64 9.16 -27.36
CA ARG H 231 23.59 10.56 -26.97
C ARG H 231 24.29 11.44 -27.99
N TYR H 232 25.42 10.98 -28.54
CA TYR H 232 26.10 11.74 -29.58
C TYR H 232 25.24 11.88 -30.81
N LYS H 233 24.56 10.81 -31.22
CA LYS H 233 23.68 10.89 -32.38
C LYS H 233 22.50 11.81 -32.13
N ILE H 234 21.94 11.76 -30.93
CA ILE H 234 20.80 12.62 -30.60
C ILE H 234 21.23 14.09 -30.60
N LEU H 235 22.39 14.39 -30.01
CA LEU H 235 22.89 15.76 -30.00
C LEU H 235 23.23 16.24 -31.40
N SER H 236 23.76 15.35 -32.24
CA SER H 236 24.05 15.73 -33.62
C SER H 236 22.78 16.03 -34.40
N VAL H 237 21.72 15.26 -34.17
CA VAL H 237 20.46 15.52 -34.84
C VAL H 237 19.83 16.81 -34.33
N LEU H 238 19.86 17.03 -33.01
CA LEU H 238 19.25 18.21 -32.43
C LEU H 238 19.96 19.49 -32.87
N LEU H 239 21.29 19.41 -33.04
CA LEU H 239 22.09 20.56 -33.42
C LEU H 239 22.24 20.70 -34.92
N LYS H 240 21.31 20.16 -35.70
CA LYS H 240 21.32 20.39 -37.14
C LYS H 240 20.82 21.80 -37.44
N ASP H 241 21.06 22.24 -38.68
CA ASP H 241 20.81 23.58 -39.21
C ASP H 241 21.12 24.70 -38.22
N THR H 242 22.24 24.55 -37.51
CA THR H 242 22.71 25.50 -36.52
C THR H 242 24.11 25.93 -36.93
N LYS H 243 24.58 27.06 -36.40
CA LYS H 243 25.95 27.49 -36.61
C LYS H 243 26.85 26.89 -35.54
N LEU H 244 27.74 25.98 -35.92
CA LEU H 244 28.64 25.33 -34.97
C LEU H 244 30.08 25.66 -35.31
N ASP H 245 30.91 25.76 -34.26
CA ASP H 245 32.32 26.09 -34.45
C ASP H 245 33.04 24.95 -35.15
N GLU H 246 33.97 25.32 -36.03
CA GLU H 246 34.69 24.30 -36.81
C GLU H 246 35.75 23.60 -35.98
N ASP H 247 36.32 24.28 -34.98
CA ASP H 247 37.41 23.71 -34.19
C ASP H 247 37.10 23.65 -32.70
N GLU H 248 36.43 24.66 -32.15
CA GLU H 248 36.14 24.66 -30.73
C GLU H 248 35.08 23.63 -30.39
N PHE H 249 34.05 23.54 -31.23
CA PHE H 249 32.94 22.63 -30.95
C PHE H 249 33.28 21.16 -31.15
N ASP H 250 32.99 20.33 -30.15
CA ASP H 250 33.26 18.90 -30.22
C ASP H 250 32.13 18.20 -29.47
N LEU H 251 31.31 17.44 -30.18
CA LEU H 251 30.13 16.84 -29.58
C LEU H 251 30.46 15.63 -28.71
N GLN H 252 31.65 15.05 -28.86
CA GLN H 252 31.94 13.78 -28.20
C GLN H 252 32.00 13.93 -26.69
N LEU H 253 32.73 14.94 -26.23
CA LEU H 253 32.87 15.17 -24.80
C LEU H 253 31.52 15.46 -24.21
N ILE H 254 30.74 16.32 -24.85
CA ILE H 254 29.43 16.73 -24.35
C ILE H 254 28.49 15.53 -24.26
N ALA H 255 28.53 14.65 -25.25
CA ALA H 255 27.76 13.41 -25.14
C ALA H 255 28.30 12.52 -24.04
N ASP H 256 29.60 12.61 -23.76
CA ASP H 256 30.20 11.75 -22.74
C ASP H 256 29.75 12.14 -21.34
N ASN H 257 29.76 13.44 -21.02
CA ASN H 257 29.52 13.82 -19.63
C ASN H 257 28.06 14.13 -19.33
N THR H 258 27.18 14.00 -20.32
CA THR H 258 25.73 14.07 -20.09
C THR H 258 25.19 12.68 -19.73
N LYS H 259 25.71 12.13 -18.64
CA LYS H 259 25.30 10.81 -18.19
C LYS H 259 23.86 10.83 -17.73
N GLY H 260 23.12 9.76 -18.06
CA GLY H 260 21.74 9.65 -17.63
C GLY H 260 20.79 10.66 -18.22
N PHE H 261 21.21 11.35 -19.27
CA PHE H 261 20.38 12.38 -19.89
C PHE H 261 19.51 11.73 -20.94
N SER H 262 18.19 11.93 -20.85
CA SER H 262 17.29 11.46 -21.88
C SER H 262 17.36 12.39 -23.07
N GLY H 263 16.59 12.09 -24.11
CA GLY H 263 16.54 12.96 -25.27
C GLY H 263 15.95 14.31 -24.95
N SER H 264 14.96 14.35 -24.07
CA SER H 264 14.37 15.62 -23.64
C SER H 264 15.39 16.47 -22.89
N ASP H 265 16.19 15.83 -22.01
CA ASP H 265 17.22 16.56 -21.28
C ASP H 265 18.26 17.13 -22.24
N LEU H 266 18.65 16.35 -23.24
CA LEU H 266 19.58 16.85 -24.25
C LEU H 266 18.98 17.99 -25.05
N LYS H 267 17.69 17.91 -25.38
CA LYS H 267 17.03 19.00 -26.10
C LYS H 267 17.00 20.27 -25.26
N GLU H 268 16.73 20.13 -23.98
CA GLU H 268 16.74 21.29 -23.09
C GLU H 268 18.13 21.88 -23.03
N LEU H 269 19.13 21.03 -22.87
CA LEU H 269 20.51 21.48 -22.78
C LEU H 269 20.91 22.25 -24.04
N CYS H 270 20.54 21.72 -25.20
CA CYS H 270 20.79 22.41 -26.46
C CYS H 270 20.03 23.73 -26.54
N ARG H 271 18.81 23.76 -26.01
CA ARG H 271 18.00 24.98 -26.04
C ARG H 271 18.65 26.08 -25.22
N GLU H 272 19.03 25.79 -23.98
CA GLU H 272 19.67 26.80 -23.15
C GLU H 272 21.06 27.18 -23.67
N ALA H 273 21.78 26.22 -24.27
CA ALA H 273 23.05 26.54 -24.89
C ALA H 273 22.88 27.50 -26.04
N ALA H 274 21.86 27.29 -26.89
CA ALA H 274 21.60 28.21 -27.99
C ALA H 274 21.19 29.58 -27.46
N LEU H 275 20.37 29.61 -26.41
CA LEU H 275 19.95 30.89 -25.83
C LEU H 275 21.16 31.68 -25.32
N ASP H 276 22.03 31.05 -24.52
CA ASP H 276 23.13 31.82 -23.95
C ASP H 276 24.21 32.09 -25.00
N ALA H 277 24.30 31.28 -26.04
CA ALA H 277 25.18 31.60 -27.16
C ALA H 277 24.72 32.85 -27.88
N ALA H 278 23.43 32.93 -28.17
CA ALA H 278 22.92 34.05 -28.96
C ALA H 278 22.60 35.27 -28.12
N LYS H 279 22.67 35.17 -26.78
CA LYS H 279 22.30 36.26 -25.88
C LYS H 279 22.81 37.63 -26.31
N GLU H 280 24.07 37.70 -26.75
CA GLU H 280 24.60 38.96 -27.26
C GLU H 280 23.89 39.37 -28.55
N TYR H 281 23.56 38.40 -29.41
CA TYR H 281 22.85 38.74 -30.64
C TYR H 281 21.46 39.27 -30.36
N ILE H 282 20.75 38.67 -29.38
CA ILE H 282 19.45 39.21 -29.01
C ILE H 282 19.60 40.60 -28.38
N LYS H 283 20.64 40.80 -27.58
CA LYS H 283 20.87 42.13 -27.01
C LYS H 283 21.10 43.17 -28.10
N GLN H 284 21.82 42.79 -29.16
CA GLN H 284 22.00 43.69 -30.30
C GLN H 284 20.70 43.88 -31.08
N LYS H 285 19.91 42.82 -31.23
CA LYS H 285 18.73 42.87 -32.09
C LYS H 285 17.59 43.65 -31.45
N ARG H 286 17.43 43.54 -30.13
CA ARG H 286 16.40 44.30 -29.44
C ARG H 286 16.61 45.80 -29.53
N GLN H 287 17.85 46.25 -29.74
CA GLN H 287 18.14 47.67 -29.89
C GLN H 287 17.58 48.20 -31.20
N LYS H 303 26.25 36.91 -37.34
CA LYS H 303 24.98 37.01 -36.63
C LYS H 303 25.02 36.19 -35.35
N ILE H 304 24.44 35.00 -35.39
CA ILE H 304 24.44 34.12 -34.23
C ILE H 304 25.86 33.62 -33.98
N ARG H 305 26.29 33.69 -32.73
CA ARG H 305 27.61 33.20 -32.37
C ARG H 305 27.66 31.68 -32.54
N PRO H 306 28.67 31.14 -33.20
CA PRO H 306 28.79 29.67 -33.31
C PRO H 306 28.93 29.03 -31.93
N LEU H 307 28.31 27.86 -31.77
CA LEU H 307 28.29 27.18 -30.49
C LEU H 307 29.65 26.58 -30.18
N LYS H 308 29.97 26.54 -28.87
CA LYS H 308 31.26 26.06 -28.40
C LYS H 308 31.04 25.02 -27.32
N THR H 309 32.08 24.23 -27.03
CA THR H 309 31.95 23.18 -26.03
C THR H 309 31.90 23.78 -24.62
N LYS H 310 32.63 24.88 -24.39
CA LYS H 310 32.53 25.56 -23.11
C LYS H 310 31.15 26.14 -22.91
N ASP H 311 30.48 26.51 -24.00
CA ASP H 311 29.11 27.00 -23.93
C ASP H 311 28.16 25.91 -23.44
N PHE H 312 28.25 24.72 -24.02
CA PHE H 312 27.39 23.62 -23.61
C PHE H 312 27.72 23.16 -22.19
N THR H 313 29.02 23.06 -21.87
CA THR H 313 29.42 22.57 -20.56
C THR H 313 29.24 23.62 -19.46
N LYS H 314 29.00 24.87 -19.82
CA LYS H 314 28.71 25.88 -18.79
C LYS H 314 27.31 25.67 -18.20
N LYS H 315 26.31 25.45 -19.06
CA LYS H 315 24.98 25.11 -18.57
C LYS H 315 24.95 23.71 -17.99
N LEU H 316 25.72 22.80 -18.58
CA LEU H 316 25.75 21.43 -18.09
C LEU H 316 26.45 21.37 -16.73
N ARG H 317 25.94 20.51 -15.85
CA ARG H 317 26.42 20.42 -14.48
C ARG H 317 27.60 19.47 -14.33
N MET H 318 28.14 18.96 -15.44
CA MET H 318 29.23 17.97 -15.46
C MET H 318 28.86 16.73 -14.65
N SER I 11 -28.99 3.68 -38.83
CA SER I 11 -27.90 3.79 -39.80
C SER I 11 -28.19 2.93 -41.03
N ARG I 12 -27.95 3.49 -42.21
CA ARG I 12 -28.18 2.75 -43.46
C ARG I 12 -27.23 1.56 -43.58
N GLU I 13 -25.98 1.74 -43.16
CA GLU I 13 -25.03 0.63 -43.17
C GLU I 13 -25.46 -0.45 -42.18
N SER I 14 -25.99 -0.06 -41.03
CA SER I 14 -26.51 -1.03 -40.06
C SER I 14 -27.68 -1.81 -40.64
N LYS I 15 -28.57 -1.13 -41.37
CA LYS I 15 -29.70 -1.82 -41.99
C LYS I 15 -29.24 -2.76 -43.10
N ALA I 16 -28.20 -2.36 -43.86
CA ALA I 16 -27.63 -3.24 -44.86
C ALA I 16 -27.02 -4.48 -44.21
N LYS I 17 -26.32 -4.29 -43.08
CA LYS I 17 -25.77 -5.42 -42.35
C LYS I 17 -26.87 -6.33 -41.82
N GLN I 18 -27.97 -5.75 -41.32
CA GLN I 18 -29.09 -6.54 -40.82
C GLN I 18 -29.71 -7.37 -41.94
N SER I 19 -29.92 -6.76 -43.10
CA SER I 19 -30.50 -7.50 -44.23
C SER I 19 -29.55 -8.61 -44.70
N LEU I 20 -28.25 -8.33 -44.73
CA LEU I 20 -27.29 -9.35 -45.14
C LEU I 20 -27.26 -10.52 -44.17
N GLN I 21 -27.28 -10.23 -42.86
CA GLN I 21 -27.29 -11.28 -41.86
C GLN I 21 -28.57 -12.10 -41.94
N TRP I 22 -29.71 -11.44 -42.14
CA TRP I 22 -30.98 -12.18 -42.25
C TRP I 22 -31.01 -13.05 -43.50
N GLU I 23 -30.48 -12.55 -44.61
CA GLU I 23 -30.41 -13.34 -45.83
C GLU I 23 -29.50 -14.55 -45.65
N LYS I 24 -28.35 -14.36 -44.99
CA LYS I 24 -27.44 -15.47 -44.72
C LYS I 24 -28.09 -16.50 -43.80
N LEU I 25 -28.87 -16.04 -42.82
CA LEU I 25 -29.57 -16.96 -41.92
C LEU I 25 -30.65 -17.74 -42.65
N VAL I 26 -31.37 -17.07 -43.56
CA VAL I 26 -32.38 -17.76 -44.37
C VAL I 26 -31.71 -18.82 -45.25
N LYS I 27 -30.54 -18.49 -45.79
CA LYS I 27 -29.76 -19.48 -46.54
C LYS I 27 -29.35 -20.64 -45.66
N ARG I 28 -28.95 -20.35 -44.41
CA ARG I 28 -28.55 -21.42 -43.49
C ARG I 28 -29.71 -22.33 -43.13
N SER I 29 -30.89 -21.76 -42.87
CA SER I 29 -32.07 -22.53 -42.47
C SER I 29 -33.26 -22.09 -43.31
N PRO I 30 -33.77 -22.95 -44.20
CA PRO I 30 -34.93 -22.55 -45.02
C PRO I 30 -36.19 -22.27 -44.23
N ALA I 31 -36.40 -22.96 -43.10
CA ALA I 31 -37.59 -22.74 -42.29
C ALA I 31 -37.55 -21.44 -41.51
N LEU I 32 -36.43 -20.73 -41.53
CA LEU I 32 -36.28 -19.51 -40.73
C LEU I 32 -36.88 -18.27 -41.41
N ALA I 33 -37.38 -18.40 -42.64
CA ALA I 33 -37.92 -17.24 -43.33
C ALA I 33 -39.21 -16.75 -42.69
N GLU I 34 -39.99 -17.67 -42.11
CA GLU I 34 -41.26 -17.33 -41.48
C GLU I 34 -41.08 -16.43 -40.27
N VAL I 35 -39.92 -16.49 -39.61
CA VAL I 35 -39.71 -15.78 -38.36
C VAL I 35 -39.81 -14.28 -38.57
N THR I 36 -40.69 -13.64 -37.80
CA THR I 36 -40.84 -12.19 -37.84
C THR I 36 -39.92 -11.53 -36.83
N LEU I 37 -39.61 -10.26 -37.09
CA LEU I 37 -38.61 -9.54 -36.31
C LEU I 37 -39.20 -8.21 -35.83
N ASP I 38 -38.67 -7.73 -34.72
CA ASP I 38 -38.90 -6.38 -34.24
C ASP I 38 -37.70 -5.51 -34.56
N ALA I 39 -37.88 -4.20 -34.42
CA ALA I 39 -36.77 -3.27 -34.65
C ALA I 39 -35.65 -3.51 -33.65
N TYR I 40 -36.01 -3.72 -32.38
CA TYR I 40 -35.02 -4.13 -31.39
C TYR I 40 -34.42 -5.47 -31.75
N GLU I 41 -35.26 -6.40 -32.23
CA GLU I 41 -34.74 -7.68 -32.70
C GLU I 41 -33.83 -7.50 -33.91
N ARG I 42 -34.13 -6.51 -34.77
CA ARG I 42 -33.26 -6.25 -35.92
C ARG I 42 -31.89 -5.73 -35.49
N THR I 43 -31.85 -4.78 -34.56
CA THR I 43 -30.54 -4.28 -34.15
C THR I 43 -29.80 -5.29 -33.28
N ILE I 44 -30.50 -6.23 -32.66
CA ILE I 44 -29.81 -7.37 -32.05
C ILE I 44 -29.24 -8.28 -33.13
N LEU I 45 -30.01 -8.53 -34.19
CA LEU I 45 -29.58 -9.37 -35.29
C LEU I 45 -28.37 -8.80 -36.00
N SER I 46 -28.21 -7.48 -35.96
CA SER I 46 -27.06 -6.83 -36.59
C SER I 46 -25.72 -7.31 -36.03
N SER I 47 -25.70 -7.81 -34.80
CA SER I 47 -24.45 -8.14 -34.12
C SER I 47 -24.16 -9.63 -34.07
N ILE I 48 -24.87 -10.45 -34.84
CA ILE I 48 -24.60 -11.88 -34.85
C ILE I 48 -23.58 -12.19 -35.94
N VAL I 49 -23.00 -13.39 -35.85
CA VAL I 49 -21.89 -13.80 -36.70
C VAL I 49 -22.29 -15.06 -37.47
N THR I 50 -22.04 -15.06 -38.77
CA THR I 50 -22.26 -16.16 -39.69
C THR I 50 -20.97 -16.96 -39.88
N PRO I 51 -21.06 -18.22 -40.31
CA PRO I 51 -19.84 -19.04 -40.47
C PRO I 51 -18.82 -18.49 -41.45
N ASP I 52 -19.25 -17.78 -42.50
CA ASP I 52 -18.29 -17.32 -43.51
C ASP I 52 -17.41 -16.20 -42.98
N GLU I 53 -17.90 -15.43 -42.00
CA GLU I 53 -17.09 -14.37 -41.41
C GLU I 53 -15.94 -14.93 -40.59
N ILE I 54 -16.11 -16.15 -40.06
CA ILE I 54 -15.06 -16.78 -39.27
C ILE I 54 -14.19 -17.63 -40.19
N ASN I 55 -12.89 -17.37 -40.18
CA ASN I 55 -11.93 -18.13 -40.95
C ASN I 55 -11.19 -19.15 -40.11
N ILE I 56 -11.60 -19.35 -38.86
CA ILE I 56 -10.94 -20.27 -37.95
C ILE I 56 -11.79 -21.52 -37.83
N THR I 57 -11.15 -22.67 -37.99
CA THR I 57 -11.81 -23.98 -38.01
C THR I 57 -11.34 -24.75 -36.78
N PHE I 58 -12.14 -25.75 -36.35
CA PHE I 58 -11.81 -26.48 -35.11
C PHE I 58 -10.43 -27.13 -35.20
N GLN I 59 -9.99 -27.53 -36.38
CA GLN I 59 -8.66 -28.12 -36.50
C GLN I 59 -7.56 -27.08 -36.55
N ASP I 60 -7.90 -25.78 -36.54
CA ASP I 60 -6.89 -24.73 -36.42
C ASP I 60 -6.51 -24.43 -34.98
N ILE I 61 -7.09 -25.15 -34.02
CA ILE I 61 -6.79 -25.00 -32.60
C ILE I 61 -6.00 -26.22 -32.16
N GLY I 62 -4.77 -25.99 -31.70
CA GLY I 62 -3.95 -27.08 -31.23
C GLY I 62 -3.79 -27.08 -29.72
N GLY I 63 -3.38 -28.21 -29.15
CA GLY I 63 -3.12 -28.29 -27.74
C GLY I 63 -4.35 -28.29 -26.85
N LEU I 64 -5.55 -28.43 -27.43
CA LEU I 64 -6.78 -28.43 -26.67
C LEU I 64 -7.70 -29.57 -27.08
N ASP I 65 -7.15 -30.63 -27.68
CA ASP I 65 -7.98 -31.72 -28.19
C ASP I 65 -8.84 -32.41 -27.13
N PRO I 66 -8.36 -32.71 -25.91
CA PRO I 66 -9.32 -33.15 -24.87
C PRO I 66 -10.40 -32.14 -24.59
N LEU I 67 -10.06 -30.86 -24.55
CA LEU I 67 -11.07 -29.82 -24.35
C LEU I 67 -11.97 -29.71 -25.57
N ILE I 68 -11.42 -29.90 -26.77
CA ILE I 68 -12.25 -29.89 -27.98
C ILE I 68 -13.28 -31.00 -27.93
N SER I 69 -12.85 -32.21 -27.55
CA SER I 69 -13.77 -33.35 -27.49
C SER I 69 -14.81 -33.17 -26.38
N ASP I 70 -14.38 -32.67 -25.22
CA ASP I 70 -15.33 -32.43 -24.13
C ASP I 70 -16.35 -31.37 -24.51
N LEU I 71 -15.88 -30.28 -25.12
CA LEU I 71 -16.78 -29.23 -25.60
C LEU I 71 -17.75 -29.78 -26.64
N HIS I 72 -17.26 -30.62 -27.54
CA HIS I 72 -18.13 -31.27 -28.51
C HIS I 72 -19.22 -32.08 -27.83
N GLU I 73 -18.82 -33.07 -27.03
CA GLU I 73 -19.78 -34.00 -26.43
C GLU I 73 -20.73 -33.34 -25.43
N SER I 74 -20.35 -32.21 -24.83
CA SER I 74 -21.21 -31.58 -23.83
C SER I 74 -21.98 -30.38 -24.36
N VAL I 75 -21.57 -29.81 -25.51
CA VAL I 75 -22.11 -28.55 -26.01
C VAL I 75 -22.66 -28.73 -27.42
N ILE I 76 -21.86 -29.31 -28.32
CA ILE I 76 -22.18 -29.29 -29.73
C ILE I 76 -23.32 -30.27 -30.01
N TYR I 77 -23.11 -31.54 -29.65
CA TYR I 77 -24.12 -32.56 -29.89
C TYR I 77 -25.39 -32.40 -29.06
N PRO I 78 -25.34 -32.12 -27.75
CA PRO I 78 -26.61 -31.92 -27.01
C PRO I 78 -27.45 -30.78 -27.54
N LEU I 79 -26.84 -29.69 -27.99
CA LEU I 79 -27.61 -28.59 -28.55
C LEU I 79 -28.15 -28.93 -29.93
N MET I 80 -27.32 -29.54 -30.79
CA MET I 80 -27.74 -29.84 -32.15
C MET I 80 -28.68 -31.04 -32.21
N MET I 81 -28.38 -32.10 -31.45
CA MET I 81 -29.18 -33.32 -31.42
C MET I 81 -29.83 -33.42 -30.05
N PRO I 82 -31.02 -32.84 -29.85
CA PRO I 82 -31.64 -32.88 -28.52
C PRO I 82 -32.29 -34.23 -28.22
N GLU I 83 -32.75 -34.91 -29.28
CA GLU I 83 -33.43 -36.19 -29.11
C GLU I 83 -32.49 -37.25 -28.54
N VAL I 84 -31.25 -37.29 -29.02
CA VAL I 84 -30.30 -38.30 -28.58
C VAL I 84 -29.92 -38.10 -27.12
N TYR I 85 -29.70 -36.85 -26.71
CA TYR I 85 -29.22 -36.55 -25.37
C TYR I 85 -30.33 -36.17 -24.41
N SER I 86 -31.59 -36.29 -24.82
CA SER I 86 -32.71 -35.98 -23.94
C SER I 86 -33.08 -37.14 -23.02
N ASN I 87 -32.43 -38.30 -23.16
CA ASN I 87 -32.74 -39.43 -22.31
C ASN I 87 -32.39 -39.16 -20.86
N SER I 88 -31.26 -38.51 -20.62
CA SER I 88 -30.87 -38.09 -19.29
C SER I 88 -30.73 -36.57 -19.25
N PRO I 89 -31.29 -35.89 -18.25
CA PRO I 89 -31.17 -34.43 -18.19
C PRO I 89 -29.74 -33.93 -18.04
N LEU I 90 -28.83 -34.77 -17.53
CA LEU I 90 -27.43 -34.36 -17.41
C LEU I 90 -26.78 -34.21 -18.78
N LEU I 91 -27.14 -35.07 -19.73
CA LEU I 91 -26.57 -34.99 -21.07
C LEU I 91 -27.16 -33.86 -21.89
N GLN I 92 -28.19 -33.19 -21.40
CA GLN I 92 -28.75 -32.04 -22.11
C GLN I 92 -27.77 -30.88 -22.10
N ALA I 93 -27.90 -30.01 -23.09
CA ALA I 93 -26.98 -28.89 -23.24
C ALA I 93 -27.15 -27.91 -22.09
N PRO I 94 -26.07 -27.55 -21.40
CA PRO I 94 -26.20 -26.61 -20.28
C PRO I 94 -26.61 -25.23 -20.77
N SER I 95 -27.34 -24.52 -19.90
CA SER I 95 -27.73 -23.15 -20.22
C SER I 95 -26.59 -22.15 -20.07
N GLY I 96 -25.46 -22.56 -19.51
CA GLY I 96 -24.32 -21.67 -19.36
C GLY I 96 -23.00 -22.39 -19.49
N VAL I 97 -22.15 -21.89 -20.37
CA VAL I 97 -20.81 -22.42 -20.59
C VAL I 97 -19.82 -21.28 -20.46
N LEU I 98 -18.76 -21.48 -19.69
CA LEU I 98 -17.80 -20.43 -19.40
C LEU I 98 -16.40 -20.89 -19.80
N LEU I 99 -15.94 -20.43 -20.96
CA LEU I 99 -14.57 -20.70 -21.41
C LEU I 99 -13.64 -19.67 -20.77
N TYR I 100 -13.33 -19.90 -19.51
CA TYR I 100 -12.44 -19.01 -18.76
C TYR I 100 -11.03 -19.57 -18.77
N GLY I 101 -10.07 -18.69 -18.51
CA GLY I 101 -8.69 -19.08 -18.42
C GLY I 101 -7.73 -17.92 -18.55
N PRO I 102 -6.43 -18.20 -18.44
CA PRO I 102 -5.41 -17.15 -18.59
C PRO I 102 -5.43 -16.56 -19.99
N PRO I 103 -4.93 -15.34 -20.15
CA PRO I 103 -5.04 -14.66 -21.45
C PRO I 103 -4.27 -15.37 -22.56
N GLY I 104 -4.83 -15.35 -23.76
CA GLY I 104 -4.16 -15.86 -24.94
C GLY I 104 -4.07 -17.36 -25.03
N CYS I 105 -4.99 -18.09 -24.42
CA CYS I 105 -4.94 -19.55 -24.43
C CYS I 105 -5.92 -20.19 -25.40
N GLY I 106 -6.72 -19.41 -26.11
CA GLY I 106 -7.59 -19.94 -27.13
C GLY I 106 -9.07 -19.91 -26.83
N LYS I 107 -9.51 -19.11 -25.87
CA LYS I 107 -10.93 -19.11 -25.50
C LYS I 107 -11.78 -18.51 -26.60
N THR I 108 -11.41 -17.34 -27.12
CA THR I 108 -12.19 -16.76 -28.19
C THR I 108 -11.94 -17.45 -29.52
N MET I 109 -10.85 -18.19 -29.65
CA MET I 109 -10.68 -19.02 -30.84
C MET I 109 -11.69 -20.16 -30.72
N LEU I 110 -11.81 -20.75 -29.55
CA LEU I 110 -12.84 -21.76 -29.32
C LEU I 110 -14.21 -21.19 -29.65
N ALA I 111 -14.44 -19.92 -29.31
CA ALA I 111 -15.69 -19.26 -29.68
C ALA I 111 -15.83 -19.12 -31.20
N LYS I 112 -14.73 -18.79 -31.89
CA LYS I 112 -14.77 -18.68 -33.34
C LYS I 112 -15.08 -20.02 -34.00
N ALA I 113 -14.45 -21.08 -33.49
CA ALA I 113 -14.72 -22.41 -34.03
C ALA I 113 -16.15 -22.85 -33.72
N LEU I 114 -16.68 -22.46 -32.55
CA LEU I 114 -18.08 -22.71 -32.26
C LEU I 114 -18.99 -21.90 -33.18
N ALA I 115 -18.53 -20.73 -33.62
CA ALA I 115 -19.33 -19.93 -34.54
C ALA I 115 -19.36 -20.56 -35.93
N LYS I 116 -18.23 -21.09 -36.38
CA LYS I 116 -18.12 -21.55 -37.76
C LYS I 116 -18.56 -22.99 -37.96
N GLU I 117 -18.16 -23.90 -37.06
CA GLU I 117 -18.31 -25.33 -37.33
C GLU I 117 -19.57 -25.93 -36.71
N SER I 118 -20.16 -25.25 -35.71
CA SER I 118 -21.34 -25.79 -35.05
C SER I 118 -22.53 -25.90 -35.99
N GLY I 119 -22.77 -24.88 -36.79
CA GLY I 119 -24.03 -24.71 -37.47
C GLY I 119 -25.08 -24.00 -36.65
N ALA I 120 -24.84 -23.79 -35.35
CA ALA I 120 -25.78 -23.08 -34.52
C ALA I 120 -25.69 -21.58 -34.80
N ASN I 121 -26.83 -20.91 -34.69
CA ASN I 121 -26.90 -19.48 -34.92
C ASN I 121 -26.18 -18.74 -33.79
N PHE I 122 -24.99 -18.23 -34.11
CA PHE I 122 -24.10 -17.63 -33.12
C PHE I 122 -24.41 -16.15 -32.96
N ILE I 123 -24.70 -15.73 -31.73
CA ILE I 123 -24.90 -14.32 -31.43
C ILE I 123 -23.73 -13.84 -30.59
N SER I 124 -22.73 -13.26 -31.26
CA SER I 124 -21.57 -12.70 -30.57
C SER I 124 -21.85 -11.24 -30.30
N ILE I 125 -22.44 -10.97 -29.16
CA ILE I 125 -22.84 -9.60 -28.83
C ILE I 125 -21.70 -8.90 -28.11
N ARG I 126 -21.68 -7.57 -28.25
CA ARG I 126 -20.79 -6.71 -27.52
C ARG I 126 -21.62 -5.78 -26.66
N MET I 127 -21.00 -5.26 -25.60
CA MET I 127 -21.74 -4.43 -24.66
C MET I 127 -22.03 -3.05 -25.22
N SER I 128 -21.39 -2.66 -26.32
CA SER I 128 -21.72 -1.39 -26.95
C SER I 128 -23.11 -1.41 -27.55
N SER I 129 -23.56 -2.58 -28.00
CA SER I 129 -24.90 -2.69 -28.60
C SER I 129 -25.99 -2.90 -27.56
N ILE I 130 -25.64 -3.16 -26.30
CA ILE I 130 -26.65 -3.39 -25.27
C ILE I 130 -26.93 -2.12 -24.47
N MET I 131 -25.88 -1.43 -24.01
CA MET I 131 -26.07 -0.19 -23.28
C MET I 131 -26.63 0.90 -24.19
N ASP I 132 -27.47 1.76 -23.63
CA ASP I 132 -28.05 2.85 -24.38
C ASP I 132 -28.28 4.03 -23.45
N LYS I 133 -28.11 5.23 -23.99
CA LYS I 133 -28.29 6.44 -23.19
C LYS I 133 -29.77 6.66 -22.85
N TRP I 134 -30.66 6.37 -23.80
CA TRP I 134 -32.08 6.54 -23.55
C TRP I 134 -32.57 5.55 -22.51
N TYR I 135 -33.47 6.01 -21.65
CA TYR I 135 -33.96 5.18 -20.55
C TYR I 135 -34.89 4.09 -21.07
N GLY I 136 -34.66 2.86 -20.63
CA GLY I 136 -35.51 1.74 -20.98
C GLY I 136 -35.17 1.05 -22.28
N GLU I 137 -34.30 1.65 -23.10
CA GLU I 137 -33.95 1.04 -24.38
C GLU I 137 -33.08 -0.20 -24.20
N SER I 138 -32.20 -0.18 -23.20
CA SER I 138 -31.31 -1.32 -22.98
C SER I 138 -32.07 -2.56 -22.54
N ASN I 139 -33.11 -2.39 -21.72
CA ASN I 139 -33.94 -3.52 -21.32
C ASN I 139 -34.64 -4.13 -22.52
N LYS I 140 -35.15 -3.29 -23.42
CA LYS I 140 -35.76 -3.80 -24.64
C LYS I 140 -34.72 -4.49 -25.52
N ILE I 141 -33.48 -3.99 -25.52
CA ILE I 141 -32.41 -4.62 -26.30
C ILE I 141 -32.14 -6.03 -25.79
N VAL I 142 -32.02 -6.17 -24.46
CA VAL I 142 -31.75 -7.48 -23.87
C VAL I 142 -32.92 -8.43 -24.08
N ASP I 143 -34.16 -7.93 -23.91
CA ASP I 143 -35.34 -8.74 -24.15
C ASP I 143 -35.41 -9.21 -25.60
N ALA I 144 -35.07 -8.33 -26.54
CA ALA I 144 -35.06 -8.71 -27.95
C ALA I 144 -33.95 -9.70 -28.25
N MET I 145 -32.82 -9.57 -27.55
CA MET I 145 -31.75 -10.56 -27.68
C MET I 145 -32.25 -11.95 -27.32
N PHE I 146 -32.91 -12.07 -26.16
CA PHE I 146 -33.39 -13.39 -25.74
C PHE I 146 -34.56 -13.86 -26.60
N SER I 147 -35.39 -12.94 -27.08
CA SER I 147 -36.47 -13.33 -27.98
C SER I 147 -35.93 -13.85 -29.30
N LEU I 148 -34.89 -13.21 -29.84
CA LEU I 148 -34.27 -13.69 -31.07
C LEU I 148 -33.57 -15.03 -30.86
N ALA I 149 -32.96 -15.21 -29.68
CA ALA I 149 -32.40 -16.51 -29.35
C ALA I 149 -33.48 -17.58 -29.31
N ASN I 150 -34.66 -17.24 -28.78
CA ASN I 150 -35.79 -18.15 -28.82
C ASN I 150 -36.21 -18.44 -30.25
N LYS I 151 -36.26 -17.40 -31.09
CA LYS I 151 -36.79 -17.56 -32.45
C LYS I 151 -35.84 -18.36 -33.32
N LEU I 152 -34.54 -18.04 -33.27
CA LEU I 152 -33.52 -18.85 -33.92
C LEU I 152 -33.27 -20.05 -33.01
N GLN I 153 -33.96 -21.16 -33.29
CA GLN I 153 -34.08 -22.24 -32.30
C GLN I 153 -32.74 -22.84 -31.89
N PRO I 154 -31.81 -23.21 -32.80
CA PRO I 154 -30.46 -23.48 -32.33
C PRO I 154 -29.68 -22.19 -32.21
N CYS I 155 -29.46 -21.73 -30.99
CA CYS I 155 -28.78 -20.47 -30.78
C CYS I 155 -27.80 -20.44 -29.63
N ILE I 156 -26.69 -19.76 -29.83
CA ILE I 156 -25.67 -19.62 -28.80
C ILE I 156 -25.45 -18.13 -28.58
N ILE I 157 -25.79 -17.63 -27.41
CA ILE I 157 -25.56 -16.24 -27.05
C ILE I 157 -24.15 -16.17 -26.48
N PHE I 158 -23.19 -15.76 -27.30
CA PHE I 158 -21.81 -15.64 -26.86
C PHE I 158 -21.55 -14.20 -26.44
N ILE I 159 -21.21 -14.01 -25.19
CA ILE I 159 -20.90 -12.69 -24.64
C ILE I 159 -19.41 -12.72 -24.31
N ASP I 160 -18.61 -12.19 -25.22
CA ASP I 160 -17.18 -12.06 -24.97
C ASP I 160 -16.95 -11.10 -23.82
N GLN I 161 -16.04 -11.49 -22.93
CA GLN I 161 -15.78 -10.77 -21.68
C GLN I 161 -17.07 -10.61 -20.88
N ILE I 162 -17.63 -11.76 -20.48
CA ILE I 162 -18.86 -11.73 -19.69
C ILE I 162 -18.60 -11.27 -18.26
N ASP I 163 -17.33 -11.20 -17.85
CA ASP I 163 -17.01 -10.76 -16.49
C ASP I 163 -17.41 -9.31 -16.26
N SER I 164 -17.22 -8.45 -17.26
CA SER I 164 -17.60 -7.05 -17.12
C SER I 164 -19.11 -6.88 -17.11
N PHE I 165 -19.81 -7.62 -17.98
CA PHE I 165 -21.27 -7.61 -17.93
C PHE I 165 -21.77 -8.13 -16.60
N LEU I 166 -21.21 -9.23 -16.13
CA LEU I 166 -21.74 -9.95 -14.98
C LEU I 166 -20.98 -9.63 -13.71
N ARG I 167 -20.50 -8.39 -13.57
CA ARG I 167 -19.73 -8.00 -12.41
C ARG I 167 -20.64 -7.89 -11.19
N GLU I 168 -20.02 -7.89 -10.00
CA GLU I 168 -20.77 -7.86 -8.76
C GLU I 168 -21.57 -6.58 -8.64
N ARG I 169 -22.84 -6.72 -8.23
CA ARG I 169 -23.75 -5.58 -8.17
C ARG I 169 -23.46 -4.74 -6.93
N SER I 170 -23.30 -3.44 -7.14
CA SER I 170 -23.04 -2.50 -6.06
C SER I 170 -23.89 -1.27 -6.25
N SER I 171 -24.10 -0.52 -5.16
CA SER I 171 -24.88 0.71 -5.25
C SER I 171 -24.16 1.78 -6.05
N THR I 172 -22.84 1.66 -6.21
CA THR I 172 -22.12 2.58 -7.09
C THR I 172 -22.47 2.39 -8.55
N ASP I 173 -22.99 1.22 -8.92
CA ASP I 173 -23.39 0.96 -10.29
C ASP I 173 -24.67 1.71 -10.63
N HIS I 174 -24.85 1.98 -11.92
CA HIS I 174 -25.99 2.76 -12.38
C HIS I 174 -27.29 1.98 -12.22
N GLU I 175 -28.40 2.73 -12.11
CA GLU I 175 -29.71 2.11 -11.99
C GLU I 175 -30.08 1.32 -13.24
N VAL I 176 -29.72 1.87 -14.42
CA VAL I 176 -29.95 1.15 -15.67
C VAL I 176 -29.16 -0.14 -15.70
N THR I 177 -27.92 -0.11 -15.20
CA THR I 177 -27.12 -1.33 -15.11
C THR I 177 -27.75 -2.36 -14.20
N ALA I 178 -28.27 -1.92 -13.05
CA ALA I 178 -28.90 -2.83 -12.10
C ALA I 178 -30.14 -3.47 -12.70
N THR I 179 -30.99 -2.68 -13.35
CA THR I 179 -32.20 -3.26 -13.94
C THR I 179 -31.87 -4.11 -15.16
N LEU I 180 -30.76 -3.80 -15.86
CA LEU I 180 -30.33 -4.66 -16.96
C LEU I 180 -29.89 -6.01 -16.45
N LYS I 181 -29.11 -6.03 -15.37
CA LYS I 181 -28.69 -7.31 -14.79
C LYS I 181 -29.88 -8.09 -14.24
N ALA I 182 -30.85 -7.39 -13.66
CA ALA I 182 -32.05 -8.06 -13.17
C ALA I 182 -32.85 -8.68 -14.33
N GLU I 183 -32.96 -7.95 -15.43
CA GLU I 183 -33.67 -8.46 -16.60
C GLU I 183 -32.94 -9.66 -17.16
N PHE I 184 -31.62 -9.59 -17.21
CA PHE I 184 -30.82 -10.70 -17.74
C PHE I 184 -30.95 -11.94 -16.86
N MET I 185 -30.98 -11.76 -15.54
CA MET I 185 -31.23 -12.90 -14.65
C MET I 185 -32.63 -13.47 -14.85
N THR I 186 -33.62 -12.60 -15.05
CA THR I 186 -34.99 -13.07 -15.28
C THR I 186 -35.08 -13.88 -16.56
N LEU I 187 -34.45 -13.40 -17.63
CA LEU I 187 -34.55 -14.09 -18.92
C LEU I 187 -33.69 -15.35 -18.94
N TRP I 188 -32.53 -15.31 -18.28
CA TRP I 188 -31.65 -16.48 -18.25
C TRP I 188 -32.28 -17.63 -17.49
N ASP I 189 -32.90 -17.34 -16.34
CA ASP I 189 -33.64 -18.36 -15.63
C ASP I 189 -34.87 -18.76 -16.42
N GLY I 190 -35.15 -20.06 -16.47
CA GLY I 190 -36.18 -20.59 -17.33
C GLY I 190 -35.70 -20.98 -18.71
N LEU I 191 -34.44 -20.73 -19.05
CA LEU I 191 -33.90 -21.18 -20.34
C LEU I 191 -33.70 -22.68 -20.36
N LEU I 192 -33.53 -23.30 -19.20
CA LEU I 192 -33.36 -24.75 -19.14
C LEU I 192 -34.65 -25.44 -19.51
N ASN I 193 -34.56 -26.40 -20.43
CA ASN I 193 -35.64 -27.23 -20.97
C ASN I 193 -36.64 -26.45 -21.81
N ASN I 194 -36.51 -25.13 -21.92
CA ASN I 194 -37.37 -24.30 -22.76
C ASN I 194 -36.54 -23.85 -23.95
N GLY I 195 -36.69 -24.54 -25.07
CA GLY I 195 -35.90 -24.26 -26.25
C GLY I 195 -34.46 -24.74 -26.07
N ARG I 196 -33.65 -24.44 -27.08
CA ARG I 196 -32.23 -24.81 -27.08
C ARG I 196 -31.42 -23.53 -27.21
N VAL I 197 -31.17 -22.88 -26.10
CA VAL I 197 -30.40 -21.64 -26.06
C VAL I 197 -29.39 -21.76 -24.93
N MET I 198 -28.14 -21.44 -25.23
CA MET I 198 -27.07 -21.57 -24.26
C MET I 198 -26.17 -20.35 -24.34
N ILE I 199 -25.87 -19.77 -23.18
CA ILE I 199 -25.06 -18.57 -23.11
C ILE I 199 -23.61 -18.98 -22.86
N ILE I 200 -22.73 -18.58 -23.76
CA ILE I 200 -21.32 -18.93 -23.68
C ILE I 200 -20.53 -17.68 -23.34
N GLY I 201 -19.75 -17.75 -22.26
CA GLY I 201 -18.93 -16.63 -21.86
C GLY I 201 -17.45 -16.94 -21.96
N ALA I 202 -16.61 -15.91 -22.03
CA ALA I 202 -15.17 -16.09 -22.14
C ALA I 202 -14.50 -14.96 -21.36
N THR I 203 -13.94 -15.27 -20.20
CA THR I 203 -13.35 -14.27 -19.32
C THR I 203 -11.91 -14.63 -19.00
N ASN I 204 -11.07 -13.60 -18.86
CA ASN I 204 -9.75 -13.81 -18.28
C ASN I 204 -9.84 -14.01 -16.78
N ARG I 205 -10.69 -13.21 -16.12
CA ARG I 205 -10.82 -13.24 -14.67
C ARG I 205 -12.20 -13.77 -14.33
N ILE I 206 -12.25 -15.02 -13.88
CA ILE I 206 -13.52 -15.62 -13.49
C ILE I 206 -14.05 -14.97 -12.20
N ASN I 207 -13.15 -14.48 -11.35
CA ASN I 207 -13.57 -13.96 -10.04
C ASN I 207 -14.38 -12.68 -10.17
N ASP I 208 -14.23 -11.96 -11.27
CA ASP I 208 -14.98 -10.72 -11.46
C ASP I 208 -16.46 -10.97 -11.69
N ILE I 209 -16.86 -12.20 -11.98
CA ILE I 209 -18.26 -12.51 -12.27
C ILE I 209 -19.03 -12.57 -10.96
N ASP I 210 -20.21 -11.94 -10.97
CA ASP I 210 -21.11 -12.01 -9.82
C ASP I 210 -21.56 -13.44 -9.59
N ASP I 211 -21.57 -13.85 -8.32
CA ASP I 211 -21.82 -15.24 -7.96
C ASP I 211 -23.21 -15.69 -8.38
N ALA I 212 -24.20 -14.82 -8.23
CA ALA I 212 -25.56 -15.15 -8.67
C ALA I 212 -25.60 -15.37 -10.18
N PHE I 213 -24.87 -14.56 -10.95
CA PHE I 213 -24.78 -14.82 -12.37
C PHE I 213 -23.83 -15.97 -12.67
N LEU I 214 -22.83 -16.19 -11.81
CA LEU I 214 -21.85 -17.25 -12.04
C LEU I 214 -22.49 -18.63 -11.94
N ARG I 215 -23.42 -18.80 -11.00
CA ARG I 215 -24.07 -20.09 -10.83
C ARG I 215 -25.01 -20.42 -11.98
N ARG I 216 -25.33 -19.45 -12.84
CA ARG I 216 -26.10 -19.73 -14.05
C ARG I 216 -25.27 -20.40 -15.13
N LEU I 217 -23.96 -20.49 -14.95
CA LEU I 217 -23.06 -21.17 -15.89
C LEU I 217 -22.53 -22.42 -15.20
N PRO I 218 -23.21 -23.57 -15.34
CA PRO I 218 -22.75 -24.78 -14.66
C PRO I 218 -21.49 -25.36 -15.28
N LYS I 219 -21.46 -25.45 -16.61
CA LYS I 219 -20.33 -26.06 -17.30
C LYS I 219 -19.22 -25.02 -17.48
N ARG I 220 -18.02 -25.36 -17.03
CA ARG I 220 -16.88 -24.46 -17.10
C ARG I 220 -15.73 -25.18 -17.79
N PHE I 221 -15.09 -24.50 -18.74
CA PHE I 221 -13.95 -25.04 -19.47
C PHE I 221 -12.73 -24.20 -19.14
N LEU I 222 -11.79 -24.78 -18.42
CA LEU I 222 -10.55 -24.10 -18.06
C LEU I 222 -9.56 -24.25 -19.20
N VAL I 223 -9.33 -23.18 -19.94
CA VAL I 223 -8.33 -23.14 -21.00
C VAL I 223 -7.09 -22.54 -20.36
N SER I 224 -6.26 -23.40 -19.78
CA SER I 224 -5.11 -22.96 -19.01
C SER I 224 -3.92 -22.71 -19.93
N LEU I 225 -2.80 -22.31 -19.32
CA LEU I 225 -1.57 -22.12 -20.07
C LEU I 225 -1.09 -23.46 -20.63
N PRO I 226 -0.73 -23.53 -21.91
CA PRO I 226 -0.47 -24.83 -22.53
C PRO I 226 0.76 -25.50 -21.95
N GLY I 227 0.72 -26.83 -21.90
CA GLY I 227 1.86 -27.61 -21.51
C GLY I 227 2.85 -27.75 -22.65
N SER I 228 3.96 -28.43 -22.35
CA SER I 228 5.01 -28.59 -23.36
C SER I 228 4.50 -29.36 -24.56
N ASP I 229 3.75 -30.44 -24.33
CA ASP I 229 3.14 -31.16 -25.43
C ASP I 229 2.08 -30.32 -26.13
N GLN I 230 1.27 -29.58 -25.35
CA GLN I 230 0.27 -28.70 -25.93
C GLN I 230 0.91 -27.58 -26.71
N ARG I 231 2.02 -27.03 -26.20
CA ARG I 231 2.72 -25.98 -26.94
C ARG I 231 3.36 -26.52 -28.21
N TYR I 232 3.82 -27.78 -28.17
CA TYR I 232 4.32 -28.41 -29.39
C TYR I 232 3.22 -28.55 -30.42
N LYS I 233 2.03 -28.96 -29.99
CA LYS I 233 0.90 -29.05 -30.92
C LYS I 233 0.50 -27.67 -31.45
N ILE I 234 0.54 -26.65 -30.59
CA ILE I 234 0.20 -25.29 -31.03
C ILE I 234 1.20 -24.79 -32.05
N LEU I 235 2.50 -25.04 -31.81
CA LEU I 235 3.52 -24.65 -32.76
C LEU I 235 3.37 -25.40 -34.08
N SER I 236 2.98 -26.67 -34.01
CA SER I 236 2.74 -27.43 -35.23
C SER I 236 1.56 -26.86 -36.02
N VAL I 237 0.51 -26.46 -35.32
CA VAL I 237 -0.68 -25.93 -36.00
C VAL I 237 -0.38 -24.56 -36.60
N LEU I 238 0.29 -23.69 -35.83
CA LEU I 238 0.58 -22.34 -36.30
C LEU I 238 1.52 -22.36 -37.50
N LEU I 239 2.52 -23.24 -37.48
CA LEU I 239 3.49 -23.34 -38.56
C LEU I 239 3.02 -24.24 -39.70
N LYS I 240 1.72 -24.50 -39.81
CA LYS I 240 1.19 -25.24 -40.95
C LYS I 240 1.28 -24.37 -42.20
N ASP I 241 1.22 -25.04 -43.36
CA ASP I 241 1.44 -24.47 -44.70
C ASP I 241 2.64 -23.52 -44.74
N THR I 242 3.68 -23.84 -43.98
CA THR I 242 4.90 -23.04 -43.92
C THR I 242 6.07 -23.99 -44.09
N LYS I 243 7.00 -23.63 -44.99
CA LYS I 243 8.14 -24.50 -45.27
C LYS I 243 9.08 -24.55 -44.07
N LEU I 244 9.49 -25.76 -43.70
CA LEU I 244 10.35 -25.98 -42.55
C LEU I 244 11.53 -26.85 -42.95
N ASP I 245 12.65 -26.67 -42.23
CA ASP I 245 13.84 -27.45 -42.50
C ASP I 245 13.65 -28.90 -42.06
N GLU I 246 14.21 -29.83 -42.84
CA GLU I 246 14.02 -31.24 -42.57
C GLU I 246 14.89 -31.74 -41.42
N ASP I 247 16.06 -31.14 -41.20
CA ASP I 247 16.97 -31.60 -40.17
C ASP I 247 17.30 -30.53 -39.14
N GLU I 248 17.58 -29.31 -39.59
CA GLU I 248 17.96 -28.23 -38.67
C GLU I 248 16.78 -27.70 -37.87
N PHE I 249 15.56 -28.06 -38.26
CA PHE I 249 14.36 -27.60 -37.58
C PHE I 249 13.77 -28.72 -36.74
N ASP I 250 13.77 -28.54 -35.42
CA ASP I 250 13.11 -29.45 -34.50
C ASP I 250 12.15 -28.64 -33.63
N LEU I 251 10.87 -29.03 -33.65
CA LEU I 251 9.85 -28.25 -32.97
C LEU I 251 9.86 -28.47 -31.47
N GLN I 252 10.30 -29.64 -31.00
CA GLN I 252 10.26 -29.93 -29.58
C GLN I 252 11.22 -29.04 -28.79
N LEU I 253 12.33 -28.64 -29.41
CA LEU I 253 13.23 -27.69 -28.75
C LEU I 253 12.54 -26.35 -28.51
N ILE I 254 11.80 -25.88 -29.51
CA ILE I 254 11.04 -24.64 -29.35
C ILE I 254 9.96 -24.81 -28.28
N ALA I 255 9.29 -25.96 -28.27
CA ALA I 255 8.24 -26.20 -27.30
C ALA I 255 8.77 -26.23 -25.87
N ASP I 256 9.92 -26.89 -25.67
CA ASP I 256 10.51 -26.94 -24.34
C ASP I 256 11.13 -25.60 -23.94
N ASN I 257 11.55 -24.80 -24.92
CA ASN I 257 12.17 -23.52 -24.63
C ASN I 257 11.16 -22.39 -24.44
N THR I 258 9.89 -22.62 -24.76
CA THR I 258 8.85 -21.60 -24.59
C THR I 258 8.11 -21.83 -23.28
N LYS I 259 8.83 -21.60 -22.18
CA LYS I 259 8.24 -21.80 -20.86
C LYS I 259 7.22 -20.71 -20.57
N GLY I 260 6.02 -21.12 -20.16
CA GLY I 260 4.98 -20.18 -19.81
C GLY I 260 4.41 -19.39 -20.97
N PHE I 261 4.64 -19.81 -22.20
CA PHE I 261 4.17 -19.10 -23.37
C PHE I 261 2.71 -19.44 -23.64
N SER I 262 1.89 -18.42 -23.78
CA SER I 262 0.51 -18.62 -24.17
C SER I 262 0.44 -18.85 -25.68
N GLY I 263 -0.77 -19.08 -26.19
CA GLY I 263 -0.93 -19.26 -27.62
C GLY I 263 -0.65 -17.99 -28.41
N SER I 264 -1.07 -16.85 -27.88
CA SER I 264 -0.78 -15.58 -28.54
C SER I 264 0.71 -15.29 -28.56
N ASP I 265 1.40 -15.58 -27.45
CA ASP I 265 2.85 -15.38 -27.41
C ASP I 265 3.55 -16.31 -28.38
N LEU I 266 3.08 -17.55 -28.51
CA LEU I 266 3.64 -18.46 -29.50
C LEU I 266 3.40 -17.97 -30.91
N LYS I 267 2.20 -17.41 -31.17
CA LYS I 267 1.93 -16.84 -32.49
C LYS I 267 2.86 -15.67 -32.79
N GLU I 268 3.10 -14.82 -31.80
CA GLU I 268 4.02 -13.70 -31.99
C GLU I 268 5.44 -14.18 -32.23
N LEU I 269 5.86 -15.20 -31.49
CA LEU I 269 7.21 -15.75 -31.68
C LEU I 269 7.35 -16.35 -33.08
N CYS I 270 6.36 -17.09 -33.54
CA CYS I 270 6.40 -17.65 -34.90
C CYS I 270 6.40 -16.54 -35.94
N ARG I 271 5.62 -15.49 -35.72
CA ARG I 271 5.57 -14.38 -36.66
C ARG I 271 6.92 -13.67 -36.77
N GLU I 272 7.54 -13.37 -35.62
CA GLU I 272 8.82 -12.67 -35.67
C GLU I 272 9.93 -13.57 -36.18
N ALA I 273 9.87 -14.87 -35.89
CA ALA I 273 10.86 -15.80 -36.43
C ALA I 273 10.74 -15.93 -37.94
N ALA I 274 9.50 -16.00 -38.45
CA ALA I 274 9.29 -16.07 -39.89
C ALA I 274 9.73 -14.79 -40.57
N LEU I 275 9.45 -13.63 -39.96
CA LEU I 275 9.91 -12.38 -40.52
C LEU I 275 11.44 -12.29 -40.54
N ASP I 276 12.09 -12.74 -39.45
CA ASP I 276 13.55 -12.71 -39.40
C ASP I 276 14.16 -13.65 -40.43
N ALA I 277 13.56 -14.83 -40.62
CA ALA I 277 14.08 -15.77 -41.59
C ALA I 277 13.86 -15.29 -43.02
N ALA I 278 12.73 -14.63 -43.28
CA ALA I 278 12.38 -14.21 -44.63
C ALA I 278 12.79 -12.78 -44.95
N LYS I 279 13.47 -12.09 -44.04
CA LYS I 279 13.88 -10.70 -44.31
C LYS I 279 14.81 -10.60 -45.52
N GLU I 280 15.66 -11.61 -45.77
CA GLU I 280 16.53 -11.55 -46.94
C GLU I 280 15.73 -11.67 -48.23
N TYR I 281 14.76 -12.58 -48.26
CA TYR I 281 13.88 -12.68 -49.42
C TYR I 281 13.06 -11.42 -49.60
N ILE I 282 12.69 -10.76 -48.49
CA ILE I 282 11.95 -9.51 -48.59
C ILE I 282 12.82 -8.41 -49.19
N LYS I 283 14.08 -8.33 -48.76
CA LYS I 283 15.01 -7.37 -49.34
C LYS I 283 15.23 -7.63 -50.82
N GLN I 284 15.29 -8.91 -51.20
CA GLN I 284 15.38 -9.25 -52.62
C GLN I 284 14.13 -8.83 -53.38
N LYS I 285 12.96 -9.02 -52.77
CA LYS I 285 11.70 -8.68 -53.44
C LYS I 285 11.56 -7.17 -53.62
N ARG I 286 11.96 -6.38 -52.62
CA ARG I 286 11.84 -4.94 -52.71
C ARG I 286 12.78 -4.33 -53.75
N GLN I 287 13.85 -5.04 -54.11
CA GLN I 287 14.77 -4.55 -55.13
C GLN I 287 14.22 -4.81 -56.53
N ILE I 304 11.57 -18.30 -50.30
CA ILE I 304 11.65 -18.10 -48.86
C ILE I 304 12.59 -19.12 -48.25
N ARG I 305 13.44 -18.66 -47.34
CA ARG I 305 14.33 -19.58 -46.64
C ARG I 305 13.52 -20.50 -45.74
N PRO I 306 13.86 -21.80 -45.69
CA PRO I 306 13.17 -22.70 -44.76
C PRO I 306 13.35 -22.29 -43.32
N LEU I 307 12.30 -22.45 -42.53
CA LEU I 307 12.34 -22.05 -41.14
C LEU I 307 13.17 -23.05 -40.33
N LYS I 308 14.13 -22.51 -39.59
CA LYS I 308 15.03 -23.37 -38.82
C LYS I 308 14.96 -23.08 -37.34
N THR I 309 15.53 -23.96 -36.52
CA THR I 309 15.52 -23.80 -35.08
C THR I 309 16.34 -22.59 -34.65
N LYS I 310 17.44 -22.32 -35.36
CA LYS I 310 18.30 -21.19 -35.00
C LYS I 310 17.56 -19.86 -35.12
N ASP I 311 16.72 -19.72 -36.15
CA ASP I 311 15.98 -18.48 -36.33
C ASP I 311 14.96 -18.27 -35.22
N PHE I 312 14.37 -19.35 -34.72
CA PHE I 312 13.49 -19.23 -33.56
C PHE I 312 14.28 -18.90 -32.30
N THR I 313 15.41 -19.56 -32.10
CA THR I 313 16.12 -19.45 -30.83
C THR I 313 16.83 -18.11 -30.69
N LYS I 314 17.21 -17.48 -31.81
CA LYS I 314 17.75 -16.14 -31.71
C LYS I 314 16.66 -15.14 -31.35
N LYS I 315 15.43 -15.37 -31.81
CA LYS I 315 14.30 -14.54 -31.40
C LYS I 315 13.80 -14.93 -30.02
N LEU I 316 13.91 -16.22 -29.68
CA LEU I 316 13.47 -16.69 -28.37
C LEU I 316 14.53 -16.40 -27.31
N ARG I 317 14.10 -16.46 -26.05
CA ARG I 317 14.98 -16.32 -24.91
C ARG I 317 15.03 -17.63 -24.14
N MET I 318 16.24 -18.09 -23.84
CA MET I 318 16.42 -19.32 -23.07
C MET I 318 16.79 -19.01 -21.63
#